data_5XXN
#
_entry.id   5XXN
#
_cell.length_a   81.977
_cell.length_b   167.909
_cell.length_c   225.061
_cell.angle_alpha   90.00
_cell.angle_beta   90.00
_cell.angle_gamma   90.00
#
_symmetry.space_group_name_H-M   'C 2 2 21'
#
loop_
_entity.id
_entity.type
_entity.pdbx_description
1 polymer 'Periplasmic beta-glucosidase'
2 branched beta-D-glucopyranose-(1-2)-beta-D-glucopyranose
3 non-polymer 'MAGNESIUM ION'
4 non-polymer alpha-D-glucopyranose
5 non-polymer DI(HYDROXYETHYL)ETHER
6 non-polymer 'TETRAETHYLENE GLYCOL'
7 water water
#
_entity_poly.entity_id   1
_entity_poly.type   'polypeptide(L)'
_entity_poly.pdbx_seq_one_letter_code
;MAAQKSPQDMDRFIDALMKKMTVEEKIGQLNLPVTGEITTGQAKSSDIAAKIKRGEVGGLFNLKGVEKIRDVQKQAVEQS
RLGIPLLFGMDVIHGYETMFPIPLGLSCTWDMTAIEESARIAAIEASADGISWTFSPMVDISRDPRWGRVSEGSGEDPFL
GAMIAEAMVLGYQGKDMQRNDEIMACVKHFALYGAGEGGRDYNTVDMSRQRMFNEYMLPYEAAVEAGVGSVMASFNEVDG
VPATANKWLMTDVLRGQWGFNGFVVTNYTGISEMIDHGIGDLQTVSARAINAGVDMDMVSEGFVSTLKKSIQEGKVSMET
LNTACRRILEAKYKLGLFDNPYKYCDLKRPARDIFTKAHRDAARRIAAESFVLLKNDNVTLRPGTPAEPLLPFNPKGNIA
VIGPLADSRTNMPGTWSVAAVLDRCPSLVEGLKEMTAGKANILYAKGSNLISDASYEERATMFGRSLNRDNRTDEQLLNE
ALTVANQSDIIIAALGESSEMSGESSSRTDLNIPDVQQNLLKELLKTGKPVVLVLFTGRPLTLTWEQEHVPAILNVWFGG
SEAAYAIGDALFGYVNPGGKLTMSFPKNVGQIPLYYAHKNTGRPLAQGKWFEKFRSNYLDVDNEPLYPFGYGLSYTTFSY
GDIDLSRSTIDMTGELTAAVMVTNTGTWPGSEVVQLYIRDLVGSTTRPVKELKGFQKIFLEPGQSEIVRFKIAPEMLRYY
NYDLQLVAEPGEFEVMIGTNSRDVKSARFTLKLEHHHHHH
;
_entity_poly.pdbx_strand_id   A,B
#
loop_
_chem_comp.id
_chem_comp.type
_chem_comp.name
_chem_comp.formula
BGC D-saccharide, beta linking beta-D-glucopyranose 'C6 H12 O6'
GLC D-saccharide, alpha linking alpha-D-glucopyranose 'C6 H12 O6'
MG non-polymer 'MAGNESIUM ION' 'Mg 2'
PEG non-polymer DI(HYDROXYETHYL)ETHER 'C4 H10 O3'
PG4 non-polymer 'TETRAETHYLENE GLYCOL' 'C8 H18 O5'
#
# COMPACT_ATOMS: atom_id res chain seq x y z
N ASP A 9 -18.09 -27.41 -40.67
CA ASP A 9 -17.86 -26.07 -40.02
C ASP A 9 -18.39 -25.99 -38.60
N MET A 10 -17.59 -25.34 -37.75
CA MET A 10 -17.96 -25.12 -36.37
C MET A 10 -19.24 -24.28 -36.26
N ASP A 11 -19.32 -23.21 -37.05
CA ASP A 11 -20.49 -22.32 -36.96
C ASP A 11 -21.78 -23.07 -37.31
N ARG A 12 -21.77 -23.81 -38.41
CA ARG A 12 -22.91 -24.67 -38.79
C ARG A 12 -23.34 -25.65 -37.69
N PHE A 13 -22.37 -26.42 -37.21
CA PHE A 13 -22.63 -27.40 -36.18
C PHE A 13 -23.25 -26.76 -34.95
N ILE A 14 -22.69 -25.65 -34.51
CA ILE A 14 -23.18 -25.00 -33.30
C ILE A 14 -24.55 -24.34 -33.52
N ASP A 15 -24.77 -23.73 -34.69
CA ASP A 15 -26.11 -23.23 -35.05
C ASP A 15 -27.12 -24.33 -34.93
N ALA A 16 -26.82 -25.45 -35.60
CA ALA A 16 -27.68 -26.64 -35.62
C ALA A 16 -27.98 -27.12 -34.20
N LEU A 17 -26.93 -27.17 -33.37
CA LEU A 17 -27.08 -27.64 -32.01
C LEU A 17 -27.91 -26.68 -31.17
N MET A 18 -27.62 -25.38 -31.29
CA MET A 18 -28.36 -24.37 -30.55
C MET A 18 -29.82 -24.24 -30.99
N LYS A 19 -30.12 -24.57 -32.25
CA LYS A 19 -31.52 -24.65 -32.68
C LYS A 19 -32.36 -25.74 -31.96
N LYS A 20 -31.71 -26.74 -31.38
CA LYS A 20 -32.46 -27.79 -30.64
C LYS A 20 -32.72 -27.50 -29.18
N MET A 21 -31.95 -26.58 -28.59
N MET A 21 -31.97 -26.57 -28.60
CA MET A 21 -31.86 -26.45 -27.15
CA MET A 21 -31.92 -26.41 -27.16
C MET A 21 -32.94 -25.53 -26.60
C MET A 21 -33.03 -25.55 -26.64
N THR A 22 -33.52 -25.91 -25.47
CA THR A 22 -34.44 -25.09 -24.73
C THR A 22 -33.64 -23.97 -24.02
N VAL A 23 -34.38 -23.00 -23.47
CA VAL A 23 -33.74 -21.93 -22.71
C VAL A 23 -33.00 -22.53 -21.48
N GLU A 24 -33.60 -23.54 -20.85
CA GLU A 24 -32.96 -24.25 -19.74
C GLU A 24 -31.68 -25.01 -20.13
N GLU A 25 -31.63 -25.56 -21.34
CA GLU A 25 -30.41 -26.23 -21.85
C GLU A 25 -29.28 -25.28 -22.22
N LYS A 26 -29.60 -24.12 -22.78
CA LYS A 26 -28.59 -23.08 -23.03
C LYS A 26 -27.99 -22.56 -21.72
N ILE A 27 -28.86 -22.22 -20.77
CA ILE A 27 -28.48 -21.83 -19.41
C ILE A 27 -27.64 -22.89 -18.72
N GLY A 28 -28.01 -24.16 -18.88
CA GLY A 28 -27.26 -25.29 -18.32
C GLY A 28 -25.82 -25.43 -18.79
N GLN A 29 -25.53 -25.00 -20.02
CA GLN A 29 -24.14 -24.96 -20.49
C GLN A 29 -23.26 -23.97 -19.73
N LEU A 30 -23.90 -22.96 -19.13
CA LEU A 30 -23.19 -21.92 -18.40
C LEU A 30 -22.90 -22.31 -16.95
N ASN A 31 -23.26 -23.52 -16.54
CA ASN A 31 -23.24 -23.91 -15.13
C ASN A 31 -22.09 -24.86 -14.87
N LEU A 32 -21.33 -24.60 -13.81
CA LEU A 32 -20.10 -25.35 -13.50
C LEU A 32 -20.07 -25.74 -12.03
N PRO A 33 -20.75 -26.85 -11.68
CA PRO A 33 -20.66 -27.34 -10.30
C PRO A 33 -19.31 -27.90 -9.93
N VAL A 34 -19.09 -28.04 -8.62
CA VAL A 34 -17.86 -28.64 -8.11
C VAL A 34 -18.24 -30.03 -7.60
N THR A 35 -17.44 -31.04 -7.94
CA THR A 35 -17.61 -32.37 -7.33
C THR A 35 -16.26 -32.93 -6.89
N GLY A 36 -16.22 -34.22 -6.55
CA GLY A 36 -14.96 -34.96 -6.33
C GLY A 36 -14.72 -35.15 -4.86
N SER A 45 -21.43 -29.11 -4.18
CA SER A 45 -22.56 -29.08 -5.14
C SER A 45 -23.37 -30.37 -5.11
N SER A 46 -24.68 -30.24 -4.94
CA SER A 46 -25.59 -31.39 -4.76
C SER A 46 -26.31 -31.85 -6.05
N ASP A 47 -26.66 -33.14 -6.07
CA ASP A 47 -27.62 -33.70 -7.03
C ASP A 47 -27.10 -33.64 -8.50
N ILE A 48 -25.82 -33.98 -8.68
CA ILE A 48 -25.13 -33.78 -9.97
C ILE A 48 -25.53 -34.74 -11.08
N ALA A 49 -25.75 -36.00 -10.74
CA ALA A 49 -26.23 -36.99 -11.71
C ALA A 49 -27.56 -36.57 -12.35
N ALA A 50 -28.51 -36.13 -11.53
CA ALA A 50 -29.82 -35.72 -12.02
C ALA A 50 -29.74 -34.39 -12.81
N LYS A 51 -28.90 -33.46 -12.35
CA LYS A 51 -28.67 -32.20 -13.08
C LYS A 51 -28.07 -32.46 -14.46
N ILE A 52 -27.17 -33.44 -14.58
CA ILE A 52 -26.57 -33.78 -15.89
C ILE A 52 -27.63 -34.37 -16.84
N LYS A 53 -28.43 -35.30 -16.32
CA LYS A 53 -29.58 -35.90 -17.04
C LYS A 53 -30.50 -34.79 -17.62
N ARG A 54 -30.85 -33.82 -16.78
CA ARG A 54 -31.62 -32.63 -17.19
C ARG A 54 -30.93 -31.61 -18.12
N GLY A 55 -29.69 -31.86 -18.51
CA GLY A 55 -28.90 -30.90 -19.30
C GLY A 55 -28.50 -29.61 -18.57
N GLU A 56 -28.45 -29.64 -17.25
CA GLU A 56 -28.19 -28.45 -16.42
C GLU A 56 -26.71 -28.18 -16.10
N VAL A 57 -25.79 -28.92 -16.71
CA VAL A 57 -24.39 -28.91 -16.32
C VAL A 57 -23.56 -28.80 -17.56
N GLY A 58 -22.71 -27.79 -17.63
CA GLY A 58 -21.81 -27.60 -18.76
C GLY A 58 -20.41 -28.08 -18.52
N GLY A 59 -20.02 -28.13 -17.26
CA GLY A 59 -18.72 -28.62 -16.87
C GLY A 59 -18.74 -29.02 -15.42
N LEU A 60 -17.66 -29.68 -15.04
CA LEU A 60 -17.39 -30.02 -13.65
C LEU A 60 -15.90 -29.79 -13.40
N PHE A 61 -15.52 -29.65 -12.15
CA PHE A 61 -14.12 -29.54 -11.79
C PHE A 61 -13.87 -30.15 -10.43
N ASN A 62 -12.58 -30.36 -10.16
CA ASN A 62 -12.09 -31.02 -8.94
C ASN A 62 -12.43 -32.50 -8.81
N LEU A 63 -12.76 -33.15 -9.91
CA LEU A 63 -12.91 -34.60 -9.97
C LEU A 63 -11.61 -35.17 -10.50
N LYS A 64 -10.99 -36.06 -9.74
CA LYS A 64 -9.72 -36.70 -10.11
C LYS A 64 -9.96 -38.18 -10.38
N GLY A 65 -9.39 -38.68 -11.47
CA GLY A 65 -9.41 -40.11 -11.75
C GLY A 65 -10.13 -40.36 -13.07
N VAL A 66 -9.40 -40.85 -14.06
CA VAL A 66 -9.94 -41.07 -15.41
C VAL A 66 -11.16 -42.01 -15.46
N GLU A 67 -11.24 -42.91 -14.48
CA GLU A 67 -12.36 -43.82 -14.33
C GLU A 67 -13.63 -43.08 -13.98
N LYS A 68 -13.55 -42.27 -12.93
CA LYS A 68 -14.70 -41.49 -12.49
C LYS A 68 -15.12 -40.48 -13.57
N ILE A 69 -14.15 -39.87 -14.25
CA ILE A 69 -14.42 -38.85 -15.29
C ILE A 69 -15.17 -39.46 -16.48
N ARG A 70 -14.72 -40.64 -16.94
CA ARG A 70 -15.40 -41.38 -17.98
C ARG A 70 -16.87 -41.69 -17.60
N ASP A 71 -17.10 -42.24 -16.42
CA ASP A 71 -18.47 -42.50 -15.91
C ASP A 71 -19.43 -41.32 -16.01
N VAL A 72 -18.92 -40.15 -15.64
CA VAL A 72 -19.72 -38.95 -15.59
C VAL A 72 -19.92 -38.44 -17.02
N GLN A 73 -18.88 -38.56 -17.85
CA GLN A 73 -18.96 -38.14 -19.26
C GLN A 73 -19.99 -39.01 -19.99
N LYS A 74 -19.95 -40.33 -19.73
CA LYS A 74 -20.95 -41.28 -20.26
C LYS A 74 -22.36 -40.93 -19.87
N GLN A 75 -22.56 -40.51 -18.62
N GLN A 75 -22.57 -40.48 -18.62
CA GLN A 75 -23.83 -39.96 -18.19
CA GLN A 75 -23.90 -39.98 -18.20
C GLN A 75 -24.30 -38.81 -19.09
C GLN A 75 -24.34 -38.77 -19.03
N ALA A 76 -23.41 -37.86 -19.31
CA ALA A 76 -23.70 -36.66 -20.12
C ALA A 76 -23.97 -37.02 -21.59
N VAL A 77 -23.11 -37.86 -22.16
CA VAL A 77 -23.24 -38.26 -23.57
C VAL A 77 -24.48 -39.12 -23.83
N GLU A 78 -24.70 -40.12 -22.97
CA GLU A 78 -25.70 -41.15 -23.22
C GLU A 78 -27.06 -40.87 -22.60
N GLN A 79 -27.11 -40.11 -21.51
CA GLN A 79 -28.35 -39.95 -20.74
C GLN A 79 -28.93 -38.55 -20.63
N SER A 80 -28.27 -37.55 -21.21
CA SER A 80 -28.92 -36.26 -21.39
C SER A 80 -29.60 -36.27 -22.75
N ARG A 81 -30.67 -35.48 -22.86
CA ARG A 81 -31.45 -35.36 -24.09
C ARG A 81 -30.53 -35.10 -25.28
N LEU A 82 -29.62 -34.15 -25.14
CA LEU A 82 -28.78 -33.73 -26.26
C LEU A 82 -27.38 -34.28 -26.30
N GLY A 83 -26.95 -34.93 -25.23
CA GLY A 83 -25.66 -35.60 -25.20
C GLY A 83 -24.44 -34.68 -25.21
N ILE A 84 -24.59 -33.44 -24.75
CA ILE A 84 -23.52 -32.45 -24.83
C ILE A 84 -22.41 -32.83 -23.81
N PRO A 85 -21.20 -33.08 -24.28
CA PRO A 85 -20.15 -33.51 -23.38
C PRO A 85 -19.67 -32.41 -22.42
N LEU A 86 -19.18 -32.84 -21.27
CA LEU A 86 -18.66 -31.95 -20.24
C LEU A 86 -17.19 -31.57 -20.45
N LEU A 87 -16.84 -30.36 -20.02
CA LEU A 87 -15.46 -30.00 -19.66
C LEU A 87 -15.16 -30.57 -18.28
N PHE A 88 -13.93 -31.01 -18.05
CA PHE A 88 -13.50 -31.38 -16.68
C PHE A 88 -12.26 -30.59 -16.27
N GLY A 89 -12.45 -29.74 -15.26
CA GLY A 89 -11.42 -28.80 -14.83
C GLY A 89 -10.65 -29.24 -13.61
N MET A 90 -9.45 -28.70 -13.48
CA MET A 90 -8.65 -28.83 -12.26
C MET A 90 -7.59 -27.77 -12.22
N ASP A 91 -7.16 -27.45 -11.00
CA ASP A 91 -6.00 -26.58 -10.81
C ASP A 91 -4.71 -27.35 -11.05
N VAL A 92 -4.27 -27.35 -12.31
CA VAL A 92 -3.00 -27.92 -12.69
C VAL A 92 -2.10 -26.71 -12.85
N ILE A 93 -1.36 -26.41 -11.77
CA ILE A 93 -0.71 -25.10 -11.55
C ILE A 93 0.78 -25.19 -11.78
N HIS A 94 1.41 -26.18 -11.15
CA HIS A 94 2.81 -26.48 -11.39
C HIS A 94 3.03 -27.97 -11.32
N GLY A 95 2.11 -28.72 -11.92
CA GLY A 95 2.25 -30.16 -12.11
C GLY A 95 1.00 -30.91 -11.70
N TYR A 96 0.85 -32.10 -12.25
CA TYR A 96 -0.27 -32.97 -11.90
C TYR A 96 0.17 -33.85 -10.71
N GLU A 97 1.02 -34.86 -10.97
CA GLU A 97 1.60 -35.69 -9.90
C GLU A 97 3.09 -35.42 -9.76
N THR A 98 3.79 -35.43 -10.89
CA THR A 98 5.14 -34.91 -10.96
C THR A 98 5.05 -33.40 -10.74
N MET A 99 5.55 -32.94 -9.59
CA MET A 99 5.43 -31.54 -9.23
C MET A 99 6.70 -30.80 -9.56
N PHE A 100 6.54 -29.70 -10.29
CA PHE A 100 7.63 -28.75 -10.56
C PHE A 100 7.63 -27.73 -9.43
N PRO A 101 8.58 -26.79 -9.43
CA PRO A 101 8.52 -25.74 -8.41
C PRO A 101 7.24 -24.93 -8.46
N ILE A 102 6.86 -24.36 -7.33
CA ILE A 102 5.79 -23.39 -7.32
C ILE A 102 6.09 -22.32 -8.38
N PRO A 103 5.05 -21.74 -8.98
CA PRO A 103 5.35 -20.84 -10.10
C PRO A 103 6.32 -19.68 -9.80
N LEU A 104 6.27 -19.08 -8.60
CA LEU A 104 7.20 -17.95 -8.27
C LEU A 104 8.65 -18.42 -8.30
N GLY A 105 8.87 -19.64 -7.79
CA GLY A 105 10.17 -20.28 -7.83
C GLY A 105 10.57 -20.62 -9.25
N LEU A 106 9.67 -21.31 -9.98
CA LEU A 106 9.85 -21.61 -11.40
C LEU A 106 10.26 -20.39 -12.26
N SER A 107 9.69 -19.23 -11.93
CA SER A 107 9.99 -17.99 -12.69
C SER A 107 11.44 -17.54 -12.57
N CYS A 108 12.08 -17.90 -11.47
CA CYS A 108 13.49 -17.59 -11.27
C CYS A 108 14.45 -18.39 -12.18
N THR A 109 13.95 -19.39 -12.91
CA THR A 109 14.75 -20.03 -13.96
C THR A 109 15.06 -19.10 -15.14
N TRP A 110 14.23 -18.08 -15.36
CA TRP A 110 14.35 -17.16 -16.51
C TRP A 110 14.54 -17.95 -17.80
N ASP A 111 13.81 -19.05 -17.91
CA ASP A 111 14.00 -20.06 -18.92
C ASP A 111 12.65 -20.51 -19.46
N MET A 112 12.25 -19.89 -20.54
CA MET A 112 10.95 -20.13 -21.16
C MET A 112 10.77 -21.54 -21.72
N THR A 113 11.84 -22.14 -22.22
CA THR A 113 11.84 -23.51 -22.74
C THR A 113 11.52 -24.52 -21.65
N ALA A 114 12.21 -24.37 -20.54
CA ALA A 114 11.95 -25.16 -19.33
C ALA A 114 10.56 -24.95 -18.79
N ILE A 115 10.11 -23.70 -18.81
CA ILE A 115 8.76 -23.39 -18.34
C ILE A 115 7.71 -24.08 -19.21
N GLU A 116 7.89 -23.96 -20.52
CA GLU A 116 6.96 -24.61 -21.46
C GLU A 116 6.91 -26.13 -21.24
N GLU A 117 8.10 -26.71 -21.08
CA GLU A 117 8.28 -28.14 -20.81
C GLU A 117 7.52 -28.60 -19.57
N SER A 118 7.67 -27.85 -18.48
CA SER A 118 6.94 -28.15 -17.24
C SER A 118 5.40 -28.18 -17.46
N ALA A 119 4.92 -27.23 -18.24
CA ALA A 119 3.50 -27.17 -18.61
C ALA A 119 3.09 -28.34 -19.53
N ARG A 120 3.90 -28.64 -20.54
CA ARG A 120 3.70 -29.82 -21.42
C ARG A 120 3.54 -31.12 -20.61
N ILE A 121 4.47 -31.36 -19.68
CA ILE A 121 4.45 -32.57 -18.86
C ILE A 121 3.18 -32.65 -18.00
N ALA A 122 2.81 -31.52 -17.41
CA ALA A 122 1.60 -31.44 -16.59
C ALA A 122 0.33 -31.69 -17.38
N ALA A 123 0.28 -31.16 -18.60
CA ALA A 123 -0.81 -31.46 -19.55
C ALA A 123 -0.85 -32.94 -19.93
N ILE A 124 0.32 -33.52 -20.19
CA ILE A 124 0.40 -34.94 -20.52
C ILE A 124 -0.19 -35.81 -19.41
N GLU A 125 0.19 -35.52 -18.17
CA GLU A 125 -0.32 -36.26 -17.02
C GLU A 125 -1.79 -35.98 -16.72
N ALA A 126 -2.18 -34.70 -16.79
CA ALA A 126 -3.57 -34.33 -16.49
C ALA A 126 -4.52 -34.98 -17.51
N SER A 127 -4.16 -34.91 -18.78
CA SER A 127 -4.99 -35.44 -19.87
C SER A 127 -5.08 -36.97 -19.82
N ALA A 128 -3.97 -37.62 -19.48
CA ALA A 128 -3.95 -39.05 -19.19
C ALA A 128 -5.02 -39.44 -18.19
N ASP A 129 -5.30 -38.55 -17.24
CA ASP A 129 -6.24 -38.82 -16.17
C ASP A 129 -7.62 -38.20 -16.32
N GLY A 130 -7.98 -37.78 -17.53
CA GLY A 130 -9.35 -37.32 -17.80
C GLY A 130 -9.57 -35.82 -17.88
N ILE A 131 -8.53 -35.03 -17.59
CA ILE A 131 -8.67 -33.58 -17.40
C ILE A 131 -8.49 -32.90 -18.75
N SER A 132 -9.45 -32.02 -19.10
CA SER A 132 -9.45 -31.30 -20.39
C SER A 132 -9.22 -29.79 -20.24
N TRP A 133 -9.13 -29.30 -18.99
CA TRP A 133 -9.12 -27.88 -18.71
C TRP A 133 -8.31 -27.62 -17.44
N THR A 134 -7.26 -26.80 -17.53
CA THR A 134 -6.56 -26.36 -16.33
C THR A 134 -6.76 -24.87 -16.05
N PHE A 135 -6.96 -24.56 -14.78
CA PHE A 135 -7.13 -23.19 -14.32
C PHE A 135 -5.75 -22.59 -14.09
N SER A 136 -5.02 -22.47 -15.19
CA SER A 136 -3.63 -22.04 -15.20
C SER A 136 -3.36 -21.46 -16.58
N PRO A 137 -2.53 -20.42 -16.74
CA PRO A 137 -1.65 -19.88 -15.69
C PRO A 137 -2.25 -18.72 -14.88
N MET A 138 -1.77 -18.60 -13.63
CA MET A 138 -2.03 -17.44 -12.79
C MET A 138 -0.93 -16.42 -13.14
N VAL A 139 -1.31 -15.23 -13.59
CA VAL A 139 -0.35 -14.26 -14.13
C VAL A 139 -0.47 -12.90 -13.45
N ASP A 140 -1.09 -12.87 -12.27
CA ASP A 140 -1.34 -11.62 -11.58
C ASP A 140 -0.02 -10.98 -11.15
N ILE A 141 0.22 -9.77 -11.63
CA ILE A 141 1.34 -8.98 -11.16
C ILE A 141 1.13 -8.62 -9.69
N SER A 142 2.18 -8.76 -8.88
CA SER A 142 2.13 -8.24 -7.51
C SER A 142 3.45 -7.63 -7.04
N ARG A 143 3.28 -6.51 -6.34
CA ARG A 143 4.36 -5.81 -5.66
C ARG A 143 4.30 -6.00 -4.16
N ASP A 144 3.46 -6.93 -3.70
CA ASP A 144 3.14 -7.01 -2.27
C ASP A 144 3.35 -8.43 -1.71
N PRO A 145 4.53 -8.70 -1.11
CA PRO A 145 4.90 -10.00 -0.56
C PRO A 145 4.09 -10.50 0.66
N ARG A 146 3.25 -9.63 1.22
CA ARG A 146 2.23 -10.04 2.19
C ARG A 146 1.22 -11.03 1.59
N TRP A 147 0.92 -10.86 0.31
CA TRP A 147 -0.09 -11.64 -0.36
C TRP A 147 0.40 -13.06 -0.62
N GLY A 148 -0.29 -14.04 -0.07
CA GLY A 148 0.13 -15.44 -0.24
C GLY A 148 0.18 -15.95 -1.67
N ARG A 149 -0.63 -15.35 -2.55
CA ARG A 149 -0.75 -15.85 -3.90
C ARG A 149 0.38 -15.39 -4.84
N VAL A 150 1.36 -14.64 -4.33
CA VAL A 150 2.60 -14.39 -5.07
C VAL A 150 3.33 -15.70 -5.43
N SER A 151 3.18 -16.74 -4.60
CA SER A 151 3.70 -18.09 -4.89
C SER A 151 3.22 -18.67 -6.24
N GLU A 152 2.03 -18.27 -6.68
CA GLU A 152 1.34 -18.79 -7.85
C GLU A 152 1.61 -18.07 -9.14
N GLY A 153 2.24 -16.90 -9.04
CA GLY A 153 2.52 -16.06 -10.21
C GLY A 153 4.00 -16.08 -10.52
N SER A 154 4.46 -15.08 -11.27
CA SER A 154 5.85 -15.03 -11.75
C SER A 154 6.57 -13.72 -11.41
N GLY A 155 6.10 -13.07 -10.34
CA GLY A 155 6.77 -11.90 -9.74
C GLY A 155 6.20 -10.54 -10.14
N GLU A 156 7.00 -9.49 -9.96
CA GLU A 156 6.49 -8.12 -10.06
C GLU A 156 6.51 -7.56 -11.49
N ASP A 157 7.17 -8.23 -12.43
CA ASP A 157 7.50 -7.63 -13.71
C ASP A 157 6.57 -8.09 -14.86
N PRO A 158 5.93 -7.13 -15.56
CA PRO A 158 5.08 -7.47 -16.71
C PRO A 158 5.78 -8.06 -17.93
N PHE A 159 6.99 -7.64 -18.25
CA PHE A 159 7.67 -8.20 -19.42
C PHE A 159 7.89 -9.70 -19.24
N LEU A 160 8.59 -10.07 -18.17
CA LEU A 160 8.87 -11.45 -17.83
C LEU A 160 7.58 -12.23 -17.64
N GLY A 161 6.63 -11.61 -16.95
CA GLY A 161 5.35 -12.22 -16.70
C GLY A 161 4.58 -12.55 -17.97
N ALA A 162 4.65 -11.66 -18.95
CA ALA A 162 4.06 -11.90 -20.29
C ALA A 162 4.71 -13.09 -21.00
N MET A 163 6.04 -13.09 -21.06
N MET A 163 6.04 -13.08 -21.06
CA MET A 163 6.78 -14.21 -21.65
CA MET A 163 6.82 -14.19 -21.64
C MET A 163 6.42 -15.56 -21.00
C MET A 163 6.43 -15.55 -21.00
N ILE A 164 6.29 -15.58 -19.69
CA ILE A 164 5.90 -16.79 -18.97
C ILE A 164 4.45 -17.23 -19.27
N ALA A 165 3.52 -16.27 -19.28
CA ALA A 165 2.13 -16.54 -19.68
C ALA A 165 2.07 -17.25 -21.05
N GLU A 166 2.77 -16.69 -22.02
CA GLU A 166 2.89 -17.29 -23.38
C GLU A 166 3.38 -18.73 -23.32
N ALA A 167 4.50 -18.92 -22.63
CA ALA A 167 5.14 -20.23 -22.50
C ALA A 167 4.25 -21.29 -21.85
N MET A 168 3.45 -20.88 -20.87
CA MET A 168 2.57 -21.77 -20.13
C MET A 168 1.37 -22.21 -20.99
N VAL A 169 0.75 -21.23 -21.65
CA VAL A 169 -0.37 -21.51 -22.54
C VAL A 169 0.07 -22.43 -23.70
N LEU A 170 1.18 -22.07 -24.34
CA LEU A 170 1.73 -22.87 -25.42
C LEU A 170 1.99 -24.32 -24.94
N GLY A 171 2.55 -24.45 -23.73
CA GLY A 171 2.81 -25.74 -23.09
C GLY A 171 1.58 -26.59 -22.85
N TYR A 172 0.52 -25.98 -22.36
CA TYR A 172 -0.71 -26.70 -22.11
C TYR A 172 -1.46 -27.02 -23.40
N GLN A 173 -1.56 -26.04 -24.29
CA GLN A 173 -2.49 -26.11 -25.43
C GLN A 173 -1.88 -26.55 -26.73
N GLY A 174 -0.56 -26.45 -26.85
CA GLY A 174 0.13 -26.50 -28.14
C GLY A 174 -0.45 -25.51 -29.14
N LYS A 175 -0.28 -25.81 -30.43
CA LYS A 175 -0.82 -25.04 -31.57
C LYS A 175 -2.34 -24.75 -31.51
N ASP A 176 -3.14 -25.79 -31.26
CA ASP A 176 -4.61 -25.69 -31.35
C ASP A 176 -5.39 -26.70 -30.51
N MET A 177 -4.76 -27.24 -29.46
CA MET A 177 -5.37 -28.23 -28.55
C MET A 177 -5.87 -29.52 -29.20
N GLN A 178 -5.38 -29.86 -30.39
CA GLN A 178 -5.96 -30.97 -31.16
C GLN A 178 -5.59 -32.33 -30.59
N ARG A 179 -4.40 -32.43 -30.03
CA ARG A 179 -3.86 -33.68 -29.54
C ARG A 179 -4.56 -34.14 -28.26
N ASN A 180 -4.50 -35.44 -27.97
CA ASN A 180 -5.10 -35.94 -26.72
C ASN A 180 -4.27 -35.72 -25.44
N ASP A 181 -3.08 -35.14 -25.59
CA ASP A 181 -2.25 -34.67 -24.45
C ASP A 181 -2.12 -33.15 -24.37
N GLU A 182 -2.99 -32.44 -25.09
CA GLU A 182 -3.14 -30.99 -24.99
C GLU A 182 -4.48 -30.69 -24.35
N ILE A 183 -4.50 -29.70 -23.46
CA ILE A 183 -5.70 -29.32 -22.70
C ILE A 183 -5.94 -27.81 -22.86
N MET A 184 -7.11 -27.36 -22.46
N MET A 184 -7.12 -27.35 -22.48
CA MET A 184 -7.45 -25.94 -22.50
CA MET A 184 -7.41 -25.92 -22.57
C MET A 184 -6.88 -25.26 -21.26
C MET A 184 -6.90 -25.25 -21.28
N ALA A 185 -6.22 -24.12 -21.47
CA ALA A 185 -5.68 -23.34 -20.38
C ALA A 185 -6.70 -22.24 -20.03
N CYS A 186 -6.46 -21.60 -18.89
CA CYS A 186 -7.33 -20.58 -18.37
C CYS A 186 -6.50 -19.50 -17.67
N VAL A 187 -6.32 -18.36 -18.33
CA VAL A 187 -5.56 -17.27 -17.72
C VAL A 187 -6.38 -16.64 -16.57
N LYS A 188 -5.71 -16.44 -15.43
CA LYS A 188 -6.36 -15.93 -14.22
C LYS A 188 -5.40 -15.02 -13.47
N HIS A 189 -5.89 -14.13 -12.61
CA HIS A 189 -7.30 -13.87 -12.34
C HIS A 189 -7.62 -12.45 -12.88
N PHE A 190 -8.47 -12.38 -13.90
CA PHE A 190 -8.66 -11.14 -14.65
C PHE A 190 -9.60 -10.26 -13.82
N ALA A 191 -9.14 -9.18 -13.19
CA ALA A 191 -7.82 -8.56 -13.33
C ALA A 191 -7.44 -7.77 -12.07
N LEU A 192 -6.13 -7.56 -11.90
CA LEU A 192 -5.55 -6.66 -10.89
C LEU A 192 -5.54 -7.21 -9.46
N TYR A 193 -5.80 -8.50 -9.34
CA TYR A 193 -6.04 -9.19 -8.07
C TYR A 193 -4.82 -9.14 -7.14
N GLY A 194 -3.63 -9.06 -7.73
CA GLY A 194 -2.39 -8.92 -6.94
C GLY A 194 -2.11 -7.57 -6.28
N ALA A 195 -3.00 -6.60 -6.47
CA ALA A 195 -2.91 -5.29 -5.81
C ALA A 195 -3.87 -5.13 -4.62
N GLY A 196 -4.42 -6.23 -4.11
CA GLY A 196 -5.34 -6.16 -2.97
C GLY A 196 -4.75 -5.39 -1.80
N GLU A 197 -5.55 -4.46 -1.23
CA GLU A 197 -5.05 -3.58 -0.18
C GLU A 197 -4.56 -4.36 1.05
N GLY A 198 -3.44 -3.90 1.61
CA GLY A 198 -2.87 -4.54 2.79
C GLY A 198 -2.21 -5.89 2.48
N GLY A 199 -2.08 -6.23 1.20
CA GLY A 199 -1.77 -7.57 0.76
C GLY A 199 -2.69 -8.65 1.35
N ARG A 200 -3.92 -8.26 1.72
CA ARG A 200 -4.86 -9.15 2.35
C ARG A 200 -5.72 -9.72 1.24
N ASP A 201 -5.79 -11.05 1.17
CA ASP A 201 -6.44 -11.72 0.05
C ASP A 201 -7.88 -11.26 -0.03
N TYR A 202 -8.31 -11.07 -1.27
CA TYR A 202 -9.67 -10.68 -1.61
C TYR A 202 -10.01 -9.20 -1.37
N ASN A 203 -9.07 -8.41 -0.83
CA ASN A 203 -9.37 -7.04 -0.41
C ASN A 203 -9.44 -6.12 -1.64
N THR A 204 -9.99 -4.94 -1.40
CA THR A 204 -10.12 -3.89 -2.40
C THR A 204 -8.88 -3.67 -3.24
N VAL A 205 -9.09 -3.58 -4.54
CA VAL A 205 -8.09 -3.07 -5.47
C VAL A 205 -8.59 -1.73 -6.02
N ASP A 206 -7.66 -0.80 -6.14
CA ASP A 206 -7.94 0.47 -6.76
C ASP A 206 -6.69 0.99 -7.46
N MET A 207 -6.83 1.41 -8.70
CA MET A 207 -5.72 2.09 -9.36
C MET A 207 -6.24 2.87 -10.56
N SER A 208 -5.38 3.71 -11.13
CA SER A 208 -5.68 4.46 -12.36
C SER A 208 -5.67 3.50 -13.57
N ARG A 209 -6.36 3.90 -14.65
CA ARG A 209 -6.35 3.13 -15.92
C ARG A 209 -4.94 3.07 -16.50
N GLN A 210 -4.22 4.17 -16.34
CA GLN A 210 -2.83 4.25 -16.79
C GLN A 210 -1.97 3.17 -16.11
N ARG A 211 -2.08 3.06 -14.78
CA ARG A 211 -1.34 2.02 -14.03
C ARG A 211 -1.73 0.63 -14.49
N MET A 212 -3.02 0.40 -14.66
CA MET A 212 -3.53 -0.88 -15.12
C MET A 212 -2.75 -1.34 -16.35
N PHE A 213 -2.75 -0.51 -17.40
CA PHE A 213 -2.19 -0.91 -18.67
C PHE A 213 -0.67 -0.95 -18.70
N ASN A 214 -0.03 0.04 -18.08
CA ASN A 214 1.42 0.08 -18.04
C ASN A 214 2.03 -0.92 -17.07
N GLU A 215 1.33 -1.24 -15.99
CA GLU A 215 1.98 -1.95 -14.87
C GLU A 215 1.42 -3.31 -14.47
N TYR A 216 0.17 -3.60 -14.88
CA TYR A 216 -0.52 -4.82 -14.47
C TYR A 216 -1.07 -5.73 -15.61
N MET A 217 -1.41 -5.15 -16.76
CA MET A 217 -2.26 -5.85 -17.73
C MET A 217 -1.56 -6.78 -18.72
N LEU A 218 -0.32 -6.49 -19.05
CA LEU A 218 0.37 -7.15 -20.16
C LEU A 218 0.33 -8.70 -20.11
N PRO A 219 0.55 -9.30 -18.91
CA PRO A 219 0.53 -10.77 -18.91
C PRO A 219 -0.82 -11.39 -19.23
N TYR A 220 -1.91 -10.71 -18.89
CA TYR A 220 -3.22 -11.18 -19.30
C TYR A 220 -3.35 -11.11 -20.84
N GLU A 221 -2.92 -9.97 -21.42
CA GLU A 221 -2.91 -9.77 -22.85
C GLU A 221 -2.09 -10.84 -23.52
N ALA A 222 -0.90 -11.12 -23.01
CA ALA A 222 0.00 -12.09 -23.65
C ALA A 222 -0.56 -13.52 -23.61
N ALA A 223 -1.35 -13.85 -22.58
CA ALA A 223 -2.05 -15.13 -22.54
C ALA A 223 -3.17 -15.19 -23.62
N VAL A 224 -3.95 -14.11 -23.75
CA VAL A 224 -5.00 -14.03 -24.81
C VAL A 224 -4.37 -14.19 -26.19
N GLU A 225 -3.30 -13.44 -26.38
CA GLU A 225 -2.52 -13.42 -27.64
C GLU A 225 -1.94 -14.76 -28.03
N ALA A 226 -1.65 -15.58 -27.03
CA ALA A 226 -1.14 -16.93 -27.24
C ALA A 226 -2.24 -17.96 -27.54
N GLY A 227 -3.49 -17.54 -27.61
CA GLY A 227 -4.61 -18.41 -27.92
C GLY A 227 -5.28 -19.07 -26.73
N VAL A 228 -5.09 -18.52 -25.53
CA VAL A 228 -5.68 -19.16 -24.35
C VAL A 228 -7.18 -19.29 -24.58
N GLY A 229 -7.70 -20.48 -24.30
CA GLY A 229 -9.11 -20.79 -24.57
C GLY A 229 -10.10 -20.13 -23.64
N SER A 230 -9.66 -19.79 -22.42
CA SER A 230 -10.54 -19.25 -21.40
C SER A 230 -9.84 -18.27 -20.48
N VAL A 231 -10.65 -17.47 -19.79
CA VAL A 231 -10.21 -16.47 -18.81
C VAL A 231 -11.05 -16.61 -17.57
N MET A 232 -10.43 -16.48 -16.40
CA MET A 232 -11.17 -16.53 -15.14
C MET A 232 -11.23 -15.14 -14.52
N ALA A 233 -12.44 -14.72 -14.20
CA ALA A 233 -12.69 -13.45 -13.48
C ALA A 233 -12.16 -13.49 -12.04
N SER A 234 -11.59 -12.37 -11.57
CA SER A 234 -11.01 -12.30 -10.23
C SER A 234 -12.04 -11.98 -9.14
N PHE A 235 -11.61 -12.15 -7.88
CA PHE A 235 -12.44 -11.91 -6.70
C PHE A 235 -12.60 -10.43 -6.34
N ASN A 236 -11.63 -9.62 -6.75
CA ASN A 236 -11.55 -8.21 -6.31
C ASN A 236 -12.49 -7.31 -7.09
N GLU A 237 -12.90 -6.20 -6.48
CA GLU A 237 -13.44 -5.08 -7.23
C GLU A 237 -12.35 -4.33 -8.04
N VAL A 238 -12.79 -3.68 -9.11
CA VAL A 238 -12.01 -2.77 -9.94
C VAL A 238 -12.95 -1.62 -10.27
N ASP A 239 -12.50 -0.38 -9.99
CA ASP A 239 -13.30 0.82 -10.17
C ASP A 239 -14.65 0.69 -9.45
N GLY A 240 -14.63 0.03 -8.28
CA GLY A 240 -15.82 -0.17 -7.45
C GLY A 240 -16.86 -1.19 -7.93
N VAL A 241 -16.54 -1.90 -9.01
CA VAL A 241 -17.39 -2.96 -9.52
C VAL A 241 -16.61 -4.29 -9.37
N PRO A 242 -17.21 -5.31 -8.73
CA PRO A 242 -16.57 -6.63 -8.72
C PRO A 242 -16.22 -7.06 -10.14
N ALA A 243 -15.00 -7.54 -10.35
CA ALA A 243 -14.55 -7.93 -11.69
C ALA A 243 -15.56 -8.81 -12.46
N THR A 244 -16.19 -9.74 -11.75
CA THR A 244 -17.22 -10.65 -12.30
C THR A 244 -18.45 -9.91 -12.89
N ALA A 245 -18.69 -8.66 -12.47
CA ALA A 245 -19.74 -7.78 -13.04
C ALA A 245 -19.19 -6.57 -13.81
N ASN A 246 -17.88 -6.56 -14.09
CA ASN A 246 -17.24 -5.41 -14.71
C ASN A 246 -17.20 -5.60 -16.23
N LYS A 247 -18.18 -4.97 -16.88
CA LYS A 247 -18.37 -5.03 -18.32
C LYS A 247 -17.19 -4.39 -19.04
N TRP A 248 -16.69 -3.28 -18.51
CA TRP A 248 -15.48 -2.64 -19.07
C TRP A 248 -14.33 -3.66 -19.20
N LEU A 249 -14.14 -4.46 -18.16
CA LEU A 249 -13.10 -5.48 -18.15
C LEU A 249 -13.41 -6.62 -19.08
N MET A 250 -14.55 -7.28 -18.81
CA MET A 250 -14.87 -8.56 -19.43
C MET A 250 -15.35 -8.44 -20.87
N THR A 251 -15.88 -7.28 -21.26
CA THR A 251 -16.24 -7.04 -22.66
C THR A 251 -15.32 -6.05 -23.34
N ASP A 252 -15.32 -4.81 -22.86
CA ASP A 252 -14.59 -3.75 -23.58
C ASP A 252 -13.09 -4.03 -23.71
N VAL A 253 -12.43 -4.45 -22.63
CA VAL A 253 -10.98 -4.68 -22.73
C VAL A 253 -10.68 -6.03 -23.37
N LEU A 254 -11.22 -7.08 -22.75
CA LEU A 254 -10.96 -8.46 -23.18
C LEU A 254 -11.38 -8.71 -24.64
N ARG A 255 -12.59 -8.32 -25.02
CA ARG A 255 -13.09 -8.53 -26.40
C ARG A 255 -12.90 -7.30 -27.27
N GLY A 256 -13.44 -6.18 -26.83
CA GLY A 256 -13.33 -4.92 -27.58
C GLY A 256 -11.91 -4.47 -27.94
N GLN A 257 -10.96 -4.57 -27.00
CA GLN A 257 -9.57 -4.14 -27.28
C GLN A 257 -8.67 -5.30 -27.72
N TRP A 258 -8.77 -6.44 -27.05
CA TRP A 258 -7.86 -7.56 -27.37
C TRP A 258 -8.38 -8.59 -28.39
N GLY A 259 -9.69 -8.61 -28.63
CA GLY A 259 -10.30 -9.58 -29.55
C GLY A 259 -10.23 -11.03 -29.05
N PHE A 260 -10.35 -11.22 -27.75
CA PHE A 260 -10.43 -12.55 -27.16
C PHE A 260 -11.64 -13.29 -27.72
N ASN A 261 -11.40 -14.48 -28.29
CA ASN A 261 -12.45 -15.34 -28.89
C ASN A 261 -12.98 -16.46 -28.02
N GLY A 262 -12.52 -16.56 -26.78
CA GLY A 262 -12.90 -17.64 -25.88
C GLY A 262 -13.98 -17.26 -24.90
N PHE A 263 -14.05 -18.00 -23.78
CA PHE A 263 -15.03 -17.74 -22.75
C PHE A 263 -14.45 -17.37 -21.37
N VAL A 264 -15.28 -16.71 -20.58
CA VAL A 264 -14.92 -16.22 -19.28
C VAL A 264 -15.69 -17.07 -18.29
N VAL A 265 -14.95 -17.66 -17.35
CA VAL A 265 -15.51 -18.37 -16.20
C VAL A 265 -15.31 -17.53 -14.94
N THR A 266 -16.23 -17.61 -13.98
CA THR A 266 -16.03 -16.95 -12.69
C THR A 266 -14.99 -17.72 -11.88
N ASN A 267 -14.52 -17.11 -10.81
CA ASN A 267 -13.80 -17.86 -9.80
C ASN A 267 -14.89 -18.47 -8.91
N TYR A 268 -14.45 -19.24 -7.90
CA TYR A 268 -15.31 -20.00 -7.02
C TYR A 268 -16.35 -19.17 -6.21
N THR A 269 -17.62 -19.40 -6.50
CA THR A 269 -18.75 -18.61 -5.95
C THR A 269 -18.61 -17.09 -6.24
N GLY A 270 -17.94 -16.74 -7.32
CA GLY A 270 -17.67 -15.34 -7.65
C GLY A 270 -18.93 -14.50 -7.78
N ILE A 271 -19.94 -15.08 -8.45
CA ILE A 271 -21.20 -14.40 -8.66
C ILE A 271 -21.92 -14.13 -7.36
N SER A 272 -22.12 -15.13 -6.49
CA SER A 272 -22.89 -14.92 -5.26
C SER A 272 -22.11 -14.06 -4.25
N GLU A 273 -20.79 -14.10 -4.34
CA GLU A 273 -19.93 -13.20 -3.57
C GLU A 273 -20.17 -11.71 -3.87
N MET A 274 -20.72 -11.38 -5.04
CA MET A 274 -21.13 -9.98 -5.33
C MET A 274 -22.26 -9.48 -4.43
N ILE A 275 -23.03 -10.39 -3.84
CA ILE A 275 -24.00 -10.04 -2.82
C ILE A 275 -23.25 -9.42 -1.65
N ASP A 276 -22.20 -10.09 -1.17
CA ASP A 276 -21.42 -9.55 -0.05
C ASP A 276 -20.67 -8.28 -0.42
N HIS A 277 -20.12 -8.23 -1.64
CA HIS A 277 -19.48 -7.01 -2.18
C HIS A 277 -20.40 -5.78 -1.99
N GLY A 278 -21.71 -5.99 -2.20
CA GLY A 278 -22.76 -5.01 -1.90
C GLY A 278 -23.41 -4.34 -3.11
N ILE A 279 -23.46 -5.04 -4.25
CA ILE A 279 -24.10 -4.54 -5.45
C ILE A 279 -25.43 -5.25 -5.82
N GLY A 280 -25.99 -6.05 -4.92
CA GLY A 280 -27.37 -6.54 -5.09
C GLY A 280 -27.60 -7.99 -4.74
N ASP A 281 -28.81 -8.45 -5.05
CA ASP A 281 -29.20 -9.84 -4.81
C ASP A 281 -28.70 -10.77 -5.90
N LEU A 282 -28.85 -12.07 -5.65
CA LEU A 282 -28.35 -13.10 -6.57
C LEU A 282 -28.83 -12.87 -8.00
N GLN A 283 -30.12 -12.62 -8.20
CA GLN A 283 -30.63 -12.41 -9.55
C GLN A 283 -30.00 -11.18 -10.19
N THR A 284 -29.92 -10.07 -9.46
CA THR A 284 -29.37 -8.84 -10.05
C THR A 284 -27.90 -9.01 -10.45
N VAL A 285 -27.10 -9.51 -9.53
CA VAL A 285 -25.66 -9.70 -9.80
C VAL A 285 -25.41 -10.77 -10.89
N SER A 286 -26.23 -11.83 -10.92
CA SER A 286 -26.12 -12.83 -12.01
C SER A 286 -26.42 -12.18 -13.36
N ALA A 287 -27.49 -11.39 -13.43
CA ALA A 287 -27.83 -10.70 -14.68
C ALA A 287 -26.68 -9.77 -15.12
N ARG A 288 -26.14 -9.04 -14.16
CA ARG A 288 -25.04 -8.11 -14.42
C ARG A 288 -23.80 -8.83 -14.88
N ALA A 289 -23.53 -10.00 -14.28
CA ALA A 289 -22.38 -10.83 -14.70
C ALA A 289 -22.47 -11.26 -16.15
N ILE A 290 -23.60 -11.88 -16.53
CA ILE A 290 -23.74 -12.34 -17.90
C ILE A 290 -23.74 -11.15 -18.86
N ASN A 291 -24.36 -10.04 -18.46
CA ASN A 291 -24.37 -8.84 -19.32
C ASN A 291 -22.99 -8.22 -19.48
N ALA A 292 -22.14 -8.42 -18.47
CA ALA A 292 -20.73 -7.98 -18.52
C ALA A 292 -19.84 -8.77 -19.46
N GLY A 293 -20.20 -10.01 -19.73
CA GLY A 293 -19.39 -10.93 -20.55
C GLY A 293 -18.87 -12.16 -19.83
N VAL A 294 -19.43 -12.48 -18.68
CA VAL A 294 -19.14 -13.72 -17.99
C VAL A 294 -20.00 -14.83 -18.60
N ASP A 295 -19.35 -15.94 -18.97
CA ASP A 295 -19.98 -17.05 -19.69
C ASP A 295 -20.26 -18.31 -18.88
N MET A 296 -19.56 -18.51 -17.78
CA MET A 296 -19.71 -19.74 -16.97
C MET A 296 -19.64 -19.46 -15.45
N ASP A 297 -20.60 -20.03 -14.72
CA ASP A 297 -20.85 -19.78 -13.32
C ASP A 297 -20.23 -20.93 -12.51
N MET A 298 -19.05 -20.70 -11.95
CA MET A 298 -18.43 -21.64 -11.00
C MET A 298 -19.14 -21.69 -9.63
N VAL A 299 -19.95 -22.72 -9.42
CA VAL A 299 -20.54 -23.13 -8.10
C VAL A 299 -21.77 -22.35 -7.57
N SER A 300 -21.82 -21.03 -7.77
N SER A 300 -21.83 -21.03 -7.76
CA SER A 300 -22.85 -20.16 -7.14
CA SER A 300 -22.85 -20.20 -7.10
C SER A 300 -24.28 -20.57 -7.46
C SER A 300 -24.29 -20.56 -7.47
N GLU A 301 -24.48 -21.11 -8.66
CA GLU A 301 -25.83 -21.43 -9.20
C GLU A 301 -26.68 -20.19 -9.46
N GLY A 302 -26.02 -19.06 -9.67
CA GLY A 302 -26.67 -17.80 -9.98
C GLY A 302 -27.32 -17.88 -11.34
N PHE A 303 -26.54 -18.28 -12.34
CA PHE A 303 -27.05 -18.43 -13.71
C PHE A 303 -28.23 -19.42 -13.80
N VAL A 304 -28.03 -20.65 -13.32
CA VAL A 304 -29.05 -21.71 -13.43
C VAL A 304 -30.33 -21.40 -12.66
N SER A 305 -30.22 -20.79 -11.48
CA SER A 305 -31.37 -20.51 -10.64
C SER A 305 -32.15 -19.22 -10.98
N THR A 306 -31.55 -18.28 -11.69
CA THR A 306 -32.16 -16.93 -11.91
C THR A 306 -32.23 -16.41 -13.33
N LEU A 307 -31.51 -17.02 -14.27
CA LEU A 307 -31.45 -16.47 -15.62
C LEU A 307 -32.76 -16.56 -16.41
N LYS A 308 -33.58 -17.59 -16.20
CA LYS A 308 -34.84 -17.68 -16.97
C LYS A 308 -35.80 -16.55 -16.54
N LYS A 309 -35.99 -16.38 -15.23
CA LYS A 309 -36.73 -15.24 -14.67
C LYS A 309 -36.21 -13.91 -15.20
N SER A 310 -34.89 -13.72 -15.20
CA SER A 310 -34.28 -12.49 -15.77
C SER A 310 -34.62 -12.29 -17.24
N ILE A 311 -34.59 -13.37 -18.02
CA ILE A 311 -34.96 -13.31 -19.44
C ILE A 311 -36.46 -12.97 -19.62
N GLN A 312 -37.33 -13.61 -18.85
CA GLN A 312 -38.74 -13.23 -18.82
C GLN A 312 -38.93 -11.75 -18.50
N GLU A 313 -38.27 -11.27 -17.44
CA GLU A 313 -38.34 -9.88 -17.03
C GLU A 313 -37.57 -8.87 -17.90
N GLY A 314 -36.84 -9.33 -18.92
CA GLY A 314 -36.11 -8.44 -19.81
C GLY A 314 -34.80 -7.90 -19.26
N LYS A 315 -34.34 -8.39 -18.12
CA LYS A 315 -33.04 -8.01 -17.52
C LYS A 315 -31.84 -8.56 -18.27
N VAL A 316 -32.05 -9.67 -18.98
CA VAL A 316 -31.04 -10.30 -19.83
C VAL A 316 -31.78 -10.68 -21.11
N SER A 317 -31.16 -10.46 -22.26
CA SER A 317 -31.81 -10.84 -23.51
C SER A 317 -31.44 -12.28 -23.92
N MET A 318 -32.22 -12.81 -24.84
N MET A 318 -32.21 -12.83 -24.83
CA MET A 318 -31.97 -14.11 -25.46
CA MET A 318 -31.91 -14.12 -25.45
C MET A 318 -30.66 -14.09 -26.28
C MET A 318 -30.62 -14.08 -26.26
N GLU A 319 -30.31 -12.93 -26.86
CA GLU A 319 -29.06 -12.77 -27.60
C GLU A 319 -27.82 -12.86 -26.68
N THR A 320 -27.93 -12.28 -25.48
CA THR A 320 -26.85 -12.37 -24.46
C THR A 320 -26.63 -13.85 -24.05
N LEU A 321 -27.72 -14.57 -23.74
CA LEU A 321 -27.66 -16.00 -23.41
C LEU A 321 -27.09 -16.86 -24.50
N ASN A 322 -27.62 -16.69 -25.71
CA ASN A 322 -27.09 -17.35 -26.91
C ASN A 322 -25.60 -17.10 -27.13
N THR A 323 -25.16 -15.87 -26.90
CA THR A 323 -23.73 -15.55 -27.09
C THR A 323 -22.86 -16.32 -26.05
N ALA A 324 -23.30 -16.35 -24.80
CA ALA A 324 -22.56 -17.09 -23.77
C ALA A 324 -22.57 -18.59 -24.07
N CYS A 325 -23.76 -19.12 -24.29
CA CYS A 325 -23.91 -20.55 -24.62
C CYS A 325 -23.03 -20.93 -25.78
N ARG A 326 -23.01 -20.10 -26.82
CA ARG A 326 -22.19 -20.38 -28.01
C ARG A 326 -20.70 -20.45 -27.70
N ARG A 327 -20.21 -19.54 -26.85
CA ARG A 327 -18.79 -19.59 -26.45
C ARG A 327 -18.43 -20.92 -25.76
N ILE A 328 -19.31 -21.41 -24.90
CA ILE A 328 -19.03 -22.68 -24.16
C ILE A 328 -18.97 -23.80 -25.20
N LEU A 329 -20.00 -23.86 -26.05
CA LEU A 329 -20.05 -24.85 -27.12
C LEU A 329 -18.86 -24.81 -28.05
N GLU A 330 -18.39 -23.61 -28.42
CA GLU A 330 -17.19 -23.50 -29.26
C GLU A 330 -15.94 -24.00 -28.53
N ALA A 331 -15.82 -23.74 -27.22
CA ALA A 331 -14.67 -24.30 -26.49
C ALA A 331 -14.67 -25.83 -26.61
N LYS A 332 -15.82 -26.44 -26.36
CA LYS A 332 -15.98 -27.90 -26.44
C LYS A 332 -15.68 -28.44 -27.84
N TYR A 333 -16.13 -27.71 -28.85
CA TYR A 333 -15.84 -28.03 -30.23
C TYR A 333 -14.36 -27.91 -30.55
N LYS A 334 -13.75 -26.79 -30.18
CA LYS A 334 -12.31 -26.59 -30.38
C LYS A 334 -11.42 -27.64 -29.65
N LEU A 335 -11.90 -28.18 -28.53
CA LEU A 335 -11.16 -29.25 -27.82
C LEU A 335 -11.34 -30.66 -28.42
N GLY A 336 -12.28 -30.82 -29.34
CA GLY A 336 -12.50 -32.08 -30.04
C GLY A 336 -13.48 -32.99 -29.34
N LEU A 337 -14.26 -32.43 -28.41
CA LEU A 337 -15.17 -33.23 -27.58
C LEU A 337 -16.50 -33.62 -28.26
N PHE A 338 -16.92 -32.90 -29.28
CA PHE A 338 -18.09 -33.34 -30.07
C PHE A 338 -17.69 -34.47 -30.98
N ASP A 339 -16.49 -34.34 -31.53
CA ASP A 339 -15.82 -35.40 -32.26
C ASP A 339 -15.63 -36.67 -31.38
N ASN A 340 -14.90 -36.56 -30.28
CA ASN A 340 -14.80 -37.66 -29.32
C ASN A 340 -14.95 -37.15 -27.90
N PRO A 341 -16.13 -37.32 -27.29
CA PRO A 341 -16.31 -36.92 -25.89
C PRO A 341 -15.39 -37.63 -24.88
N TYR A 342 -14.85 -38.79 -25.28
CA TYR A 342 -13.93 -39.61 -24.49
C TYR A 342 -12.49 -39.41 -24.91
N LYS A 343 -12.20 -38.30 -25.59
CA LYS A 343 -10.85 -38.00 -26.03
C LYS A 343 -9.78 -38.10 -24.91
N TYR A 344 -10.14 -37.74 -23.69
CA TYR A 344 -9.23 -37.72 -22.54
C TYR A 344 -9.57 -38.83 -21.56
N CYS A 345 -10.50 -39.71 -21.94
CA CYS A 345 -10.94 -40.79 -21.06
C CYS A 345 -10.35 -42.15 -21.43
N ASP A 346 -9.06 -42.15 -21.80
CA ASP A 346 -8.34 -43.41 -22.03
C ASP A 346 -7.88 -44.03 -20.69
N LEU A 347 -8.56 -45.10 -20.26
CA LEU A 347 -8.27 -45.75 -18.98
C LEU A 347 -6.89 -46.38 -18.87
N LYS A 348 -6.16 -46.52 -19.97
CA LYS A 348 -4.81 -47.07 -19.98
C LYS A 348 -3.65 -46.05 -19.94
N ARG A 349 -3.92 -44.79 -20.23
CA ARG A 349 -2.88 -43.77 -20.19
C ARG A 349 -2.24 -43.50 -18.81
N PRO A 350 -3.02 -43.53 -17.72
CA PRO A 350 -2.41 -43.19 -16.42
C PRO A 350 -1.19 -44.02 -16.05
N ALA A 351 -1.26 -45.32 -16.31
CA ALA A 351 -0.15 -46.24 -16.00
C ALA A 351 1.13 -45.95 -16.76
N ARG A 352 1.06 -45.33 -17.94
CA ARG A 352 2.27 -45.01 -18.71
C ARG A 352 2.68 -43.53 -18.79
N ASP A 353 1.77 -42.61 -18.45
CA ASP A 353 2.01 -41.17 -18.61
C ASP A 353 2.25 -40.38 -17.33
N ILE A 354 1.88 -40.92 -16.18
CA ILE A 354 1.82 -40.16 -14.93
C ILE A 354 2.89 -40.61 -13.94
N PHE A 355 3.69 -39.66 -13.49
CA PHE A 355 4.71 -39.88 -12.46
C PHE A 355 5.80 -40.86 -12.96
N THR A 356 6.19 -40.66 -14.21
CA THR A 356 7.20 -41.47 -14.86
C THR A 356 8.56 -40.94 -14.51
N LYS A 357 9.56 -41.80 -14.63
CA LYS A 357 10.94 -41.44 -14.38
C LYS A 357 11.35 -40.26 -15.26
N ALA A 358 10.98 -40.29 -16.53
CA ALA A 358 11.33 -39.20 -17.44
C ALA A 358 10.77 -37.85 -16.97
N HIS A 359 9.55 -37.84 -16.48
CA HIS A 359 8.93 -36.61 -15.94
C HIS A 359 9.61 -36.12 -14.68
N ARG A 360 9.91 -37.04 -13.80
CA ARG A 360 10.56 -36.76 -12.53
C ARG A 360 11.99 -36.26 -12.73
N ASP A 361 12.71 -36.85 -13.67
CA ASP A 361 14.04 -36.37 -14.05
C ASP A 361 14.02 -34.92 -14.54
N ALA A 362 13.03 -34.57 -15.35
CA ALA A 362 12.86 -33.20 -15.79
C ALA A 362 12.50 -32.26 -14.61
N ALA A 363 11.60 -32.71 -13.74
CA ALA A 363 11.24 -31.93 -12.55
C ALA A 363 12.46 -31.60 -11.66
N ARG A 364 13.33 -32.59 -11.50
CA ARG A 364 14.55 -32.42 -10.72
C ARG A 364 15.53 -31.41 -11.34
N ARG A 365 15.67 -31.46 -12.66
CA ARG A 365 16.54 -30.53 -13.39
C ARG A 365 16.00 -29.12 -13.24
N ILE A 366 14.71 -28.98 -13.48
CA ILE A 366 14.03 -27.69 -13.46
C ILE A 366 14.02 -27.10 -12.04
N ALA A 367 13.91 -27.96 -11.03
CA ALA A 367 13.93 -27.52 -9.66
C ALA A 367 15.29 -26.94 -9.29
N ALA A 368 16.38 -27.63 -9.63
CA ALA A 368 17.72 -27.12 -9.34
C ALA A 368 18.03 -25.81 -10.04
N GLU A 369 17.40 -25.62 -11.21
CA GLU A 369 17.54 -24.43 -12.04
C GLU A 369 16.76 -23.22 -11.47
N SER A 370 15.76 -23.49 -10.64
CA SER A 370 14.93 -22.46 -10.00
C SER A 370 15.48 -21.83 -8.73
N PHE A 371 16.45 -22.50 -8.09
CA PHE A 371 16.96 -22.03 -6.82
C PHE A 371 17.77 -20.74 -7.00
N VAL A 372 17.71 -19.89 -5.99
CA VAL A 372 18.43 -18.62 -6.01
C VAL A 372 19.44 -18.62 -4.85
N LEU A 373 20.71 -18.57 -5.21
CA LEU A 373 21.81 -18.44 -4.25
C LEU A 373 21.88 -16.98 -3.86
N LEU A 374 21.46 -16.68 -2.63
CA LEU A 374 21.38 -15.32 -2.13
C LEU A 374 22.69 -14.84 -1.47
N LYS A 375 23.43 -15.75 -0.85
CA LYS A 375 24.68 -15.43 -0.18
C LYS A 375 25.54 -16.68 -0.16
N ASN A 376 26.85 -16.47 -0.29
CA ASN A 376 27.81 -17.57 -0.25
C ASN A 376 29.21 -17.04 0.09
N ASP A 377 29.33 -16.45 1.27
CA ASP A 377 30.60 -15.86 1.72
C ASP A 377 31.64 -16.91 2.10
N ASN A 378 32.91 -16.52 1.95
CA ASN A 378 34.05 -17.32 2.43
C ASN A 378 34.02 -17.56 3.95
N VAL A 379 34.43 -18.76 4.33
CA VAL A 379 34.51 -19.21 5.71
C VAL A 379 35.86 -19.88 5.84
N THR A 380 36.57 -19.62 6.94
CA THR A 380 37.82 -20.30 7.27
C THR A 380 37.42 -21.59 7.95
N LEU A 381 37.65 -22.73 7.31
CA LEU A 381 37.28 -24.00 7.91
C LEU A 381 38.38 -24.49 8.85
N ARG A 382 39.63 -24.29 8.47
CA ARG A 382 40.75 -24.78 9.26
C ARG A 382 41.94 -23.84 9.15
N PRO A 383 42.60 -23.54 10.28
CA PRO A 383 43.75 -22.61 10.29
C PRO A 383 44.84 -23.00 9.31
N GLY A 384 45.48 -21.99 8.72
CA GLY A 384 46.52 -22.20 7.72
C GLY A 384 46.02 -22.35 6.30
N THR A 385 44.71 -22.48 6.12
CA THR A 385 44.10 -22.69 4.80
C THR A 385 43.28 -21.45 4.45
N PRO A 386 43.39 -20.98 3.20
CA PRO A 386 42.59 -19.82 2.80
C PRO A 386 41.09 -20.13 2.86
N ALA A 387 40.33 -19.10 3.22
CA ALA A 387 38.90 -19.24 3.38
C ALA A 387 38.23 -19.55 2.03
N GLU A 388 37.23 -20.43 2.07
CA GLU A 388 36.45 -20.84 0.90
C GLU A 388 34.97 -20.74 1.21
N PRO A 389 34.11 -20.61 0.16
CA PRO A 389 32.68 -20.63 0.43
C PRO A 389 32.23 -22.01 0.86
N LEU A 390 31.19 -22.07 1.67
CA LEU A 390 30.63 -23.34 2.10
C LEU A 390 30.04 -24.11 0.92
N LEU A 391 29.43 -23.40 -0.02
CA LEU A 391 28.82 -24.06 -1.18
C LEU A 391 29.67 -23.94 -2.45
N PRO A 392 29.79 -25.01 -3.24
CA PRO A 392 29.31 -26.37 -2.92
C PRO A 392 30.31 -27.12 -2.03
N PHE A 393 29.92 -28.29 -1.53
CA PHE A 393 30.83 -29.14 -0.76
C PHE A 393 30.64 -30.60 -1.12
N ASN A 394 31.73 -31.36 -1.09
CA ASN A 394 31.67 -32.80 -1.34
C ASN A 394 31.02 -33.50 -0.16
N PRO A 395 30.14 -34.45 -0.42
CA PRO A 395 29.51 -35.13 0.71
C PRO A 395 30.49 -36.08 1.45
N LYS A 396 30.88 -35.69 2.64
CA LYS A 396 31.84 -36.40 3.49
C LYS A 396 31.46 -36.22 4.94
N GLY A 397 32.07 -37.02 5.81
CA GLY A 397 31.96 -36.86 7.24
C GLY A 397 30.52 -36.86 7.76
N ASN A 398 30.27 -35.99 8.74
CA ASN A 398 28.97 -35.86 9.35
C ASN A 398 28.23 -34.58 8.92
N ILE A 399 27.12 -34.74 8.22
CA ILE A 399 26.32 -33.63 7.70
C ILE A 399 25.02 -33.60 8.47
N ALA A 400 24.78 -32.53 9.24
CA ALA A 400 23.53 -32.38 9.99
C ALA A 400 22.50 -31.70 9.11
N VAL A 401 21.27 -32.18 9.16
CA VAL A 401 20.16 -31.56 8.45
C VAL A 401 19.12 -31.36 9.52
N ILE A 402 18.85 -30.10 9.81
CA ILE A 402 18.15 -29.70 11.02
C ILE A 402 17.08 -28.67 10.71
N GLY A 403 15.90 -28.83 11.30
CA GLY A 403 14.83 -27.85 11.16
C GLY A 403 13.50 -28.49 10.85
N PRO A 404 12.40 -27.73 11.03
CA PRO A 404 11.06 -28.25 10.74
C PRO A 404 10.81 -28.56 9.25
N LEU A 405 11.62 -28.03 8.33
CA LEU A 405 11.53 -28.41 6.90
C LEU A 405 12.55 -29.52 6.47
N ALA A 406 13.26 -30.10 7.43
CA ALA A 406 14.32 -31.06 7.13
C ALA A 406 13.78 -32.44 6.80
N ASP A 407 12.77 -32.85 7.57
CA ASP A 407 12.14 -34.15 7.39
C ASP A 407 10.61 -34.05 7.25
N SER A 408 10.18 -33.32 6.22
CA SER A 408 8.80 -33.27 5.82
C SER A 408 8.63 -33.52 4.33
N ARG A 409 8.09 -34.70 4.03
CA ARG A 409 7.76 -35.06 2.66
C ARG A 409 6.66 -34.20 2.11
N THR A 410 5.61 -34.01 2.89
CA THR A 410 4.40 -33.39 2.40
C THR A 410 4.55 -31.89 2.13
N ASN A 411 5.50 -31.23 2.78
CA ASN A 411 5.76 -29.82 2.47
C ASN A 411 6.66 -29.57 1.27
N MET A 412 7.19 -30.62 0.63
CA MET A 412 8.11 -30.40 -0.50
C MET A 412 7.47 -29.89 -1.80
N PRO A 413 6.25 -30.35 -2.17
CA PRO A 413 5.68 -29.92 -3.46
C PRO A 413 5.32 -28.46 -3.57
N GLY A 414 4.91 -27.86 -2.47
CA GLY A 414 4.43 -26.49 -2.47
C GLY A 414 2.93 -26.47 -2.50
N THR A 415 2.39 -25.28 -2.24
CA THR A 415 0.98 -25.06 -2.31
C THR A 415 0.48 -25.29 -3.73
N TRP A 416 -0.83 -25.50 -3.86
CA TRP A 416 -1.46 -25.75 -5.18
C TRP A 416 -0.82 -26.97 -5.88
N SER A 417 -0.89 -28.09 -5.17
CA SER A 417 -0.45 -29.39 -5.67
C SER A 417 -1.58 -30.37 -5.37
N VAL A 418 -2.78 -30.05 -5.84
CA VAL A 418 -4.00 -30.75 -5.39
C VAL A 418 -4.14 -32.21 -5.86
N ALA A 419 -3.38 -32.59 -6.90
CA ALA A 419 -3.36 -33.96 -7.40
C ALA A 419 -2.07 -34.73 -7.08
N ALA A 420 -1.15 -34.11 -6.35
CA ALA A 420 0.10 -34.76 -5.98
C ALA A 420 -0.14 -35.78 -4.88
N VAL A 421 0.72 -36.82 -4.84
CA VAL A 421 0.78 -37.77 -3.71
C VAL A 421 1.82 -37.20 -2.73
N LEU A 422 1.34 -36.44 -1.75
CA LEU A 422 2.21 -35.59 -0.91
C LEU A 422 3.28 -36.40 -0.18
N ASP A 423 2.83 -37.46 0.51
CA ASP A 423 3.73 -38.30 1.30
C ASP A 423 4.50 -39.38 0.51
N ARG A 424 4.53 -39.25 -0.81
CA ARG A 424 5.46 -40.02 -1.63
C ARG A 424 6.72 -39.22 -2.01
N CYS A 425 6.68 -37.90 -1.89
CA CYS A 425 7.87 -37.08 -2.16
C CYS A 425 8.92 -37.36 -1.09
N PRO A 426 10.21 -37.53 -1.46
CA PRO A 426 11.18 -37.67 -0.38
C PRO A 426 11.37 -36.39 0.39
N SER A 427 11.54 -36.51 1.71
CA SER A 427 11.97 -35.37 2.51
C SER A 427 13.40 -35.02 2.16
N LEU A 428 13.84 -33.86 2.64
CA LEU A 428 15.20 -33.43 2.38
C LEU A 428 16.20 -34.41 2.99
N VAL A 429 15.95 -34.88 4.20
CA VAL A 429 16.86 -35.84 4.84
C VAL A 429 16.99 -37.10 4.01
N GLU A 430 15.84 -37.64 3.58
CA GLU A 430 15.80 -38.88 2.79
C GLU A 430 16.54 -38.72 1.49
N GLY A 431 16.30 -37.58 0.85
CA GLY A 431 17.01 -37.26 -0.39
C GLY A 431 18.50 -37.21 -0.21
N LEU A 432 18.96 -36.50 0.81
CA LEU A 432 20.38 -36.38 1.08
C LEU A 432 20.96 -37.74 1.50
N LYS A 433 20.21 -38.52 2.28
CA LYS A 433 20.60 -39.91 2.61
C LYS A 433 20.90 -40.76 1.37
N GLU A 434 19.96 -40.81 0.43
CA GLU A 434 20.12 -41.58 -0.82
C GLU A 434 21.34 -41.15 -1.63
N MET A 435 21.55 -39.84 -1.70
CA MET A 435 22.61 -39.27 -2.52
C MET A 435 24.01 -39.44 -1.94
N THR A 436 24.10 -39.68 -0.64
CA THR A 436 25.36 -39.68 0.10
C THR A 436 25.69 -41.03 0.72
N ALA A 437 24.93 -42.06 0.39
CA ALA A 437 25.03 -43.38 1.03
C ALA A 437 26.41 -43.99 0.75
N GLY A 438 27.11 -44.38 1.81
CA GLY A 438 28.50 -44.80 1.71
C GLY A 438 29.53 -43.68 1.79
N LYS A 439 29.12 -42.43 1.54
CA LYS A 439 30.06 -41.29 1.53
C LYS A 439 30.05 -40.44 2.80
N ALA A 440 28.89 -40.36 3.45
CA ALA A 440 28.69 -39.43 4.57
C ALA A 440 27.58 -39.95 5.44
N ASN A 441 27.55 -39.50 6.69
CA ASN A 441 26.43 -39.79 7.59
C ASN A 441 25.58 -38.54 7.69
N ILE A 442 24.28 -38.74 7.48
CA ILE A 442 23.31 -37.68 7.62
C ILE A 442 22.77 -37.78 9.04
N LEU A 443 22.98 -36.74 9.84
CA LEU A 443 22.42 -36.65 11.18
C LEU A 443 21.23 -35.73 11.13
N TYR A 444 20.22 -36.01 11.95
CA TYR A 444 18.94 -35.30 11.88
C TYR A 444 18.41 -34.91 13.25
N ALA A 445 17.89 -33.68 13.32
CA ALA A 445 17.04 -33.27 14.42
C ALA A 445 16.02 -32.28 13.90
N LYS A 446 14.80 -32.35 14.39
CA LYS A 446 13.77 -31.36 14.08
C LYS A 446 14.18 -29.95 14.47
N GLY A 447 14.67 -29.79 15.71
CA GLY A 447 15.23 -28.52 16.19
C GLY A 447 14.21 -27.53 16.71
N SER A 448 13.11 -27.35 15.97
CA SER A 448 12.01 -26.51 16.42
C SER A 448 10.71 -26.87 15.72
N ASN A 449 9.62 -26.36 16.27
CA ASN A 449 8.36 -26.37 15.58
C ASN A 449 8.42 -25.33 14.46
N LEU A 450 7.36 -25.23 13.67
CA LEU A 450 7.28 -24.25 12.60
C LEU A 450 7.23 -22.84 13.19
N ILE A 451 6.44 -22.68 14.25
CA ILE A 451 6.21 -21.42 14.93
C ILE A 451 5.75 -21.70 16.37
N SER A 452 5.99 -20.77 17.30
CA SER A 452 5.69 -21.06 18.72
C SER A 452 4.21 -21.38 18.90
N ASP A 453 3.35 -20.64 18.21
CA ASP A 453 1.91 -20.79 18.35
C ASP A 453 1.33 -22.03 17.61
N ALA A 454 0.83 -22.98 18.39
CA ALA A 454 0.29 -24.25 17.88
C ALA A 454 -0.88 -24.06 16.93
N SER A 455 -1.78 -23.16 17.30
CA SER A 455 -2.92 -22.81 16.49
C SER A 455 -2.47 -22.20 15.13
N TYR A 456 -1.43 -21.35 15.12
CA TYR A 456 -0.85 -20.87 13.84
C TYR A 456 -0.28 -22.05 13.05
N GLU A 457 0.54 -22.86 13.69
CA GLU A 457 1.09 -24.04 13.02
C GLU A 457 0.02 -24.88 12.34
N GLU A 458 -1.10 -25.07 13.05
CA GLU A 458 -2.24 -25.83 12.51
C GLU A 458 -2.77 -25.23 11.21
N ARG A 459 -3.15 -23.96 11.24
CA ARG A 459 -3.68 -23.34 10.02
C ARG A 459 -2.61 -23.23 8.93
N ALA A 460 -1.33 -23.10 9.33
CA ALA A 460 -0.18 -23.08 8.40
C ALA A 460 0.12 -24.41 7.65
N THR A 461 -0.38 -25.51 8.17
CA THR A 461 -0.07 -26.85 7.71
C THR A 461 -1.32 -27.63 7.29
N MET A 462 -2.38 -26.92 6.90
CA MET A 462 -3.63 -27.59 6.49
C MET A 462 -3.47 -28.23 5.11
N PHE A 463 -4.51 -28.93 4.67
CA PHE A 463 -4.49 -29.69 3.42
C PHE A 463 -3.39 -30.78 3.41
N GLY A 464 -3.23 -31.46 4.53
CA GLY A 464 -2.31 -32.60 4.62
C GLY A 464 -0.83 -32.27 4.71
N ARG A 465 -0.48 -31.06 5.15
CA ARG A 465 0.92 -30.65 5.32
C ARG A 465 1.40 -30.60 6.77
N SER A 466 0.75 -31.32 7.69
CA SER A 466 1.19 -31.36 9.07
C SER A 466 2.68 -31.70 9.17
N LEU A 467 3.37 -31.05 10.10
CA LEU A 467 4.71 -31.46 10.51
C LEU A 467 4.64 -32.48 11.63
N ASN A 468 3.44 -32.91 11.97
CA ASN A 468 3.25 -33.86 13.05
C ASN A 468 3.84 -33.34 14.35
N ARG A 469 3.65 -32.04 14.58
CA ARG A 469 4.02 -31.38 15.83
C ARG A 469 3.53 -32.23 16.97
N ASP A 470 4.40 -32.50 17.92
CA ASP A 470 4.10 -33.37 19.05
C ASP A 470 4.08 -32.54 20.33
N ASN A 471 4.06 -33.20 21.49
CA ASN A 471 4.11 -32.52 22.78
C ASN A 471 5.49 -32.29 23.40
N ARG A 472 6.53 -32.31 22.57
CA ARG A 472 7.83 -31.96 23.07
C ARG A 472 7.94 -30.48 23.37
N THR A 473 8.79 -30.13 24.31
CA THR A 473 9.06 -28.74 24.60
C THR A 473 10.00 -28.16 23.54
N ASP A 474 10.01 -26.84 23.44
CA ASP A 474 11.00 -26.15 22.62
C ASP A 474 12.41 -26.52 23.10
N GLU A 475 12.60 -26.63 24.40
CA GLU A 475 13.89 -27.07 24.97
C GLU A 475 14.30 -28.49 24.49
N GLN A 476 13.36 -29.43 24.49
CA GLN A 476 13.66 -30.80 24.05
C GLN A 476 14.13 -30.75 22.59
N LEU A 477 13.37 -30.04 21.75
CA LEU A 477 13.66 -29.99 20.34
C LEU A 477 15.02 -29.35 20.13
N LEU A 478 15.24 -28.22 20.79
CA LEU A 478 16.51 -27.50 20.66
C LEU A 478 17.73 -28.30 21.14
N ASN A 479 17.64 -28.87 22.33
CA ASN A 479 18.78 -29.64 22.88
C ASN A 479 19.18 -30.84 22.00
N GLU A 480 18.17 -31.54 21.46
CA GLU A 480 18.44 -32.63 20.54
C GLU A 480 19.19 -32.12 19.30
N ALA A 481 18.78 -30.97 18.78
CA ALA A 481 19.46 -30.35 17.63
C ALA A 481 20.91 -29.91 17.94
N LEU A 482 21.14 -29.39 19.13
CA LEU A 482 22.49 -28.97 19.52
C LEU A 482 23.46 -30.15 19.70
N THR A 483 22.97 -31.28 20.20
CA THR A 483 23.78 -32.50 20.29
C THR A 483 24.17 -32.99 18.88
N VAL A 484 23.23 -32.97 17.95
CA VAL A 484 23.55 -33.22 16.55
C VAL A 484 24.60 -32.25 16.00
N ALA A 485 24.39 -30.96 16.20
CA ALA A 485 25.18 -29.91 15.56
C ALA A 485 26.61 -29.95 16.01
N ASN A 486 26.80 -30.09 17.33
CA ASN A 486 28.14 -30.22 17.90
C ASN A 486 28.95 -31.47 17.52
N GLN A 487 28.30 -32.49 16.99
CA GLN A 487 29.00 -33.65 16.39
C GLN A 487 29.20 -33.55 14.88
N SER A 488 28.73 -32.49 14.25
CA SER A 488 28.64 -32.43 12.79
C SER A 488 29.77 -31.59 12.18
N ASP A 489 30.13 -31.90 10.94
CA ASP A 489 31.10 -31.08 10.17
C ASP A 489 30.49 -29.86 9.48
N ILE A 490 29.24 -30.00 9.03
CA ILE A 490 28.49 -28.89 8.45
C ILE A 490 27.02 -29.04 8.85
N ILE A 491 26.32 -27.90 8.94
CA ILE A 491 24.91 -27.88 9.31
C ILE A 491 24.08 -27.36 8.13
N ILE A 492 23.10 -28.15 7.72
CA ILE A 492 22.11 -27.73 6.73
C ILE A 492 20.86 -27.36 7.52
N ALA A 493 20.58 -26.05 7.61
CA ALA A 493 19.48 -25.53 8.40
C ALA A 493 18.31 -25.38 7.43
N ALA A 494 17.30 -26.24 7.58
CA ALA A 494 16.18 -26.33 6.65
C ALA A 494 14.99 -25.62 7.28
N LEU A 495 14.84 -24.34 6.95
CA LEU A 495 13.97 -23.41 7.68
C LEU A 495 13.17 -22.61 6.67
N GLY A 496 12.12 -21.98 7.19
CA GLY A 496 11.28 -21.08 6.40
C GLY A 496 9.80 -21.33 6.62
N GLU A 497 9.06 -21.23 5.52
CA GLU A 497 7.62 -21.41 5.54
C GLU A 497 7.26 -22.88 5.37
N SER A 498 6.12 -23.26 5.92
CA SER A 498 5.39 -24.43 5.46
C SER A 498 4.74 -24.02 4.14
N SER A 499 4.38 -25.00 3.34
CA SER A 499 3.89 -24.68 2.00
C SER A 499 2.59 -23.89 2.04
N GLU A 500 1.73 -24.13 3.04
CA GLU A 500 0.42 -23.44 3.13
C GLU A 500 0.43 -22.13 3.98
N MET A 501 1.62 -21.61 4.22
CA MET A 501 1.80 -20.23 4.65
C MET A 501 1.74 -19.30 3.46
N SER A 502 1.79 -19.85 2.23
CA SER A 502 1.45 -19.10 1.02
C SER A 502 0.26 -19.79 0.33
N GLY A 503 -0.06 -19.37 -0.89
CA GLY A 503 -1.27 -19.83 -1.59
C GLY A 503 -2.41 -18.88 -1.30
N GLU A 504 -3.62 -19.41 -1.51
CA GLU A 504 -4.83 -18.61 -1.37
C GLU A 504 -5.17 -18.49 0.10
N SER A 505 -5.62 -17.30 0.47
CA SER A 505 -6.03 -17.00 1.82
C SER A 505 -4.93 -17.32 2.85
N SER A 506 -3.70 -16.99 2.48
CA SER A 506 -2.52 -17.14 3.32
C SER A 506 -1.71 -15.84 3.24
N SER A 507 -2.28 -14.76 3.74
CA SER A 507 -1.58 -13.47 3.79
C SER A 507 -0.86 -13.33 5.13
N ARG A 508 0.33 -12.74 5.12
CA ARG A 508 1.11 -12.48 6.36
C ARG A 508 1.40 -11.00 6.50
N THR A 509 1.32 -10.52 7.73
CA THR A 509 1.68 -9.16 8.11
C THR A 509 3.14 -9.08 8.64
N ASP A 510 3.70 -10.23 9.03
CA ASP A 510 5.13 -10.35 9.30
C ASP A 510 5.76 -11.33 8.28
N LEU A 511 6.92 -10.99 7.74
CA LEU A 511 7.59 -11.79 6.70
C LEU A 511 8.94 -12.40 7.11
N ASN A 512 9.11 -12.62 8.41
N ASN A 512 9.12 -12.64 8.40
CA ASN A 512 10.33 -13.22 8.95
CA ASN A 512 10.35 -13.21 8.91
C ASN A 512 10.27 -14.73 8.81
C ASN A 512 10.27 -14.72 8.86
N ILE A 513 11.43 -15.36 8.98
CA ILE A 513 11.47 -16.76 9.38
C ILE A 513 10.79 -16.80 10.78
N PRO A 514 9.81 -17.69 10.98
CA PRO A 514 9.07 -17.69 12.25
C PRO A 514 9.92 -17.78 13.53
N ASP A 515 9.41 -17.19 14.61
CA ASP A 515 10.14 -17.01 15.87
C ASP A 515 11.03 -18.21 16.32
N VAL A 516 10.46 -19.39 16.51
CA VAL A 516 11.25 -20.53 17.04
C VAL A 516 12.31 -21.06 16.07
N GLN A 517 12.08 -20.93 14.77
CA GLN A 517 13.09 -21.28 13.76
C GLN A 517 14.27 -20.32 13.74
N GLN A 518 13.97 -19.02 13.94
CA GLN A 518 15.02 -18.03 13.97
C GLN A 518 15.85 -18.19 15.22
N ASN A 519 15.21 -18.57 16.33
CA ASN A 519 15.95 -18.88 17.54
C ASN A 519 16.86 -20.10 17.34
N LEU A 520 16.32 -21.11 16.65
CA LEU A 520 17.09 -22.31 16.31
C LEU A 520 18.30 -21.92 15.48
N LEU A 521 18.06 -21.10 14.47
CA LEU A 521 19.13 -20.62 13.62
C LEU A 521 20.28 -19.96 14.41
N LYS A 522 19.91 -19.07 15.32
CA LYS A 522 20.85 -18.37 16.21
C LYS A 522 21.72 -19.35 16.97
N GLU A 523 21.06 -20.29 17.63
CA GLU A 523 21.73 -21.31 18.41
C GLU A 523 22.66 -22.21 17.60
N LEU A 524 22.27 -22.55 16.37
CA LEU A 524 23.12 -23.36 15.51
C LEU A 524 24.34 -22.55 15.10
N LEU A 525 24.13 -21.27 14.79
CA LEU A 525 25.24 -20.38 14.45
C LEU A 525 26.24 -20.24 15.61
N LYS A 526 25.70 -20.10 16.82
CA LYS A 526 26.52 -20.08 18.05
C LYS A 526 27.39 -21.29 18.31
N THR A 527 27.10 -22.43 17.70
CA THR A 527 27.95 -23.62 17.86
C THR A 527 29.33 -23.42 17.25
N GLY A 528 29.44 -22.51 16.28
CA GLY A 528 30.68 -22.33 15.54
C GLY A 528 30.84 -23.27 14.36
N LYS A 529 30.01 -24.32 14.26
CA LYS A 529 30.01 -25.14 13.06
C LYS A 529 29.50 -24.30 11.86
N PRO A 530 30.00 -24.59 10.65
CA PRO A 530 29.50 -23.88 9.46
C PRO A 530 28.00 -24.19 9.19
N VAL A 531 27.20 -23.14 8.96
CA VAL A 531 25.78 -23.26 8.71
C VAL A 531 25.41 -22.77 7.31
N VAL A 532 24.65 -23.62 6.61
CA VAL A 532 23.99 -23.29 5.32
C VAL A 532 22.50 -23.19 5.58
N LEU A 533 21.93 -22.01 5.34
CA LEU A 533 20.47 -21.82 5.38
C LEU A 533 19.88 -22.26 4.06
N VAL A 534 19.15 -23.38 4.10
CA VAL A 534 18.34 -23.81 2.95
C VAL A 534 16.95 -23.31 3.25
N LEU A 535 16.56 -22.25 2.54
CA LEU A 535 15.36 -21.49 2.84
C LEU A 535 14.20 -21.94 1.96
N PHE A 536 13.17 -22.50 2.63
CA PHE A 536 11.91 -22.83 1.99
C PHE A 536 10.95 -21.65 2.15
N THR A 537 10.34 -21.21 1.04
CA THR A 537 9.43 -20.06 1.07
C THR A 537 8.55 -19.94 -0.17
N GLY A 538 7.36 -19.38 0.01
CA GLY A 538 6.45 -19.08 -1.10
C GLY A 538 6.45 -17.62 -1.53
N ARG A 539 7.31 -16.81 -0.92
CA ARG A 539 7.26 -15.34 -1.02
C ARG A 539 8.58 -14.74 -0.60
N PRO A 540 8.81 -13.49 -1.00
CA PRO A 540 9.83 -12.70 -0.34
C PRO A 540 9.66 -12.67 1.20
N LEU A 541 10.77 -12.86 1.89
CA LEU A 541 10.87 -12.72 3.34
C LEU A 541 11.85 -11.60 3.64
N THR A 542 11.69 -11.05 4.83
CA THR A 542 12.56 -10.04 5.41
C THR A 542 13.75 -10.73 6.12
N LEU A 543 14.90 -10.72 5.46
CA LEU A 543 16.08 -11.53 5.81
C LEU A 543 17.37 -10.74 6.14
N THR A 544 17.25 -9.52 6.63
CA THR A 544 18.44 -8.68 6.95
C THR A 544 19.33 -9.31 8.02
N TRP A 545 18.71 -9.87 9.06
CA TRP A 545 19.46 -10.52 10.11
C TRP A 545 20.23 -11.74 9.53
N GLU A 546 19.56 -12.51 8.68
CA GLU A 546 20.14 -13.71 8.10
C GLU A 546 21.27 -13.35 7.13
N GLN A 547 21.08 -12.29 6.35
CA GLN A 547 22.11 -11.81 5.41
C GLN A 547 23.37 -11.34 6.16
N GLU A 548 23.17 -10.78 7.35
CA GLU A 548 24.27 -10.37 8.23
C GLU A 548 25.03 -11.55 8.89
N HIS A 549 24.32 -12.61 9.29
CA HIS A 549 24.93 -13.63 10.17
C HIS A 549 25.17 -15.02 9.59
N VAL A 550 24.41 -15.40 8.57
CA VAL A 550 24.54 -16.74 7.98
C VAL A 550 25.55 -16.69 6.82
N PRO A 551 26.55 -17.59 6.80
CA PRO A 551 27.51 -17.58 5.70
C PRO A 551 26.95 -17.82 4.30
N ALA A 552 26.02 -18.78 4.20
CA ALA A 552 25.41 -19.18 2.91
C ALA A 552 23.91 -19.33 3.01
N ILE A 553 23.19 -18.73 2.07
CA ILE A 553 21.73 -18.74 2.00
C ILE A 553 21.36 -19.18 0.60
N LEU A 554 20.70 -20.33 0.50
CA LEU A 554 20.14 -20.82 -0.75
C LEU A 554 18.62 -20.82 -0.64
N ASN A 555 17.98 -19.95 -1.44
CA ASN A 555 16.54 -19.89 -1.53
C ASN A 555 16.09 -21.01 -2.48
N VAL A 556 15.42 -22.02 -1.91
CA VAL A 556 14.91 -23.15 -2.71
C VAL A 556 13.39 -23.09 -2.95
N TRP A 557 12.73 -22.00 -2.53
CA TRP A 557 11.30 -21.79 -2.74
C TRP A 557 10.58 -23.03 -2.22
N PHE A 558 9.72 -23.62 -3.05
CA PHE A 558 9.27 -25.01 -2.89
C PHE A 558 9.53 -25.69 -4.22
N GLY A 559 10.49 -26.60 -4.22
CA GLY A 559 11.03 -27.20 -5.46
C GLY A 559 10.20 -28.24 -6.20
N GLY A 560 9.12 -28.69 -5.58
CA GLY A 560 8.26 -29.73 -6.11
C GLY A 560 8.53 -31.09 -5.49
N SER A 561 8.05 -32.13 -6.16
CA SER A 561 8.13 -33.51 -5.66
C SER A 561 9.57 -34.03 -5.61
N GLU A 562 10.43 -33.50 -6.46
CA GLU A 562 11.83 -33.90 -6.51
C GLU A 562 12.78 -32.88 -5.88
N ALA A 563 12.24 -31.94 -5.09
CA ALA A 563 13.02 -30.84 -4.44
C ALA A 563 14.27 -31.32 -3.73
N ALA A 564 14.09 -32.38 -2.92
CA ALA A 564 15.15 -32.96 -2.10
C ALA A 564 16.38 -33.33 -2.90
N TYR A 565 16.16 -33.97 -4.04
CA TYR A 565 17.27 -34.38 -4.89
C TYR A 565 17.91 -33.17 -5.55
N ALA A 566 17.08 -32.25 -6.05
CA ALA A 566 17.60 -31.01 -6.64
C ALA A 566 18.43 -30.22 -5.63
N ILE A 567 18.01 -30.22 -4.37
CA ILE A 567 18.75 -29.51 -3.32
C ILE A 567 20.13 -30.14 -3.14
N GLY A 568 20.17 -31.48 -3.09
CA GLY A 568 21.42 -32.20 -3.10
C GLY A 568 22.29 -31.86 -4.29
N ASP A 569 21.69 -31.77 -5.47
CA ASP A 569 22.43 -31.37 -6.68
C ASP A 569 23.15 -30.03 -6.51
N ALA A 570 22.45 -29.07 -5.92
CA ALA A 570 23.02 -27.75 -5.67
C ALA A 570 24.08 -27.80 -4.57
N LEU A 571 23.76 -28.41 -3.43
CA LEU A 571 24.69 -28.40 -2.27
C LEU A 571 26.01 -29.11 -2.60
N PHE A 572 25.93 -30.21 -3.33
CA PHE A 572 27.12 -30.95 -3.71
C PHE A 572 27.78 -30.48 -5.00
N GLY A 573 27.22 -29.49 -5.71
CA GLY A 573 27.90 -28.95 -6.90
C GLY A 573 27.73 -29.70 -8.22
N TYR A 574 26.74 -30.58 -8.29
CA TYR A 574 26.31 -31.19 -9.54
C TYR A 574 25.61 -30.19 -10.45
N VAL A 575 24.96 -29.19 -9.85
CA VAL A 575 24.36 -28.06 -10.55
C VAL A 575 24.88 -26.78 -9.90
N ASN A 576 25.27 -25.82 -10.71
CA ASN A 576 25.67 -24.49 -10.24
C ASN A 576 24.44 -23.57 -10.23
N PRO A 577 24.02 -23.07 -9.05
CA PRO A 577 22.83 -22.22 -9.04
C PRO A 577 22.92 -21.04 -10.01
N GLY A 578 21.86 -20.82 -10.76
CA GLY A 578 21.77 -19.65 -11.63
C GLY A 578 20.40 -19.00 -11.64
N GLY A 579 19.61 -19.23 -10.61
CA GLY A 579 18.34 -18.53 -10.48
C GLY A 579 18.52 -17.04 -10.21
N LYS A 580 17.55 -16.24 -10.67
CA LYS A 580 17.51 -14.81 -10.34
C LYS A 580 16.12 -14.45 -9.87
N LEU A 581 16.07 -13.61 -8.83
CA LEU A 581 14.80 -13.15 -8.29
C LEU A 581 13.92 -12.43 -9.29
N THR A 582 12.63 -12.71 -9.22
CA THR A 582 11.59 -12.00 -10.01
C THR A 582 10.67 -11.10 -9.16
N MET A 583 10.91 -11.08 -7.85
CA MET A 583 10.23 -10.18 -6.94
C MET A 583 11.22 -9.67 -5.89
N SER A 584 11.17 -8.36 -5.67
CA SER A 584 11.97 -7.65 -4.68
C SER A 584 11.81 -8.21 -3.27
N PHE A 585 12.93 -8.38 -2.57
CA PHE A 585 12.93 -8.78 -1.13
C PHE A 585 13.13 -7.53 -0.25
N PRO A 586 12.08 -7.05 0.46
CA PRO A 586 12.27 -5.84 1.26
C PRO A 586 13.09 -6.09 2.53
N LYS A 587 13.64 -5.01 3.08
CA LYS A 587 14.29 -5.04 4.39
C LYS A 587 13.25 -5.13 5.51
N ASN A 588 12.11 -4.49 5.33
CA ASN A 588 11.01 -4.65 6.28
C ASN A 588 9.66 -4.41 5.61
N VAL A 589 8.59 -4.83 6.26
N VAL A 589 8.61 -4.83 6.29
CA VAL A 589 7.24 -4.67 5.70
CA VAL A 589 7.22 -4.70 5.85
C VAL A 589 6.77 -3.21 5.59
C VAL A 589 6.78 -3.24 5.62
N GLY A 590 7.34 -2.34 6.41
CA GLY A 590 7.10 -0.90 6.28
C GLY A 590 7.62 -0.22 5.02
N GLN A 591 8.49 -0.89 4.24
CA GLN A 591 8.85 -0.40 2.90
C GLN A 591 7.88 -0.77 1.78
N ILE A 592 6.92 -1.64 2.05
CA ILE A 592 6.00 -2.11 1.02
C ILE A 592 5.08 -0.97 0.52
N PRO A 593 4.93 -0.81 -0.80
CA PRO A 593 5.50 -1.69 -1.82
C PRO A 593 6.84 -1.23 -2.33
N LEU A 594 7.72 -2.19 -2.56
N LEU A 594 7.79 -2.16 -2.45
CA LEU A 594 9.05 -1.94 -3.08
CA LEU A 594 9.04 -1.89 -3.15
C LEU A 594 9.21 -2.68 -4.39
C LEU A 594 9.00 -2.62 -4.45
N TYR A 595 9.52 -1.95 -5.47
CA TYR A 595 9.62 -2.56 -6.79
C TYR A 595 10.62 -1.78 -7.61
N TYR A 596 11.34 -2.47 -8.49
CA TYR A 596 12.42 -1.83 -9.21
C TYR A 596 11.89 -0.79 -10.22
N ALA A 597 10.73 -1.02 -10.85
CA ALA A 597 10.29 -0.15 -11.98
C ALA A 597 9.45 1.03 -11.49
N HIS A 598 10.02 1.80 -10.59
CA HIS A 598 9.33 2.88 -9.91
C HIS A 598 9.64 4.22 -10.59
N LYS A 599 8.80 5.21 -10.28
CA LYS A 599 9.00 6.57 -10.75
C LYS A 599 10.13 7.25 -9.98
N ASN A 600 10.70 8.28 -10.58
CA ASN A 600 11.77 9.00 -9.92
C ASN A 600 11.32 9.85 -8.72
N THR A 601 10.06 10.29 -8.73
CA THR A 601 9.55 11.35 -7.84
C THR A 601 10.19 12.70 -8.16
N GLY A 602 9.65 13.76 -7.57
CA GLY A 602 10.28 15.07 -7.68
C GLY A 602 11.52 15.29 -6.82
N ARG A 603 11.78 14.38 -5.88
CA ARG A 603 12.85 14.55 -4.89
C ARG A 603 13.58 13.25 -4.63
N PRO A 604 14.15 12.65 -5.69
CA PRO A 604 14.86 11.38 -5.54
C PRO A 604 16.07 11.51 -4.63
N LEU A 605 16.28 10.51 -3.78
CA LEU A 605 17.47 10.41 -2.94
C LEU A 605 18.59 9.89 -3.83
N ALA A 606 19.69 10.62 -3.94
CA ALA A 606 20.83 10.18 -4.75
C ALA A 606 21.47 8.96 -4.13
N GLN A 607 21.99 8.05 -4.94
CA GLN A 607 22.60 6.83 -4.41
C GLN A 607 23.70 7.14 -3.38
N GLY A 608 23.74 6.33 -2.33
CA GLY A 608 24.62 6.52 -1.21
C GLY A 608 24.34 7.68 -0.27
N LYS A 609 23.27 8.46 -0.48
CA LYS A 609 23.00 9.64 0.38
C LYS A 609 21.99 9.45 1.51
N TRP A 610 21.50 8.22 1.74
CA TRP A 610 20.60 8.01 2.87
C TRP A 610 21.38 8.33 4.17
N PHE A 611 20.91 9.15 5.11
CA PHE A 611 19.62 9.81 5.12
C PHE A 611 19.83 11.25 4.69
N GLU A 612 18.89 11.80 3.93
CA GLU A 612 18.94 13.21 3.59
C GLU A 612 17.56 13.83 3.80
N LYS A 613 17.49 14.82 4.68
CA LYS A 613 16.25 15.55 4.92
C LYS A 613 15.78 16.28 3.65
N PHE A 614 14.48 16.25 3.43
CA PHE A 614 13.81 16.82 2.23
C PHE A 614 14.03 16.06 0.91
N ARG A 615 14.54 14.82 0.98
CA ARG A 615 14.44 13.85 -0.13
C ARG A 615 13.41 12.76 0.18
N SER A 616 12.97 12.05 -0.86
CA SER A 616 12.01 10.95 -0.68
C SER A 616 12.76 9.76 -0.06
N ASN A 617 12.69 9.69 1.27
CA ASN A 617 13.36 8.67 2.07
C ASN A 617 12.77 8.58 3.48
N TYR A 618 13.04 7.48 4.17
CA TYR A 618 12.50 7.23 5.50
C TYR A 618 13.53 7.57 6.57
N LEU A 619 13.06 7.87 7.78
CA LEU A 619 13.96 8.11 8.91
C LEU A 619 14.76 6.89 9.37
N ASP A 620 14.23 5.68 9.15
CA ASP A 620 14.74 4.49 9.85
C ASP A 620 15.35 3.37 9.01
N VAL A 621 15.35 3.51 7.69
CA VAL A 621 15.89 2.51 6.78
C VAL A 621 16.03 3.22 5.44
N ASP A 622 16.94 2.76 4.59
CA ASP A 622 17.09 3.35 3.25
C ASP A 622 15.96 2.87 2.34
N ASN A 623 16.01 3.30 1.08
CA ASN A 623 14.93 2.99 0.15
C ASN A 623 15.05 1.61 -0.52
N GLU A 624 16.11 0.86 -0.25
CA GLU A 624 16.47 -0.28 -1.07
C GLU A 624 15.92 -1.62 -0.54
N PRO A 625 15.54 -2.54 -1.45
CA PRO A 625 15.29 -3.91 -0.98
C PRO A 625 16.60 -4.55 -0.51
N LEU A 626 16.52 -5.54 0.39
CA LEU A 626 17.72 -6.37 0.70
C LEU A 626 18.29 -7.00 -0.57
N TYR A 627 17.42 -7.61 -1.37
CA TYR A 627 17.83 -8.21 -2.64
C TYR A 627 16.92 -7.64 -3.73
N PRO A 628 17.51 -7.03 -4.78
CA PRO A 628 16.69 -6.42 -5.84
C PRO A 628 16.17 -7.41 -6.85
N PHE A 629 15.16 -6.97 -7.61
CA PHE A 629 14.72 -7.70 -8.80
C PHE A 629 15.92 -8.10 -9.65
N GLY A 630 15.91 -9.34 -10.10
CA GLY A 630 17.00 -9.91 -10.91
C GLY A 630 18.24 -10.36 -10.16
N TYR A 631 18.22 -10.29 -8.83
CA TYR A 631 19.38 -10.66 -8.01
C TYR A 631 19.57 -12.16 -7.97
N GLY A 632 20.81 -12.57 -8.09
CA GLY A 632 21.14 -13.97 -7.82
C GLY A 632 22.60 -14.27 -8.10
N LEU A 633 23.18 -15.11 -7.24
CA LEU A 633 24.60 -15.45 -7.32
C LEU A 633 24.82 -16.78 -7.98
N SER A 634 26.10 -17.10 -8.12
CA SER A 634 26.56 -18.34 -8.74
C SER A 634 27.78 -18.81 -7.98
N TYR A 635 28.16 -20.06 -8.20
CA TYR A 635 29.45 -20.57 -7.72
C TYR A 635 30.63 -19.98 -8.45
N THR A 636 30.36 -19.28 -9.54
CA THR A 636 31.37 -18.47 -10.19
C THR A 636 30.95 -17.01 -10.17
N THR A 637 31.76 -16.17 -10.82
CA THR A 637 31.48 -14.76 -11.00
C THR A 637 31.56 -14.40 -12.49
N PHE A 638 30.84 -13.35 -12.87
CA PHE A 638 30.81 -12.86 -14.24
C PHE A 638 31.12 -11.39 -14.23
N SER A 639 31.93 -10.93 -15.19
CA SER A 639 32.24 -9.52 -15.29
C SER A 639 31.70 -9.01 -16.62
N TYR A 640 31.34 -7.74 -16.66
CA TYR A 640 30.67 -7.13 -17.81
C TYR A 640 31.59 -6.02 -18.33
N GLY A 641 31.89 -6.03 -19.63
CA GLY A 641 32.55 -4.88 -20.28
C GLY A 641 31.57 -3.72 -20.44
N ASP A 642 32.02 -2.65 -21.08
CA ASP A 642 31.11 -1.52 -21.34
C ASP A 642 30.19 -1.87 -22.48
N ILE A 643 29.07 -1.16 -22.54
CA ILE A 643 28.06 -1.45 -23.56
C ILE A 643 28.44 -0.77 -24.86
N ASP A 644 28.29 -1.50 -25.95
CA ASP A 644 28.50 -0.96 -27.28
C ASP A 644 27.17 -0.86 -27.99
N LEU A 645 26.75 0.36 -28.28
CA LEU A 645 25.55 0.60 -29.08
C LEU A 645 25.94 0.73 -30.55
N SER A 646 25.26 0.02 -31.45
CA SER A 646 25.55 0.09 -32.90
C SER A 646 25.29 1.46 -33.51
N ARG A 647 24.41 2.24 -32.90
CA ARG A 647 24.25 3.65 -33.25
C ARG A 647 23.64 4.41 -32.09
N SER A 648 23.86 5.71 -32.14
CA SER A 648 23.53 6.62 -31.05
C SER A 648 22.22 7.37 -31.29
N THR A 649 21.79 7.44 -32.54
CA THR A 649 20.52 8.06 -32.90
C THR A 649 19.76 7.21 -33.93
N ILE A 650 18.49 6.91 -33.64
CA ILE A 650 17.59 6.30 -34.62
C ILE A 650 16.29 7.08 -34.69
N ASP A 651 15.48 6.76 -35.70
CA ASP A 651 14.10 7.25 -35.77
C ASP A 651 13.10 6.09 -35.62
N MET A 652 11.80 6.41 -35.76
CA MET A 652 10.75 5.41 -35.52
C MET A 652 10.88 4.21 -36.45
N THR A 653 11.52 4.38 -37.61
CA THR A 653 11.66 3.30 -38.61
C THR A 653 12.86 2.42 -38.38
N GLY A 654 13.70 2.78 -37.40
CA GLY A 654 15.01 2.19 -37.26
C GLY A 654 15.10 1.15 -36.17
N GLU A 655 16.33 0.77 -35.90
CA GLU A 655 16.67 -0.21 -34.85
C GLU A 655 18.13 0.03 -34.55
N LEU A 656 18.55 -0.41 -33.37
CA LEU A 656 19.98 -0.49 -33.02
C LEU A 656 20.21 -1.78 -32.22
N THR A 657 21.48 -2.04 -31.95
CA THR A 657 21.90 -3.24 -31.24
C THR A 657 22.71 -2.79 -30.02
N ALA A 658 22.36 -3.28 -28.84
CA ALA A 658 23.18 -3.07 -27.64
C ALA A 658 23.96 -4.35 -27.32
N ALA A 659 25.27 -4.21 -27.14
CA ALA A 659 26.20 -5.34 -27.00
C ALA A 659 27.13 -5.18 -25.81
N VAL A 660 27.29 -6.27 -25.06
CA VAL A 660 28.16 -6.27 -23.90
C VAL A 660 28.93 -7.58 -23.88
N MET A 661 30.22 -7.51 -23.53
CA MET A 661 31.01 -8.72 -23.30
C MET A 661 30.80 -9.18 -21.85
N VAL A 662 30.50 -10.46 -21.69
CA VAL A 662 30.33 -11.07 -20.37
C VAL A 662 31.36 -12.19 -20.26
N THR A 663 32.17 -12.14 -19.20
CA THR A 663 33.25 -13.11 -18.99
C THR A 663 33.06 -13.86 -17.69
N ASN A 664 33.27 -15.18 -17.75
CA ASN A 664 33.33 -16.01 -16.54
C ASN A 664 34.71 -15.85 -15.92
N THR A 665 34.77 -14.99 -14.90
CA THR A 665 36.00 -14.68 -14.19
C THR A 665 36.30 -15.57 -12.97
N GLY A 666 35.51 -16.63 -12.75
CA GLY A 666 35.71 -17.53 -11.61
C GLY A 666 36.16 -18.90 -12.04
N THR A 667 36.02 -19.88 -11.14
CA THR A 667 36.60 -21.23 -11.32
C THR A 667 35.59 -22.28 -11.71
N TRP A 668 34.31 -21.92 -11.79
CA TRP A 668 33.24 -22.88 -12.04
C TRP A 668 32.50 -22.56 -13.34
N PRO A 669 32.16 -23.60 -14.14
CA PRO A 669 31.24 -23.33 -15.26
C PRO A 669 29.86 -23.00 -14.67
N GLY A 670 29.11 -22.14 -15.34
CA GLY A 670 27.85 -21.69 -14.79
C GLY A 670 27.06 -20.82 -15.73
N SER A 671 25.76 -20.73 -15.45
CA SER A 671 24.87 -19.88 -16.24
C SER A 671 24.67 -18.50 -15.58
N GLU A 672 24.61 -17.47 -16.44
CA GLU A 672 24.32 -16.11 -16.05
C GLU A 672 23.10 -15.63 -16.81
N VAL A 673 22.19 -14.92 -16.12
CA VAL A 673 21.03 -14.27 -16.74
C VAL A 673 21.36 -12.80 -16.98
N VAL A 674 21.66 -12.49 -18.23
CA VAL A 674 22.04 -11.16 -18.63
C VAL A 674 20.75 -10.40 -18.87
N GLN A 675 20.58 -9.27 -18.20
CA GLN A 675 19.29 -8.57 -18.17
C GLN A 675 19.36 -7.20 -18.81
N LEU A 676 18.43 -6.93 -19.73
CA LEU A 676 18.34 -5.66 -20.44
C LEU A 676 17.27 -4.77 -19.83
N TYR A 677 17.65 -3.57 -19.43
CA TYR A 677 16.71 -2.58 -18.88
C TYR A 677 16.75 -1.30 -19.71
N ILE A 678 15.59 -0.66 -19.86
CA ILE A 678 15.52 0.60 -20.60
C ILE A 678 14.84 1.63 -19.73
N ARG A 679 15.40 2.84 -19.75
CA ARG A 679 14.82 4.01 -19.14
C ARG A 679 14.53 5.05 -20.20
N ASP A 680 13.25 5.38 -20.32
CA ASP A 680 12.79 6.52 -21.08
C ASP A 680 12.95 7.74 -20.17
N LEU A 681 13.95 8.56 -20.47
CA LEU A 681 14.37 9.61 -19.54
C LEU A 681 13.33 10.72 -19.29
N VAL A 682 12.69 11.19 -20.35
CA VAL A 682 11.69 12.25 -20.23
C VAL A 682 10.41 11.74 -20.85
N GLY A 683 9.26 12.05 -20.26
CA GLY A 683 8.00 11.68 -20.88
C GLY A 683 6.98 12.79 -20.77
N SER A 684 5.90 12.68 -21.53
CA SER A 684 4.72 13.53 -21.30
C SER A 684 4.06 13.17 -19.96
N THR A 685 4.20 11.90 -19.58
CA THR A 685 3.95 11.46 -18.20
C THR A 685 5.27 10.93 -17.60
N THR A 686 5.33 10.86 -16.28
CA THR A 686 6.54 10.37 -15.62
C THR A 686 6.73 8.89 -15.99
N ARG A 687 7.98 8.51 -16.22
CA ARG A 687 8.32 7.17 -16.66
C ARG A 687 9.18 6.48 -15.62
N PRO A 688 9.10 5.13 -15.55
CA PRO A 688 9.88 4.43 -14.52
C PRO A 688 11.39 4.56 -14.73
N VAL A 689 12.16 4.46 -13.66
CA VAL A 689 13.62 4.62 -13.76
C VAL A 689 14.28 3.49 -14.56
N LYS A 690 13.61 2.34 -14.61
CA LYS A 690 13.90 1.31 -15.61
C LYS A 690 12.76 0.31 -15.74
N GLU A 691 12.81 -0.45 -16.83
CA GLU A 691 11.89 -1.51 -17.13
C GLU A 691 12.65 -2.60 -17.87
N LEU A 692 12.46 -3.84 -17.43
CA LEU A 692 13.03 -5.00 -18.12
C LEU A 692 12.48 -5.07 -19.54
N LYS A 693 13.38 -5.08 -20.54
CA LYS A 693 12.95 -5.17 -21.94
C LYS A 693 13.54 -6.33 -22.69
N GLY A 694 14.27 -7.20 -21.99
CA GLY A 694 14.94 -8.34 -22.58
C GLY A 694 15.85 -9.02 -21.57
N PHE A 695 16.21 -10.26 -21.87
CA PHE A 695 17.22 -11.00 -21.11
C PHE A 695 17.73 -12.09 -22.01
N GLN A 696 18.93 -12.57 -21.72
CA GLN A 696 19.46 -13.82 -22.27
C GLN A 696 20.20 -14.59 -21.20
N LYS A 697 19.87 -15.86 -21.06
CA LYS A 697 20.56 -16.76 -20.12
C LYS A 697 21.67 -17.48 -20.87
N ILE A 698 22.90 -17.21 -20.48
CA ILE A 698 24.09 -17.75 -21.15
C ILE A 698 24.78 -18.74 -20.21
N PHE A 699 25.45 -19.73 -20.80
CA PHE A 699 26.29 -20.67 -20.06
C PHE A 699 27.75 -20.46 -20.47
N LEU A 700 28.61 -20.29 -19.49
CA LEU A 700 30.03 -20.03 -19.72
C LEU A 700 30.91 -20.94 -18.85
N GLU A 701 31.96 -21.48 -19.47
CA GLU A 701 32.99 -22.25 -18.77
C GLU A 701 33.94 -21.26 -18.15
N PRO A 702 34.79 -21.70 -17.20
CA PRO A 702 35.75 -20.79 -16.60
C PRO A 702 36.62 -20.09 -17.63
N GLY A 703 36.83 -18.79 -17.49
CA GLY A 703 37.65 -18.04 -18.43
C GLY A 703 36.93 -17.60 -19.71
N GLN A 704 35.84 -18.25 -20.07
CA GLN A 704 35.15 -18.03 -21.34
C GLN A 704 34.42 -16.69 -21.39
N SER A 705 34.31 -16.15 -22.60
CA SER A 705 33.61 -14.89 -22.85
C SER A 705 32.53 -15.08 -23.90
N GLU A 706 31.58 -14.16 -23.90
CA GLU A 706 30.51 -14.14 -24.91
C GLU A 706 29.94 -12.74 -25.01
N ILE A 707 29.76 -12.28 -26.25
CA ILE A 707 29.20 -10.96 -26.52
C ILE A 707 27.69 -11.18 -26.62
N VAL A 708 26.96 -10.61 -25.66
CA VAL A 708 25.49 -10.70 -25.65
C VAL A 708 24.96 -9.48 -26.39
N ARG A 709 24.07 -9.68 -27.36
CA ARG A 709 23.53 -8.58 -28.19
C ARG A 709 22.04 -8.52 -28.05
N PHE A 710 21.51 -7.32 -27.85
CA PHE A 710 20.08 -7.07 -27.80
C PHE A 710 19.63 -6.11 -28.90
N LYS A 711 18.64 -6.54 -29.69
CA LYS A 711 18.00 -5.66 -30.64
C LYS A 711 17.12 -4.69 -29.86
N ILE A 712 17.29 -3.40 -30.09
CA ILE A 712 16.42 -2.35 -29.57
C ILE A 712 15.67 -1.67 -30.73
N ALA A 713 14.35 -1.81 -30.74
CA ALA A 713 13.50 -1.19 -31.76
C ALA A 713 12.48 -0.26 -31.10
N PRO A 714 12.13 0.85 -31.78
CA PRO A 714 11.10 1.77 -31.25
C PRO A 714 9.79 1.13 -30.74
N GLU A 715 9.37 0.00 -31.31
CA GLU A 715 8.19 -0.72 -30.79
C GLU A 715 8.33 -1.19 -29.30
N MET A 716 9.56 -1.47 -28.86
CA MET A 716 9.87 -1.86 -27.45
C MET A 716 9.82 -0.68 -26.47
N LEU A 717 9.90 0.53 -27.02
CA LEU A 717 9.96 1.76 -26.26
C LEU A 717 8.60 2.43 -26.05
N ARG A 718 7.53 1.76 -26.48
CA ARG A 718 6.17 2.27 -26.36
C ARG A 718 5.59 2.11 -24.95
N TYR A 719 4.72 3.04 -24.57
CA TYR A 719 3.96 2.93 -23.31
C TYR A 719 2.60 3.63 -23.47
N TYR A 720 1.69 3.37 -22.53
CA TYR A 720 0.38 3.99 -22.54
C TYR A 720 0.51 5.37 -21.92
N ASN A 721 0.27 6.38 -22.75
CA ASN A 721 0.41 7.77 -22.35
C ASN A 721 -0.80 8.23 -21.53
N TYR A 722 -0.90 9.53 -21.21
CA TYR A 722 -1.99 10.05 -20.35
C TYR A 722 -3.39 9.67 -20.85
N ASP A 723 -3.54 9.72 -22.17
CA ASP A 723 -4.79 9.45 -22.86
C ASP A 723 -4.94 7.97 -23.27
N LEU A 724 -4.14 7.09 -22.66
CA LEU A 724 -4.14 5.64 -22.90
C LEU A 724 -3.83 5.24 -24.34
N GLN A 725 -3.02 6.04 -25.01
CA GLN A 725 -2.53 5.73 -26.34
C GLN A 725 -1.15 5.06 -26.22
N LEU A 726 -1.03 3.86 -26.79
CA LEU A 726 0.25 3.14 -26.84
C LEU A 726 1.13 3.80 -27.90
N VAL A 727 2.11 4.57 -27.42
CA VAL A 727 3.03 5.32 -28.25
C VAL A 727 4.45 5.33 -27.71
N ALA A 728 5.39 5.53 -28.63
CA ALA A 728 6.77 5.89 -28.30
C ALA A 728 6.90 7.37 -28.57
N GLU A 729 7.58 8.09 -27.69
CA GLU A 729 7.82 9.52 -27.91
C GLU A 729 9.29 9.73 -28.22
N PRO A 730 9.61 10.71 -29.12
CA PRO A 730 11.02 11.04 -29.35
C PRO A 730 11.66 11.54 -28.08
N GLY A 731 12.96 11.36 -27.98
CA GLY A 731 13.71 11.80 -26.81
C GLY A 731 14.85 10.85 -26.53
N GLU A 732 15.48 11.06 -25.38
CA GLU A 732 16.64 10.28 -24.92
C GLU A 732 16.23 9.02 -24.17
N PHE A 733 17.01 7.96 -24.39
CA PHE A 733 16.83 6.68 -23.68
C PHE A 733 18.14 6.23 -23.06
N GLU A 734 18.05 5.48 -21.96
CA GLU A 734 19.21 4.89 -21.33
C GLU A 734 19.08 3.37 -21.39
N VAL A 735 20.09 2.72 -21.95
CA VAL A 735 20.15 1.28 -22.09
C VAL A 735 21.01 0.83 -20.94
N MET A 736 20.50 -0.11 -20.16
CA MET A 736 21.22 -0.67 -19.03
C MET A 736 21.26 -2.19 -19.18
N ILE A 737 22.43 -2.78 -18.95
CA ILE A 737 22.55 -4.23 -18.98
C ILE A 737 23.32 -4.65 -17.74
N GLY A 738 22.89 -5.75 -17.14
CA GLY A 738 23.64 -6.28 -16.01
C GLY A 738 23.09 -7.54 -15.40
N THR A 739 23.68 -7.86 -14.25
CA THR A 739 23.51 -9.13 -13.56
C THR A 739 22.27 -9.16 -12.65
N ASN A 740 21.73 -7.96 -12.41
CA ASN A 740 20.44 -7.75 -11.75
C ASN A 740 19.97 -6.33 -12.08
N SER A 741 18.80 -5.93 -11.58
CA SER A 741 18.28 -4.56 -11.83
C SER A 741 19.06 -3.41 -11.18
N ARG A 742 19.94 -3.72 -10.23
CA ARG A 742 20.71 -2.73 -9.50
C ARG A 742 22.09 -2.49 -10.11
N ASP A 743 22.80 -3.56 -10.41
CA ASP A 743 24.21 -3.51 -10.80
C ASP A 743 24.32 -3.61 -12.32
N VAL A 744 24.38 -2.46 -12.96
CA VAL A 744 24.23 -2.37 -14.42
C VAL A 744 25.22 -1.43 -15.06
N LYS A 745 25.64 -1.77 -16.27
CA LYS A 745 26.31 -0.83 -17.16
C LYS A 745 25.30 -0.05 -17.97
N SER A 746 25.71 1.14 -18.40
CA SER A 746 24.84 2.14 -19.01
C SER A 746 25.36 2.65 -20.35
N ALA A 747 24.43 2.95 -21.26
CA ALA A 747 24.71 3.76 -22.45
C ALA A 747 23.44 4.45 -22.88
N ARG A 748 23.59 5.53 -23.65
CA ARG A 748 22.47 6.39 -24.02
C ARG A 748 22.28 6.42 -25.52
N PHE A 749 21.03 6.63 -25.93
CA PHE A 749 20.72 6.90 -27.32
C PHE A 749 19.50 7.78 -27.44
N THR A 750 19.37 8.36 -28.63
CA THR A 750 18.30 9.28 -28.96
C THR A 750 17.33 8.68 -29.98
N LEU A 751 16.04 8.80 -29.70
CA LEU A 751 14.99 8.48 -30.68
C LEU A 751 14.45 9.78 -31.26
N LYS A 752 14.34 9.83 -32.59
CA LYS A 752 13.73 10.98 -33.30
C LYS A 752 12.53 10.52 -34.10
N LEU A 753 11.67 11.45 -34.49
CA LEU A 753 10.61 11.14 -35.49
C LEU A 753 11.22 10.83 -36.86
N GLU A 754 12.19 11.66 -37.26
CA GLU A 754 12.83 11.63 -38.59
C GLU A 754 14.35 11.73 -38.41
N HIS A 755 15.07 10.75 -38.96
CA HIS A 755 16.53 10.77 -38.96
C HIS A 755 17.01 10.29 -40.33
N HIS A 756 18.34 10.15 -40.50
CA HIS A 756 18.94 9.66 -41.76
C HIS A 756 18.34 8.33 -42.26
N HIS A 757 17.98 8.32 -43.53
CA HIS A 757 17.47 7.13 -44.22
C HIS A 757 18.66 6.33 -44.78
N HIS A 758 19.73 7.03 -45.18
CA HIS A 758 20.98 6.40 -45.68
C HIS A 758 22.18 7.08 -45.04
N HIS A 759 23.35 6.46 -45.22
CA HIS A 759 24.60 7.01 -44.68
C HIS A 759 25.18 8.07 -45.63
N HIS A 760 25.20 9.31 -45.16
CA HIS A 760 25.72 10.44 -45.93
C HIS A 760 26.46 11.39 -45.01
N ASP B 9 -14.68 49.90 -8.32
CA ASP B 9 -14.57 48.40 -8.23
C ASP B 9 -13.26 47.85 -8.78
N MET B 10 -13.04 46.58 -8.47
CA MET B 10 -11.76 45.91 -8.65
C MET B 10 -11.33 45.75 -10.11
N ASP B 11 -12.27 45.28 -10.94
CA ASP B 11 -11.99 44.99 -12.37
C ASP B 11 -11.40 46.20 -13.08
N ARG B 12 -11.99 47.37 -12.88
CA ARG B 12 -11.51 48.63 -13.49
C ARG B 12 -10.09 48.94 -13.03
N PHE B 13 -9.91 48.92 -11.71
CA PHE B 13 -8.60 49.14 -11.12
C PHE B 13 -7.55 48.21 -11.74
N ILE B 14 -7.84 46.91 -11.77
CA ILE B 14 -6.85 45.94 -12.24
C ILE B 14 -6.60 46.06 -13.76
N ASP B 15 -7.67 46.24 -14.57
CA ASP B 15 -7.53 46.60 -16.01
C ASP B 15 -6.55 47.74 -16.23
N ALA B 16 -6.74 48.81 -15.45
CA ALA B 16 -5.94 50.03 -15.55
C ALA B 16 -4.50 49.79 -15.19
N LEU B 17 -4.27 49.15 -14.04
CA LEU B 17 -2.92 48.79 -13.62
C LEU B 17 -2.24 47.85 -14.63
N MET B 18 -2.97 46.84 -15.10
CA MET B 18 -2.42 45.84 -16.04
C MET B 18 -2.10 46.41 -17.42
N LYS B 19 -2.90 47.37 -17.88
CA LYS B 19 -2.59 48.13 -19.10
C LYS B 19 -1.25 48.86 -19.05
N LYS B 20 -0.74 49.17 -17.86
CA LYS B 20 0.57 49.81 -17.71
C LYS B 20 1.78 48.88 -17.68
N MET B 21 1.56 47.57 -17.53
CA MET B 21 2.65 46.65 -17.20
C MET B 21 3.36 46.15 -18.42
N THR B 22 4.69 46.14 -18.33
CA THR B 22 5.50 45.33 -19.22
C THR B 22 5.21 43.83 -18.99
N VAL B 23 5.59 43.01 -19.97
CA VAL B 23 5.52 41.56 -19.87
C VAL B 23 6.33 41.09 -18.66
N GLU B 24 7.48 41.73 -18.46
CA GLU B 24 8.36 41.47 -17.32
C GLU B 24 7.65 41.71 -16.00
N GLU B 25 6.93 42.83 -15.89
CA GLU B 25 6.22 43.16 -14.65
C GLU B 25 5.05 42.21 -14.35
N LYS B 26 4.35 41.77 -15.41
CA LYS B 26 3.31 40.75 -15.25
C LYS B 26 3.90 39.42 -14.78
N ILE B 27 4.99 39.00 -15.42
CA ILE B 27 5.74 37.82 -15.03
C ILE B 27 6.23 37.88 -13.58
N GLY B 28 6.65 39.07 -13.15
CA GLY B 28 7.18 39.29 -11.82
C GLY B 28 6.17 39.08 -10.71
N GLN B 29 4.93 39.45 -10.98
CA GLN B 29 3.83 39.18 -10.08
C GLN B 29 3.61 37.68 -9.78
N LEU B 30 4.14 36.83 -10.63
CA LEU B 30 4.09 35.37 -10.48
C LEU B 30 5.29 34.76 -9.74
N ASN B 31 6.27 35.58 -9.35
CA ASN B 31 7.48 35.10 -8.72
C ASN B 31 7.37 35.22 -7.21
N LEU B 32 7.62 34.11 -6.52
CA LEU B 32 7.61 34.04 -5.07
C LEU B 32 8.97 33.44 -4.65
N PRO B 33 10.05 34.26 -4.72
CA PRO B 33 11.36 33.73 -4.40
C PRO B 33 11.59 33.60 -2.90
N VAL B 34 12.65 32.89 -2.57
CA VAL B 34 13.27 32.82 -1.22
C VAL B 34 12.80 33.86 -0.17
N ILE B 48 17.79 40.50 -4.10
CA ILE B 48 16.41 40.56 -3.56
C ILE B 48 15.84 41.98 -3.50
N ALA B 49 16.59 42.92 -2.95
CA ALA B 49 16.17 44.32 -2.96
C ALA B 49 16.20 44.79 -4.43
N ALA B 50 17.27 44.43 -5.14
CA ALA B 50 17.40 44.69 -6.58
C ALA B 50 16.30 44.02 -7.42
N LYS B 51 15.95 42.78 -7.06
CA LYS B 51 14.81 42.06 -7.69
C LYS B 51 13.52 42.87 -7.59
N ILE B 52 13.20 43.30 -6.37
CA ILE B 52 12.03 44.13 -6.08
C ILE B 52 12.04 45.45 -6.87
N LYS B 53 13.18 46.15 -6.89
CA LYS B 53 13.33 47.40 -7.65
C LYS B 53 12.91 47.21 -9.10
N ARG B 54 13.34 46.10 -9.69
CA ARG B 54 12.98 45.73 -11.06
C ARG B 54 11.56 45.17 -11.30
N GLY B 55 10.68 45.19 -10.30
CA GLY B 55 9.34 44.62 -10.45
C GLY B 55 9.31 43.09 -10.63
N GLU B 56 10.33 42.39 -10.16
CA GLU B 56 10.43 40.94 -10.33
C GLU B 56 9.86 40.08 -9.20
N VAL B 57 9.12 40.69 -8.27
CA VAL B 57 8.73 40.00 -7.03
C VAL B 57 7.24 40.20 -6.75
N GLY B 58 6.50 39.08 -6.71
CA GLY B 58 5.08 39.08 -6.38
C GLY B 58 4.79 39.01 -4.89
N GLY B 59 5.60 38.24 -4.18
CA GLY B 59 5.50 38.12 -2.74
C GLY B 59 6.76 37.53 -2.18
N LEU B 60 6.84 37.51 -0.86
CA LEU B 60 7.90 36.81 -0.17
C LEU B 60 7.29 35.89 0.87
N PHE B 61 8.09 34.97 1.36
CA PHE B 61 7.62 34.10 2.42
C PHE B 61 8.71 33.70 3.39
N ASN B 62 8.26 33.31 4.58
CA ASN B 62 9.09 32.90 5.69
C ASN B 62 9.95 33.99 6.34
N LEU B 63 9.60 35.25 6.11
CA LEU B 63 10.21 36.38 6.78
C LEU B 63 9.41 36.67 8.06
N LYS B 64 10.11 36.71 9.20
CA LYS B 64 9.50 37.04 10.49
C LYS B 64 9.96 38.41 11.01
N GLY B 65 9.00 39.26 11.35
CA GLY B 65 9.22 40.55 12.03
C GLY B 65 8.53 41.69 11.30
N VAL B 66 7.56 42.33 11.96
CA VAL B 66 6.83 43.47 11.38
C VAL B 66 7.73 44.62 10.89
N GLU B 67 8.85 44.83 11.57
CA GLU B 67 9.89 45.83 11.19
C GLU B 67 10.50 45.47 9.82
N LYS B 68 11.01 44.25 9.72
CA LYS B 68 11.61 43.74 8.47
C LYS B 68 10.62 43.74 7.31
N ILE B 69 9.42 43.20 7.57
CA ILE B 69 8.36 43.18 6.57
C ILE B 69 7.97 44.61 6.13
N ARG B 70 7.75 45.51 7.09
CA ARG B 70 7.45 46.92 6.77
C ARG B 70 8.46 47.54 5.81
N ASP B 71 9.74 47.37 6.10
CA ASP B 71 10.84 47.91 5.27
C ASP B 71 10.91 47.29 3.87
N VAL B 72 10.73 45.97 3.78
CA VAL B 72 10.67 45.31 2.48
C VAL B 72 9.44 45.84 1.71
N GLN B 73 8.29 45.98 2.36
CA GLN B 73 7.11 46.53 1.68
C GLN B 73 7.42 47.93 1.15
N LYS B 74 8.02 48.76 1.98
CA LYS B 74 8.46 50.12 1.58
C LYS B 74 9.29 50.10 0.29
N GLN B 75 10.25 49.19 0.19
CA GLN B 75 11.01 49.02 -1.05
C GLN B 75 10.09 48.79 -2.25
N ALA B 76 9.17 47.83 -2.15
CA ALA B 76 8.19 47.59 -3.22
C ALA B 76 7.35 48.82 -3.60
N VAL B 77 6.75 49.45 -2.59
CA VAL B 77 5.84 50.59 -2.79
C VAL B 77 6.51 51.84 -3.37
N GLU B 78 7.72 52.14 -2.87
N GLU B 78 7.71 52.14 -2.85
CA GLU B 78 8.37 53.41 -3.21
CA GLU B 78 8.42 53.40 -3.14
C GLU B 78 9.63 53.31 -4.09
C GLU B 78 9.53 53.27 -4.18
N GLN B 79 10.17 52.10 -4.26
CA GLN B 79 11.35 51.90 -5.15
C GLN B 79 11.15 51.05 -6.41
N SER B 80 9.95 50.53 -6.64
CA SER B 80 9.62 49.85 -7.90
C SER B 80 8.86 50.80 -8.80
N ARG B 81 8.90 50.55 -10.10
CA ARG B 81 8.28 51.43 -11.08
C ARG B 81 6.78 51.64 -10.78
N LEU B 82 6.07 50.53 -10.59
CA LEU B 82 4.63 50.56 -10.39
C LEU B 82 4.19 50.59 -8.94
N GLY B 83 5.10 50.41 -7.99
CA GLY B 83 4.73 50.42 -6.56
C GLY B 83 3.85 49.27 -6.08
N ILE B 84 3.79 48.15 -6.81
CA ILE B 84 2.84 47.07 -6.47
C ILE B 84 3.28 46.35 -5.18
N PRO B 85 2.43 46.39 -4.14
CA PRO B 85 2.80 45.82 -2.84
C PRO B 85 2.85 44.29 -2.84
N LEU B 86 3.61 43.75 -1.89
CA LEU B 86 3.87 42.32 -1.80
C LEU B 86 2.92 41.64 -0.84
N LEU B 87 2.61 40.39 -1.18
CA LEU B 87 2.13 39.43 -0.20
C LEU B 87 3.30 38.96 0.68
N PHE B 88 3.04 38.80 1.97
CA PHE B 88 4.00 38.13 2.88
C PHE B 88 3.38 36.85 3.47
N GLY B 89 3.94 35.71 3.07
CA GLY B 89 3.49 34.38 3.48
C GLY B 89 4.25 33.80 4.67
N MET B 90 3.58 32.96 5.43
CA MET B 90 4.26 32.07 6.37
C MET B 90 3.46 30.80 6.63
N ASP B 91 4.18 29.76 7.01
CA ASP B 91 3.57 28.57 7.59
C ASP B 91 3.04 28.83 9.02
N VAL B 92 1.84 29.36 9.06
CA VAL B 92 1.12 29.52 10.33
C VAL B 92 0.12 28.35 10.35
N ILE B 93 0.57 27.25 10.95
CA ILE B 93 -0.05 25.92 10.79
C ILE B 93 -0.93 25.56 11.96
N HIS B 94 -0.38 25.66 13.17
CA HIS B 94 -1.14 25.51 14.41
C HIS B 94 -0.66 26.53 15.47
N GLY B 95 -0.45 27.77 15.00
CA GLY B 95 -0.12 28.89 15.84
C GLY B 95 1.02 29.70 15.28
N TYR B 96 1.16 30.93 15.78
CA TYR B 96 2.26 31.80 15.41
C TYR B 96 3.32 31.67 16.51
N GLU B 97 3.12 32.33 17.65
CA GLU B 97 3.93 32.11 18.84
C GLU B 97 3.18 31.28 19.90
N THR B 98 1.91 31.58 20.11
CA THR B 98 1.05 30.75 20.95
C THR B 98 0.77 29.51 20.12
N MET B 99 1.27 28.37 20.58
CA MET B 99 1.15 27.17 19.78
C MET B 99 0.02 26.30 20.34
N PHE B 100 -0.93 26.02 19.45
CA PHE B 100 -2.00 25.09 19.70
C PHE B 100 -1.46 23.69 19.38
N PRO B 101 -2.25 22.64 19.62
CA PRO B 101 -1.73 21.31 19.26
C PRO B 101 -1.44 21.19 17.77
N ILE B 102 -0.59 20.23 17.40
CA ILE B 102 -0.44 19.91 16.01
C ILE B 102 -1.84 19.57 15.45
N PRO B 103 -2.07 19.85 14.15
CA PRO B 103 -3.44 19.73 13.63
C PRO B 103 -4.06 18.34 13.83
N LEU B 104 -3.28 17.28 13.69
CA LEU B 104 -3.84 15.92 13.93
C LEU B 104 -4.43 15.77 15.33
N GLY B 105 -3.70 16.24 16.34
CA GLY B 105 -4.18 16.30 17.70
C GLY B 105 -5.39 17.21 17.87
N LEU B 106 -5.30 18.41 17.31
CA LEU B 106 -6.41 19.36 17.32
C LEU B 106 -7.70 18.78 16.71
N SER B 107 -7.57 18.02 15.62
CA SER B 107 -8.73 17.38 14.98
C SER B 107 -9.52 16.50 15.99
N CYS B 108 -8.79 15.88 16.91
CA CYS B 108 -9.38 15.06 17.96
C CYS B 108 -10.27 15.79 18.96
N THR B 109 -10.28 17.12 18.97
CA THR B 109 -11.29 17.87 19.73
C THR B 109 -12.71 17.67 19.20
N TRP B 110 -12.85 17.36 17.91
CA TRP B 110 -14.14 17.33 17.20
C TRP B 110 -14.99 18.58 17.54
N ASP B 111 -14.34 19.73 17.61
CA ASP B 111 -14.93 20.93 18.09
C ASP B 111 -14.57 22.03 17.09
N MET B 112 -15.47 22.28 16.16
CA MET B 112 -15.22 23.24 15.08
C MET B 112 -15.11 24.67 15.60
N THR B 113 -15.78 24.96 16.72
CA THR B 113 -15.74 26.30 17.31
C THR B 113 -14.33 26.56 17.83
N ALA B 114 -13.80 25.58 18.55
CA ALA B 114 -12.44 25.67 19.09
C ALA B 114 -11.41 25.76 17.98
N ILE B 115 -11.65 25.00 16.91
CA ILE B 115 -10.74 24.98 15.79
C ILE B 115 -10.71 26.33 15.10
N GLU B 116 -11.87 26.93 14.91
CA GLU B 116 -11.97 28.28 14.35
C GLU B 116 -11.28 29.31 15.25
N GLU B 117 -11.56 29.24 16.54
CA GLU B 117 -10.90 30.07 17.51
C GLU B 117 -9.37 29.99 17.37
N SER B 118 -8.86 28.77 17.27
CA SER B 118 -7.41 28.54 17.21
C SER B 118 -6.82 29.23 15.98
N ALA B 119 -7.52 29.16 14.85
CA ALA B 119 -7.09 29.81 13.61
C ALA B 119 -7.25 31.34 13.69
N ARG B 120 -8.32 31.82 14.33
CA ARG B 120 -8.50 33.26 14.63
C ARG B 120 -7.30 33.81 15.43
N ILE B 121 -6.93 33.12 16.49
CA ILE B 121 -5.86 33.58 17.36
C ILE B 121 -4.54 33.65 16.60
N ALA B 122 -4.19 32.57 15.91
CA ALA B 122 -3.01 32.54 15.08
C ALA B 122 -2.99 33.68 14.06
N ALA B 123 -4.15 33.99 13.47
CA ALA B 123 -4.26 35.08 12.48
C ALA B 123 -4.04 36.46 13.11
N ILE B 124 -4.65 36.70 14.28
CA ILE B 124 -4.42 37.91 15.07
C ILE B 124 -2.93 38.12 15.34
N GLU B 125 -2.24 37.06 15.76
CA GLU B 125 -0.82 37.14 16.07
C GLU B 125 0.07 37.40 14.85
N ALA B 126 -0.12 36.60 13.79
CA ALA B 126 0.68 36.73 12.55
C ALA B 126 0.47 38.09 11.85
N SER B 127 -0.77 38.52 11.72
CA SER B 127 -1.15 39.81 11.11
C SER B 127 -0.54 41.02 11.88
N ALA B 128 -0.57 40.96 13.21
CA ALA B 128 0.15 41.90 14.06
C ALA B 128 1.65 41.97 13.73
N ASP B 129 2.22 40.87 13.25
CA ASP B 129 3.62 40.82 12.89
C ASP B 129 3.96 40.95 11.38
N GLY B 130 3.00 41.41 10.58
CA GLY B 130 3.23 41.68 9.14
C GLY B 130 2.80 40.63 8.15
N ILE B 131 2.41 39.45 8.62
CA ILE B 131 1.98 38.37 7.76
C ILE B 131 0.54 38.60 7.26
N SER B 132 0.37 38.54 5.94
CA SER B 132 -0.93 38.69 5.27
C SER B 132 -1.45 37.37 4.61
N TRP B 133 -0.68 36.29 4.71
CA TRP B 133 -0.96 35.05 3.98
C TRP B 133 -0.40 33.87 4.77
N THR B 134 -1.24 32.87 5.05
CA THR B 134 -0.79 31.62 5.67
C THR B 134 -0.95 30.43 4.75
N PHE B 135 0.04 29.53 4.77
CA PHE B 135 0.02 28.32 3.96
C PHE B 135 -0.67 27.22 4.79
N SER B 136 -1.95 27.47 5.02
CA SER B 136 -2.78 26.63 5.90
C SER B 136 -4.22 26.86 5.44
N PRO B 137 -5.13 25.89 5.55
CA PRO B 137 -4.95 24.58 6.21
C PRO B 137 -4.43 23.46 5.31
N MET B 138 -3.72 22.51 5.90
CA MET B 138 -3.30 21.29 5.25
C MET B 138 -4.43 20.28 5.45
N VAL B 139 -5.01 19.79 4.36
CA VAL B 139 -6.25 18.99 4.43
C VAL B 139 -6.14 17.61 3.77
N ASP B 140 -4.92 17.12 3.61
CA ASP B 140 -4.69 15.90 2.85
C ASP B 140 -5.20 14.71 3.65
N ILE B 141 -6.09 13.93 3.04
CA ILE B 141 -6.54 12.68 3.63
C ILE B 141 -5.39 11.72 3.62
N SER B 142 -5.16 11.00 4.71
CA SER B 142 -4.22 9.88 4.68
C SER B 142 -4.74 8.72 5.50
N ARG B 143 -4.52 7.54 4.95
CA ARG B 143 -4.74 6.28 5.62
C ARG B 143 -3.42 5.55 5.87
N ASP B 144 -2.30 6.27 5.79
CA ASP B 144 -1.00 5.66 5.93
C ASP B 144 -0.21 6.36 7.04
N PRO B 145 -0.22 5.79 8.27
CA PRO B 145 0.45 6.44 9.38
C PRO B 145 1.97 6.42 9.31
N ARG B 146 2.55 5.78 8.31
CA ARG B 146 3.99 5.86 8.06
C ARG B 146 4.39 7.31 7.65
N TRP B 147 3.47 8.01 7.02
CA TRP B 147 3.71 9.35 6.50
C TRP B 147 3.75 10.38 7.61
N GLY B 148 4.90 11.04 7.73
CA GLY B 148 5.10 12.05 8.72
C GLY B 148 4.13 13.21 8.68
N ARG B 149 3.62 13.54 7.51
CA ARG B 149 2.73 14.70 7.43
C ARG B 149 1.30 14.44 7.88
N VAL B 150 0.96 13.23 8.35
CA VAL B 150 -0.34 13.03 9.05
C VAL B 150 -0.50 13.99 10.24
N SER B 151 0.62 14.41 10.85
CA SER B 151 0.59 15.38 11.95
C SER B 151 -0.04 16.73 11.59
N GLU B 152 0.02 17.10 10.30
CA GLU B 152 -0.41 18.39 9.79
C GLU B 152 -1.84 18.38 9.28
N GLY B 153 -2.45 17.20 9.19
CA GLY B 153 -3.81 17.03 8.68
C GLY B 153 -4.82 16.79 9.78
N SER B 154 -6.00 16.30 9.39
CA SER B 154 -7.07 16.05 10.36
C SER B 154 -7.61 14.63 10.30
N GLY B 155 -6.77 13.72 9.86
CA GLY B 155 -7.06 12.30 9.90
C GLY B 155 -7.48 11.74 8.57
N GLU B 156 -8.09 10.57 8.66
CA GLU B 156 -8.49 9.76 7.52
C GLU B 156 -9.85 10.06 6.93
N ASP B 157 -10.71 10.78 7.66
CA ASP B 157 -12.09 10.96 7.21
C ASP B 157 -12.34 12.25 6.42
N PRO B 158 -12.92 12.14 5.20
CA PRO B 158 -13.18 13.38 4.42
C PRO B 158 -14.29 14.32 4.94
N PHE B 159 -15.31 13.77 5.60
CA PHE B 159 -16.37 14.59 6.18
C PHE B 159 -15.85 15.43 7.32
N LEU B 160 -15.21 14.79 8.30
CA LEU B 160 -14.57 15.56 9.37
C LEU B 160 -13.52 16.51 8.82
N GLY B 161 -12.75 16.03 7.84
CA GLY B 161 -11.74 16.84 7.18
C GLY B 161 -12.32 18.10 6.53
N ALA B 162 -13.49 17.97 5.91
CA ALA B 162 -14.15 19.08 5.25
C ALA B 162 -14.70 20.10 6.26
N MET B 163 -15.29 19.59 7.34
CA MET B 163 -15.76 20.47 8.41
C MET B 163 -14.62 21.31 8.97
N ILE B 164 -13.48 20.67 9.17
CA ILE B 164 -12.30 21.33 9.74
C ILE B 164 -11.72 22.35 8.77
N ALA B 165 -11.59 21.96 7.50
CA ALA B 165 -11.17 22.87 6.43
C ALA B 165 -11.94 24.21 6.48
N GLU B 166 -13.26 24.11 6.54
CA GLU B 166 -14.12 25.29 6.62
C GLU B 166 -13.85 26.16 7.84
N ALA B 167 -13.77 25.52 9.01
CA ALA B 167 -13.49 26.18 10.26
C ALA B 167 -12.12 26.90 10.25
N MET B 168 -11.15 26.34 9.57
CA MET B 168 -9.82 26.93 9.54
C MET B 168 -9.79 28.15 8.62
N VAL B 169 -10.35 27.98 7.42
CA VAL B 169 -10.45 29.07 6.44
C VAL B 169 -11.24 30.26 7.04
N LEU B 170 -12.36 29.98 7.66
CA LEU B 170 -13.18 31.00 8.34
C LEU B 170 -12.41 31.68 9.49
N GLY B 171 -11.67 30.89 10.28
CA GLY B 171 -10.87 31.46 11.37
C GLY B 171 -9.84 32.46 10.89
N TYR B 172 -9.18 32.14 9.78
CA TYR B 172 -8.13 33.00 9.25
C TYR B 172 -8.70 34.21 8.52
N GLN B 173 -9.66 33.96 7.62
CA GLN B 173 -10.12 34.96 6.67
C GLN B 173 -11.26 35.81 7.17
N GLY B 174 -12.07 35.23 8.06
CA GLY B 174 -13.39 35.73 8.35
C GLY B 174 -14.26 35.77 7.10
N LYS B 175 -15.21 36.69 7.14
CA LYS B 175 -16.19 36.97 6.09
C LYS B 175 -15.55 37.31 4.74
N ASP B 176 -14.60 38.25 4.75
CA ASP B 176 -14.01 38.79 3.51
C ASP B 176 -12.60 39.43 3.66
N MET B 177 -11.83 39.00 4.65
CA MET B 177 -10.45 39.49 4.88
C MET B 177 -10.33 41.03 4.98
N GLN B 178 -11.39 41.71 5.41
CA GLN B 178 -11.35 43.17 5.45
C GLN B 178 -10.63 43.70 6.69
N ARG B 179 -10.74 42.99 7.81
CA ARG B 179 -10.10 43.41 9.04
C ARG B 179 -8.58 43.30 8.93
N ASN B 180 -7.87 44.06 9.76
CA ASN B 180 -6.39 44.00 9.78
C ASN B 180 -5.79 42.83 10.59
N ASP B 181 -6.66 42.12 11.33
CA ASP B 181 -6.35 40.83 11.97
C ASP B 181 -6.92 39.58 11.21
N GLU B 182 -7.26 39.75 9.94
CA GLU B 182 -7.73 38.68 9.07
C GLU B 182 -6.74 38.55 7.92
N ILE B 183 -6.36 37.31 7.59
CA ILE B 183 -5.33 37.05 6.58
C ILE B 183 -5.82 36.07 5.53
N MET B 184 -5.07 35.95 4.44
N MET B 184 -5.08 35.95 4.43
CA MET B 184 -5.44 35.02 3.36
CA MET B 184 -5.46 35.01 3.38
C MET B 184 -4.96 33.60 3.70
C MET B 184 -4.98 33.60 3.73
N ALA B 185 -5.84 32.62 3.54
CA ALA B 185 -5.53 31.21 3.76
C ALA B 185 -5.15 30.52 2.45
N CYS B 186 -4.64 29.30 2.55
CA CYS B 186 -4.14 28.55 1.38
C CYS B 186 -4.35 27.06 1.65
N VAL B 187 -5.36 26.47 1.01
CA VAL B 187 -5.59 25.04 1.19
C VAL B 187 -4.46 24.31 0.50
N LYS B 188 -3.92 23.31 1.18
CA LYS B 188 -2.82 22.53 0.66
C LYS B 188 -3.03 21.04 1.06
N HIS B 189 -2.41 20.09 0.38
CA HIS B 189 -1.59 20.25 -0.83
C HIS B 189 -2.38 19.60 -1.97
N PHE B 190 -2.87 20.41 -2.92
CA PHE B 190 -3.78 19.91 -3.96
C PHE B 190 -2.98 19.13 -5.00
N ALA B 191 -3.14 17.80 -5.14
CA ALA B 191 -4.05 16.93 -4.40
C ALA B 191 -3.46 15.50 -4.28
N LEU B 192 -3.93 14.79 -3.25
CA LEU B 192 -3.76 13.33 -3.11
C LEU B 192 -2.41 12.96 -2.50
N TYR B 193 -1.74 13.96 -1.91
CA TYR B 193 -0.39 13.87 -1.37
C TYR B 193 -0.29 12.88 -0.21
N GLY B 194 -1.39 12.69 0.52
CA GLY B 194 -1.47 11.72 1.57
C GLY B 194 -1.41 10.26 1.19
N ALA B 195 -1.51 9.96 -0.10
CA ALA B 195 -1.55 8.59 -0.59
C ALA B 195 -0.20 8.18 -1.20
N GLY B 196 0.87 8.93 -0.91
CA GLY B 196 2.21 8.55 -1.33
C GLY B 196 2.54 7.10 -0.98
N GLU B 197 3.13 6.38 -1.94
CA GLU B 197 3.38 4.94 -1.80
C GLU B 197 4.37 4.63 -0.69
N GLY B 198 4.13 3.53 0.03
CA GLY B 198 4.98 3.13 1.13
C GLY B 198 4.99 4.07 2.32
N GLY B 199 4.04 5.04 2.33
CA GLY B 199 4.05 6.13 3.30
C GLY B 199 5.28 7.03 3.28
N ARG B 200 5.99 7.01 2.14
CA ARG B 200 7.27 7.67 2.01
C ARG B 200 7.02 9.02 1.37
N ASP B 201 7.46 10.08 2.04
CA ASP B 201 7.12 11.44 1.63
C ASP B 201 7.59 11.66 0.20
N TYR B 202 6.76 12.36 -0.59
CA TYR B 202 7.01 12.73 -1.99
C TYR B 202 6.84 11.61 -3.01
N ASN B 203 6.59 10.37 -2.56
CA ASN B 203 6.57 9.23 -3.45
C ASN B 203 5.29 9.22 -4.29
N THR B 204 5.35 8.44 -5.35
CA THR B 204 4.23 8.19 -6.27
C THR B 204 2.83 8.01 -5.61
N VAL B 205 1.84 8.71 -6.17
CA VAL B 205 0.42 8.56 -5.83
C VAL B 205 -0.27 7.99 -7.05
N ASP B 206 -1.16 7.03 -6.84
CA ASP B 206 -1.98 6.50 -7.93
C ASP B 206 -3.28 5.96 -7.39
N MET B 207 -4.38 6.37 -8.04
CA MET B 207 -5.71 5.93 -7.67
C MET B 207 -6.65 6.21 -8.81
N SER B 208 -7.83 5.61 -8.73
CA SER B 208 -8.92 5.87 -9.68
C SER B 208 -9.58 7.22 -9.40
N ARG B 209 -10.34 7.70 -10.38
CA ARG B 209 -11.05 8.99 -10.25
C ARG B 209 -12.19 8.85 -9.23
N GLN B 210 -12.85 7.69 -9.25
CA GLN B 210 -13.85 7.34 -8.23
C GLN B 210 -13.29 7.52 -6.83
N ARG B 211 -12.13 6.93 -6.58
CA ARG B 211 -11.49 7.02 -5.25
C ARG B 211 -11.15 8.47 -4.96
N MET B 212 -10.60 9.20 -5.93
CA MET B 212 -10.27 10.61 -5.69
C MET B 212 -11.48 11.33 -5.12
N PHE B 213 -12.62 11.21 -5.80
CA PHE B 213 -13.78 12.03 -5.45
C PHE B 213 -14.51 11.58 -4.21
N ASN B 214 -14.68 10.28 -4.04
CA ASN B 214 -15.37 9.76 -2.87
C ASN B 214 -14.54 9.74 -1.60
N GLU B 215 -13.24 9.66 -1.73
CA GLU B 215 -12.39 9.36 -0.56
C GLU B 215 -11.30 10.41 -0.22
N TYR B 216 -10.86 11.21 -1.19
CA TYR B 216 -9.78 12.19 -0.96
C TYR B 216 -10.06 13.69 -1.20
N MET B 217 -11.00 14.01 -2.09
CA MET B 217 -11.16 15.39 -2.58
C MET B 217 -12.02 16.34 -1.73
N LEU B 218 -12.97 15.81 -0.95
CA LEU B 218 -13.91 16.69 -0.24
C LEU B 218 -13.29 17.84 0.58
N PRO B 219 -12.20 17.58 1.36
CA PRO B 219 -11.63 18.68 2.13
C PRO B 219 -11.08 19.85 1.31
N TYR B 220 -10.53 19.55 0.13
CA TYR B 220 -10.04 20.60 -0.74
C TYR B 220 -11.24 21.43 -1.25
N GLU B 221 -12.27 20.72 -1.72
CA GLU B 221 -13.50 21.35 -2.21
C GLU B 221 -14.16 22.20 -1.14
N ALA B 222 -14.24 21.67 0.08
CA ALA B 222 -14.82 22.42 1.20
C ALA B 222 -14.06 23.73 1.43
N ALA B 223 -12.74 23.72 1.29
CA ALA B 223 -11.95 24.91 1.54
C ALA B 223 -12.25 25.99 0.48
N VAL B 224 -12.29 25.52 -0.77
CA VAL B 224 -12.64 26.33 -1.93
C VAL B 224 -14.03 26.93 -1.70
N GLU B 225 -14.98 26.12 -1.28
CA GLU B 225 -16.33 26.59 -1.09
C GLU B 225 -16.53 27.50 0.14
N ALA B 226 -15.62 27.42 1.11
CA ALA B 226 -15.56 28.40 2.20
C ALA B 226 -14.89 29.73 1.77
N GLY B 227 -14.45 29.82 0.52
CA GLY B 227 -13.88 31.03 -0.03
C GLY B 227 -12.39 31.21 0.25
N VAL B 228 -11.65 30.10 0.42
CA VAL B 228 -10.20 30.16 0.59
C VAL B 228 -9.59 30.95 -0.59
N GLY B 229 -8.63 31.81 -0.31
CA GLY B 229 -8.09 32.72 -1.32
C GLY B 229 -7.10 32.09 -2.28
N SER B 230 -6.42 31.05 -1.82
CA SER B 230 -5.35 30.42 -2.56
C SER B 230 -5.34 28.92 -2.32
N VAL B 231 -4.68 28.22 -3.26
CA VAL B 231 -4.44 26.77 -3.25
C VAL B 231 -2.97 26.51 -3.58
N MET B 232 -2.36 25.57 -2.86
CA MET B 232 -0.99 25.15 -3.14
C MET B 232 -1.00 23.78 -3.81
N ALA B 233 -0.28 23.67 -4.92
CA ALA B 233 -0.07 22.44 -5.65
C ALA B 233 0.88 21.51 -4.92
N SER B 234 0.58 20.21 -4.94
CA SER B 234 1.38 19.23 -4.23
C SER B 234 2.59 18.70 -5.02
N PHE B 235 3.48 18.05 -4.28
CA PHE B 235 4.73 17.48 -4.80
C PHE B 235 4.55 16.22 -5.62
N ASN B 236 3.49 15.48 -5.33
CA ASN B 236 3.27 14.17 -5.94
C ASN B 236 2.74 14.28 -7.35
N GLU B 237 3.03 13.25 -8.13
CA GLU B 237 2.29 12.98 -9.36
C GLU B 237 0.86 12.49 -9.09
N VAL B 238 -0.02 12.70 -10.08
CA VAL B 238 -1.40 12.19 -10.16
C VAL B 238 -1.62 11.81 -11.62
N ASP B 239 -2.04 10.56 -11.86
CA ASP B 239 -2.18 10.01 -13.23
C ASP B 239 -0.94 10.24 -14.06
N GLY B 240 0.24 10.04 -13.44
CA GLY B 240 1.52 10.22 -14.12
C GLY B 240 1.98 11.65 -14.39
N VAL B 241 1.23 12.64 -13.94
CA VAL B 241 1.58 14.05 -14.16
C VAL B 241 1.76 14.69 -12.79
N PRO B 242 2.96 15.27 -12.54
CA PRO B 242 3.16 16.05 -11.34
C PRO B 242 1.96 16.98 -11.14
N ALA B 243 1.45 17.13 -9.91
CA ALA B 243 0.29 18.02 -9.70
C ALA B 243 0.48 19.43 -10.28
N THR B 244 1.69 19.95 -10.17
CA THR B 244 2.01 21.29 -10.61
C THR B 244 1.92 21.47 -12.16
N ALA B 245 1.81 20.37 -12.90
CA ALA B 245 1.64 20.43 -14.36
C ALA B 245 0.35 19.77 -14.79
N ASN B 246 -0.55 19.55 -13.84
CA ASN B 246 -1.75 18.75 -14.07
C ASN B 246 -2.93 19.69 -14.24
N LYS B 247 -3.25 19.95 -15.51
CA LYS B 247 -4.32 20.86 -15.89
C LYS B 247 -5.68 20.32 -15.49
N TRP B 248 -5.85 19.00 -15.56
CA TRP B 248 -7.09 18.39 -15.10
C TRP B 248 -7.39 18.80 -13.65
N LEU B 249 -6.36 18.79 -12.80
CA LEU B 249 -6.53 19.19 -11.37
C LEU B 249 -6.73 20.69 -11.23
N MET B 250 -5.80 21.45 -11.79
CA MET B 250 -5.67 22.86 -11.49
C MET B 250 -6.64 23.75 -12.26
N THR B 251 -7.07 23.29 -13.43
CA THR B 251 -8.15 23.97 -14.16
C THR B 251 -9.48 23.20 -14.13
N ASP B 252 -9.54 21.98 -14.65
CA ASP B 252 -10.86 21.33 -14.84
C ASP B 252 -11.60 21.08 -13.53
N VAL B 253 -10.89 20.63 -12.49
CA VAL B 253 -11.52 20.33 -11.20
C VAL B 253 -11.69 21.62 -10.40
N LEU B 254 -10.57 22.27 -10.11
CA LEU B 254 -10.54 23.41 -9.21
C LEU B 254 -11.45 24.57 -9.64
N ARG B 255 -11.29 24.97 -10.90
CA ARG B 255 -12.12 26.04 -11.53
C ARG B 255 -13.39 25.47 -12.20
N GLY B 256 -13.21 24.50 -13.07
CA GLY B 256 -14.32 23.95 -13.86
C GLY B 256 -15.43 23.34 -13.01
N GLN B 257 -15.08 22.50 -12.05
CA GLN B 257 -16.10 21.83 -11.22
C GLN B 257 -16.46 22.64 -10.00
N TRP B 258 -15.46 23.18 -9.31
CA TRP B 258 -15.72 23.79 -7.99
C TRP B 258 -15.89 25.32 -8.02
N GLY B 259 -15.56 25.94 -9.14
CA GLY B 259 -15.71 27.41 -9.29
C GLY B 259 -14.69 28.28 -8.57
N PHE B 260 -13.53 27.73 -8.20
CA PHE B 260 -12.50 28.49 -7.49
C PHE B 260 -12.17 29.79 -8.24
N ASN B 261 -12.20 30.90 -7.54
CA ASN B 261 -11.93 32.21 -8.16
C ASN B 261 -10.60 32.83 -7.70
N GLY B 262 -9.76 32.06 -7.02
CA GLY B 262 -8.51 32.55 -6.45
C GLY B 262 -7.31 32.19 -7.30
N PHE B 263 -6.14 32.08 -6.66
CA PHE B 263 -4.91 31.73 -7.36
C PHE B 263 -4.27 30.48 -6.78
N VAL B 264 -3.49 29.81 -7.64
CA VAL B 264 -2.73 28.62 -7.29
C VAL B 264 -1.27 28.99 -7.17
N VAL B 265 -0.67 28.66 -6.02
CA VAL B 265 0.77 28.76 -5.74
C VAL B 265 1.39 27.34 -5.76
N THR B 266 2.63 27.23 -6.23
CA THR B 266 3.30 25.96 -6.20
C THR B 266 3.75 25.72 -4.77
N ASN B 267 4.16 24.49 -4.46
CA ASN B 267 4.92 24.20 -3.26
C ASN B 267 6.41 24.55 -3.53
N TYR B 268 7.26 24.45 -2.51
CA TYR B 268 8.67 24.84 -2.58
C TYR B 268 9.43 24.08 -3.67
N THR B 269 9.93 24.86 -4.64
CA THR B 269 10.60 24.36 -5.87
C THR B 269 9.79 23.30 -6.62
N GLY B 270 8.46 23.38 -6.53
CA GLY B 270 7.61 22.40 -7.20
C GLY B 270 7.79 22.35 -8.72
N ILE B 271 8.13 23.48 -9.33
CA ILE B 271 8.30 23.54 -10.79
C ILE B 271 9.56 22.83 -11.24
N SER B 272 10.69 23.19 -10.66
CA SER B 272 11.96 22.59 -11.07
C SER B 272 12.05 21.12 -10.67
N GLU B 273 11.35 20.73 -9.60
CA GLU B 273 11.29 19.32 -9.23
C GLU B 273 10.60 18.46 -10.30
N MET B 274 9.76 19.07 -11.13
CA MET B 274 9.21 18.36 -12.28
C MET B 274 10.25 17.89 -13.28
N ILE B 275 11.41 18.56 -13.32
CA ILE B 275 12.56 18.08 -14.09
C ILE B 275 12.97 16.70 -13.57
N ASP B 276 13.14 16.58 -12.26
CA ASP B 276 13.47 15.29 -11.66
C ASP B 276 12.40 14.23 -11.81
N HIS B 277 11.14 14.62 -11.58
CA HIS B 277 9.99 13.74 -11.86
C HIS B 277 10.15 13.08 -13.26
N GLY B 278 10.67 13.87 -14.20
CA GLY B 278 11.04 13.38 -15.54
C GLY B 278 10.06 13.74 -16.66
N ILE B 279 9.54 14.97 -16.64
CA ILE B 279 8.65 15.46 -17.70
C ILE B 279 9.19 16.66 -18.51
N GLY B 280 10.45 16.99 -18.32
CA GLY B 280 11.11 17.94 -19.19
C GLY B 280 12.04 18.90 -18.50
N ASP B 281 12.65 19.77 -19.30
CA ASP B 281 13.52 20.85 -18.81
C ASP B 281 12.72 22.00 -18.16
N LEU B 282 13.44 22.96 -17.59
CA LEU B 282 12.84 24.05 -16.81
C LEU B 282 11.79 24.85 -17.58
N GLN B 283 12.13 25.25 -18.80
CA GLN B 283 11.19 26.00 -19.62
C GLN B 283 9.93 25.20 -19.93
N THR B 284 10.11 23.97 -20.38
CA THR B 284 8.99 23.08 -20.74
C THR B 284 8.00 22.88 -19.58
N VAL B 285 8.52 22.52 -18.40
CA VAL B 285 7.67 22.26 -17.23
C VAL B 285 7.10 23.58 -16.68
N SER B 286 7.86 24.67 -16.81
CA SER B 286 7.33 25.99 -16.44
C SER B 286 6.11 26.40 -17.28
N ALA B 287 6.19 26.18 -18.58
CA ALA B 287 5.05 26.51 -19.48
C ALA B 287 3.82 25.65 -19.18
N ARG B 288 4.06 24.35 -19.04
CA ARG B 288 3.03 23.41 -18.67
C ARG B 288 2.31 23.77 -17.36
N ALA B 289 3.06 24.26 -16.38
CA ALA B 289 2.49 24.66 -15.10
C ALA B 289 1.55 25.85 -15.21
N ILE B 290 2.03 26.92 -15.85
CA ILE B 290 1.17 28.08 -16.07
C ILE B 290 -0.05 27.73 -16.97
N ASN B 291 0.17 26.93 -18.02
CA ASN B 291 -0.95 26.46 -18.86
C ASN B 291 -1.90 25.49 -18.16
N ALA B 292 -1.42 24.85 -17.08
CA ALA B 292 -2.27 23.99 -16.24
C ALA B 292 -3.18 24.78 -15.28
N GLY B 293 -2.76 26.01 -14.97
CA GLY B 293 -3.50 26.88 -14.05
C GLY B 293 -2.73 27.25 -12.79
N VAL B 294 -1.42 27.00 -12.77
CA VAL B 294 -0.57 27.50 -11.69
C VAL B 294 -0.24 28.97 -11.95
N ASP B 295 -0.41 29.79 -10.91
CA ASP B 295 -0.26 31.24 -10.99
C ASP B 295 1.01 31.80 -10.32
N MET B 296 1.53 31.14 -9.29
CA MET B 296 2.66 31.68 -8.54
C MET B 296 3.69 30.60 -8.29
N ASP B 297 4.95 30.98 -8.48
CA ASP B 297 6.09 30.09 -8.56
C ASP B 297 6.97 30.27 -7.31
N MET B 298 6.79 29.37 -6.34
CA MET B 298 7.56 29.40 -5.09
C MET B 298 8.99 28.86 -5.32
N VAL B 299 9.95 29.79 -5.28
CA VAL B 299 11.42 29.55 -5.24
C VAL B 299 12.11 29.18 -6.56
N SER B 300 11.46 28.39 -7.42
CA SER B 300 12.16 27.78 -8.56
C SER B 300 12.65 28.79 -9.62
N GLU B 301 11.98 29.95 -9.71
CA GLU B 301 12.27 31.00 -10.72
C GLU B 301 12.12 30.50 -12.15
N GLY B 302 11.26 29.49 -12.33
CA GLY B 302 10.92 28.98 -13.64
C GLY B 302 10.13 29.99 -14.44
N PHE B 303 9.13 30.61 -13.82
CA PHE B 303 8.32 31.63 -14.50
C PHE B 303 9.17 32.86 -14.85
N VAL B 304 9.87 33.41 -13.86
CA VAL B 304 10.72 34.60 -14.07
C VAL B 304 11.76 34.42 -15.18
N SER B 305 12.42 33.26 -15.21
CA SER B 305 13.57 33.08 -16.06
C SER B 305 13.25 32.50 -17.44
N THR B 306 12.05 31.92 -17.62
CA THR B 306 11.71 31.30 -18.91
C THR B 306 10.43 31.75 -19.60
N LEU B 307 9.50 32.38 -18.92
CA LEU B 307 8.19 32.64 -19.53
C LEU B 307 8.23 33.57 -20.74
N LYS B 308 9.14 34.55 -20.75
CA LYS B 308 9.17 35.49 -21.86
C LYS B 308 9.57 34.78 -23.14
N LYS B 309 10.61 33.97 -23.06
CA LYS B 309 11.02 33.09 -24.16
C LYS B 309 9.85 32.22 -24.61
N SER B 310 9.17 31.57 -23.66
CA SER B 310 8.00 30.76 -24.00
C SER B 310 6.91 31.55 -24.71
N ILE B 311 6.67 32.78 -24.26
CA ILE B 311 5.68 33.65 -24.91
C ILE B 311 6.10 33.95 -26.36
N GLN B 312 7.38 34.25 -26.55
CA GLN B 312 7.91 34.52 -27.90
C GLN B 312 7.81 33.33 -28.84
N GLU B 313 7.99 32.12 -28.30
CA GLU B 313 7.91 30.88 -29.08
C GLU B 313 6.50 30.34 -29.24
N GLY B 314 5.50 31.04 -28.72
CA GLY B 314 4.10 30.60 -28.81
C GLY B 314 3.70 29.45 -27.91
N LYS B 315 4.51 29.13 -26.92
CA LYS B 315 4.22 28.01 -26.00
C LYS B 315 3.28 28.43 -24.87
N VAL B 316 3.31 29.71 -24.52
CA VAL B 316 2.41 30.29 -23.55
C VAL B 316 1.85 31.56 -24.23
N SER B 317 0.54 31.72 -24.18
CA SER B 317 -0.10 32.92 -24.77
C SER B 317 -0.04 34.08 -23.78
N MET B 318 -0.11 35.30 -24.30
CA MET B 318 -0.31 36.51 -23.45
C MET B 318 -1.52 36.39 -22.57
N GLU B 319 -2.58 35.81 -23.11
CA GLU B 319 -3.83 35.62 -22.38
C GLU B 319 -3.66 34.83 -21.08
N THR B 320 -2.90 33.75 -21.15
CA THR B 320 -2.58 32.91 -19.96
C THR B 320 -1.79 33.71 -18.92
N LEU B 321 -0.78 34.44 -19.39
CA LEU B 321 0.02 35.32 -18.53
C LEU B 321 -0.88 36.33 -17.83
N ASN B 322 -1.73 36.99 -18.62
CA ASN B 322 -2.63 38.00 -18.06
C ASN B 322 -3.59 37.43 -17.01
N THR B 323 -4.10 36.23 -17.27
CA THR B 323 -4.97 35.54 -16.31
C THR B 323 -4.25 35.29 -14.96
N ALA B 324 -3.02 34.82 -15.00
CA ALA B 324 -2.28 34.49 -13.78
C ALA B 324 -1.93 35.75 -13.03
N CYS B 325 -1.33 36.71 -13.74
CA CYS B 325 -1.10 38.04 -13.19
C CYS B 325 -2.35 38.64 -12.55
N ARG B 326 -3.48 38.63 -13.27
CA ARG B 326 -4.74 39.19 -12.77
C ARG B 326 -5.15 38.56 -11.42
N ARG B 327 -5.12 37.24 -11.36
CA ARG B 327 -5.44 36.53 -10.12
C ARG B 327 -4.61 37.03 -8.94
N ILE B 328 -3.30 37.13 -9.13
CA ILE B 328 -2.38 37.60 -8.08
C ILE B 328 -2.79 38.99 -7.63
N LEU B 329 -3.04 39.87 -8.59
CA LEU B 329 -3.45 41.25 -8.27
C LEU B 329 -4.80 41.30 -7.56
N GLU B 330 -5.75 40.49 -8.00
CA GLU B 330 -7.04 40.38 -7.32
C GLU B 330 -6.94 39.98 -5.84
N ALA B 331 -6.02 39.06 -5.53
CA ALA B 331 -5.77 38.63 -4.15
C ALA B 331 -5.26 39.77 -3.32
N LYS B 332 -4.32 40.53 -3.87
CA LYS B 332 -3.77 41.73 -3.20
C LYS B 332 -4.82 42.81 -2.99
N TYR B 333 -5.70 43.00 -3.99
CA TYR B 333 -6.87 43.88 -3.85
C TYR B 333 -7.82 43.44 -2.74
N LYS B 334 -8.19 42.16 -2.75
CA LYS B 334 -9.04 41.58 -1.73
C LYS B 334 -8.47 41.69 -0.32
N LEU B 335 -7.15 41.53 -0.17
CA LEU B 335 -6.48 41.75 1.13
C LEU B 335 -6.42 43.22 1.60
N GLY B 336 -6.78 44.17 0.73
CA GLY B 336 -6.77 45.60 1.07
C GLY B 336 -5.39 46.22 0.91
N LEU B 337 -4.51 45.59 0.14
CA LEU B 337 -3.11 46.02 0.01
C LEU B 337 -2.90 47.18 -0.98
N PHE B 338 -3.81 47.35 -1.94
CA PHE B 338 -3.87 48.56 -2.76
C PHE B 338 -4.44 49.77 -2.01
N ASP B 339 -5.37 49.54 -1.09
CA ASP B 339 -5.84 50.61 -0.17
C ASP B 339 -4.76 51.03 0.80
N ASN B 340 -4.12 50.04 1.42
CA ASN B 340 -3.03 50.26 2.35
C ASN B 340 -1.97 49.13 2.34
N PRO B 341 -0.85 49.34 1.63
CA PRO B 341 0.29 48.40 1.61
C PRO B 341 0.82 47.98 2.98
N TYR B 342 0.65 48.86 3.98
CA TYR B 342 1.09 48.64 5.36
C TYR B 342 -0.04 48.27 6.31
N LYS B 343 -1.15 47.78 5.76
CA LYS B 343 -2.27 47.27 6.54
C LYS B 343 -1.85 46.39 7.74
N TYR B 344 -0.84 45.55 7.52
CA TYR B 344 -0.37 44.60 8.54
C TYR B 344 0.95 45.03 9.21
N CYS B 345 1.38 46.28 8.97
CA CYS B 345 2.64 46.80 9.52
C CYS B 345 2.43 47.88 10.55
N ASP B 346 1.67 47.53 11.57
CA ASP B 346 1.52 48.36 12.74
C ASP B 346 2.58 47.88 13.74
N LEU B 347 3.62 48.69 13.93
CA LEU B 347 4.68 48.38 14.93
C LEU B 347 4.19 48.31 16.38
N LYS B 348 2.99 48.83 16.64
CA LYS B 348 2.40 48.80 17.98
C LYS B 348 1.75 47.44 18.33
N ARG B 349 1.38 46.67 17.30
CA ARG B 349 0.53 45.49 17.52
C ARG B 349 1.20 44.26 18.17
N PRO B 350 2.47 43.96 17.84
CA PRO B 350 3.16 42.82 18.46
C PRO B 350 3.02 42.72 19.99
N ALA B 351 3.31 43.81 20.69
CA ALA B 351 3.16 43.89 22.16
C ALA B 351 1.75 43.58 22.65
N ARG B 352 0.75 44.02 21.91
CA ARG B 352 -0.66 43.84 22.29
C ARG B 352 -1.20 42.44 21.95
N ASP B 353 -0.75 41.90 20.82
CA ASP B 353 -1.40 40.75 20.19
C ASP B 353 -0.65 39.40 20.27
N ILE B 354 0.67 39.41 20.45
CA ILE B 354 1.46 38.18 20.29
C ILE B 354 1.87 37.58 21.63
N PHE B 355 1.53 36.31 21.85
CA PHE B 355 1.92 35.55 23.04
C PHE B 355 1.36 36.17 24.34
N THR B 356 0.09 36.60 24.29
CA THR B 356 -0.60 37.15 25.45
C THR B 356 -1.13 36.03 26.33
N LYS B 357 -1.42 36.37 27.58
CA LYS B 357 -1.97 35.41 28.54
C LYS B 357 -3.29 34.83 28.03
N ALA B 358 -4.11 35.69 27.45
CA ALA B 358 -5.43 35.28 26.97
C ALA B 358 -5.30 34.21 25.88
N HIS B 359 -4.39 34.45 24.94
CA HIS B 359 -4.09 33.49 23.88
C HIS B 359 -3.56 32.17 24.42
N ARG B 360 -2.68 32.26 25.42
CA ARG B 360 -2.02 31.10 25.97
C ARG B 360 -2.99 30.28 26.79
N ASP B 361 -3.89 30.95 27.52
CA ASP B 361 -4.99 30.26 28.18
C ASP B 361 -5.92 29.53 27.20
N ALA B 362 -6.25 30.16 26.08
CA ALA B 362 -7.07 29.50 25.05
C ALA B 362 -6.35 28.23 24.56
N ALA B 363 -5.05 28.34 24.30
CA ALA B 363 -4.26 27.23 23.79
C ALA B 363 -4.21 26.07 24.79
N ARG B 364 -4.05 26.39 26.07
CA ARG B 364 -4.03 25.39 27.11
C ARG B 364 -5.34 24.60 27.21
N ARG B 365 -6.45 25.34 27.20
CA ARG B 365 -7.82 24.77 27.18
C ARG B 365 -8.00 23.82 25.98
N ILE B 366 -7.65 24.31 24.81
CA ILE B 366 -7.83 23.57 23.57
C ILE B 366 -6.92 22.34 23.58
N ALA B 367 -5.70 22.50 24.07
CA ALA B 367 -4.76 21.38 24.20
C ALA B 367 -5.35 20.24 25.05
N ALA B 368 -5.88 20.57 26.21
CA ALA B 368 -6.44 19.54 27.12
C ALA B 368 -7.61 18.83 26.45
N GLU B 369 -8.37 19.58 25.66
CA GLU B 369 -9.51 19.08 24.89
C GLU B 369 -9.12 18.11 23.75
N SER B 370 -7.87 18.20 23.29
CA SER B 370 -7.34 17.39 22.17
C SER B 370 -6.84 16.00 22.55
N PHE B 371 -6.56 15.81 23.84
CA PHE B 371 -5.94 14.58 24.29
C PHE B 371 -6.97 13.45 24.19
N VAL B 372 -6.49 12.25 23.87
CA VAL B 372 -7.32 11.06 23.73
C VAL B 372 -6.91 10.08 24.81
N LEU B 373 -7.85 9.74 25.71
CA LEU B 373 -7.57 8.75 26.75
C LEU B 373 -7.80 7.42 26.06
N LEU B 374 -6.73 6.69 25.80
CA LEU B 374 -6.82 5.40 25.10
C LEU B 374 -7.10 4.25 26.03
N LYS B 375 -6.62 4.37 27.27
CA LYS B 375 -6.80 3.32 28.25
C LYS B 375 -6.72 3.87 29.66
N ASN B 376 -7.52 3.30 30.56
CA ASN B 376 -7.53 3.72 31.95
C ASN B 376 -8.17 2.61 32.80
N ASP B 377 -7.46 1.50 32.91
CA ASP B 377 -7.98 0.32 33.63
C ASP B 377 -7.96 0.49 35.14
N ASN B 378 -8.83 -0.25 35.80
CA ASN B 378 -8.77 -0.39 37.24
C ASN B 378 -7.50 -1.12 37.67
N VAL B 379 -6.92 -0.63 38.75
CA VAL B 379 -5.65 -1.07 39.28
C VAL B 379 -5.82 -1.19 40.78
N THR B 380 -5.12 -2.17 41.36
CA THR B 380 -5.08 -2.39 42.80
C THR B 380 -4.14 -1.35 43.40
N LEU B 381 -4.71 -0.30 43.97
CA LEU B 381 -3.95 0.83 44.48
C LEU B 381 -3.69 0.82 45.98
N ARG B 382 -4.66 0.34 46.76
CA ARG B 382 -4.46 0.04 48.18
C ARG B 382 -4.92 -1.39 48.42
N PRO B 383 -4.16 -2.18 49.23
CA PRO B 383 -4.63 -3.55 49.48
C PRO B 383 -6.05 -3.58 50.03
N GLY B 384 -6.81 -4.59 49.60
CA GLY B 384 -8.18 -4.77 50.06
C GLY B 384 -9.26 -3.94 49.39
N THR B 385 -8.89 -2.86 48.73
CA THR B 385 -9.89 -1.99 48.13
C THR B 385 -10.24 -2.45 46.74
N PRO B 386 -11.47 -2.12 46.31
CA PRO B 386 -11.84 -2.35 44.92
C PRO B 386 -10.88 -1.60 44.00
N ALA B 387 -10.44 -2.28 42.96
CA ALA B 387 -9.50 -1.69 42.03
C ALA B 387 -10.09 -0.43 41.44
N GLU B 388 -9.24 0.54 41.18
CA GLU B 388 -9.66 1.82 40.64
C GLU B 388 -8.66 2.36 39.61
N PRO B 389 -9.11 3.31 38.77
CA PRO B 389 -8.20 3.81 37.75
C PRO B 389 -7.14 4.73 38.32
N LEU B 390 -6.02 4.85 37.64
CA LEU B 390 -4.94 5.77 38.01
C LEU B 390 -5.25 7.24 37.69
N LEU B 391 -6.06 7.48 36.67
CA LEU B 391 -6.41 8.85 36.24
C LEU B 391 -7.87 9.17 36.52
N PRO B 392 -8.18 10.38 36.99
CA PRO B 392 -7.23 11.37 37.45
C PRO B 392 -6.76 11.07 38.87
N PHE B 393 -5.70 11.74 39.29
CA PHE B 393 -5.23 11.63 40.67
C PHE B 393 -4.92 13.01 41.23
N ASN B 394 -4.92 13.08 42.56
CA ASN B 394 -4.66 14.30 43.29
C ASN B 394 -3.17 14.51 43.39
N PRO B 395 -2.69 15.71 43.03
CA PRO B 395 -1.26 15.94 43.12
C PRO B 395 -0.79 15.97 44.57
N LYS B 396 -0.33 14.82 45.04
CA LYS B 396 0.32 14.71 46.35
C LYS B 396 1.52 13.75 46.30
N GLY B 397 2.26 13.69 47.40
CA GLY B 397 3.34 12.74 47.56
C GLY B 397 4.47 12.94 46.56
N ASN B 398 4.97 11.82 46.02
CA ASN B 398 6.14 11.82 45.15
C ASN B 398 5.77 11.33 43.76
N ILE B 399 5.75 12.24 42.80
CA ILE B 399 5.32 11.93 41.43
C ILE B 399 6.58 11.88 40.56
N ALA B 400 6.96 10.68 40.10
CA ALA B 400 8.08 10.56 39.17
C ALA B 400 7.61 10.91 37.77
N VAL B 401 8.43 11.70 37.07
CA VAL B 401 8.18 12.05 35.68
C VAL B 401 9.46 11.64 34.92
N ILE B 402 9.34 10.55 34.16
CA ILE B 402 10.49 9.84 33.62
C ILE B 402 10.33 9.62 32.12
N GLY B 403 11.41 9.87 31.39
CA GLY B 403 11.53 9.55 29.97
C GLY B 403 12.15 10.71 29.20
N PRO B 404 12.53 10.47 27.93
CA PRO B 404 13.15 11.53 27.14
C PRO B 404 12.25 12.68 26.74
N LEU B 405 10.92 12.51 26.82
CA LEU B 405 9.98 13.62 26.60
C LEU B 405 9.54 14.34 27.90
N ALA B 406 10.07 13.93 29.06
CA ALA B 406 9.70 14.52 30.36
C ALA B 406 10.24 15.92 30.56
N ASP B 407 11.50 16.14 30.17
CA ASP B 407 12.12 17.45 30.35
C ASP B 407 12.71 18.01 29.07
N SER B 408 11.88 18.12 28.05
CA SER B 408 12.27 18.82 26.81
C SER B 408 11.30 19.94 26.51
N ARG B 409 11.79 21.16 26.48
CA ARG B 409 10.96 22.30 26.16
C ARG B 409 10.68 22.38 24.66
N THR B 410 11.74 22.27 23.87
CA THR B 410 11.68 22.44 22.43
C THR B 410 10.85 21.40 21.69
N ASN B 411 10.65 20.22 22.29
CA ASN B 411 9.76 19.19 21.73
C ASN B 411 8.26 19.27 22.08
N MET B 412 7.86 20.23 22.92
CA MET B 412 6.44 20.40 23.27
C MET B 412 5.53 20.97 22.17
N PRO B 413 5.96 22.04 21.47
CA PRO B 413 5.02 22.65 20.53
C PRO B 413 4.61 21.78 19.36
N GLY B 414 5.52 20.94 18.87
CA GLY B 414 5.23 20.07 17.75
C GLY B 414 5.95 20.55 16.52
N THR B 415 5.97 19.70 15.49
CA THR B 415 6.53 20.09 14.20
C THR B 415 5.73 21.28 13.62
N TRP B 416 6.32 21.94 12.64
CA TRP B 416 5.66 23.09 11.98
C TRP B 416 5.21 24.16 12.99
N SER B 417 6.19 24.61 13.77
CA SER B 417 6.06 25.72 14.71
C SER B 417 7.17 26.73 14.39
N VAL B 418 7.24 27.19 13.13
CA VAL B 418 8.45 27.92 12.69
C VAL B 418 8.62 29.31 13.30
N ALA B 419 7.53 29.91 13.78
CA ALA B 419 7.57 31.22 14.42
C ALA B 419 7.58 31.12 15.95
N ALA B 420 7.50 29.91 16.50
CA ALA B 420 7.46 29.75 17.96
C ALA B 420 8.85 30.02 18.57
N VAL B 421 8.89 30.41 19.84
CA VAL B 421 10.15 30.46 20.60
C VAL B 421 10.18 29.13 21.34
N LEU B 422 10.97 28.21 20.82
CA LEU B 422 10.89 26.80 21.20
C LEU B 422 11.32 26.57 22.63
N ASP B 423 12.46 27.16 23.00
CA ASP B 423 13.02 27.03 24.36
C ASP B 423 12.29 27.89 25.42
N ARG B 424 11.22 28.58 25.03
CA ARG B 424 10.31 29.23 25.97
C ARG B 424 9.15 28.36 26.48
N CYS B 425 8.78 27.32 25.76
CA CYS B 425 7.68 26.44 26.24
C CYS B 425 8.11 25.69 27.50
N PRO B 426 7.22 25.59 28.52
CA PRO B 426 7.64 24.79 29.66
C PRO B 426 7.76 23.30 29.32
N SER B 427 8.80 22.65 29.83
CA SER B 427 8.86 21.19 29.75
C SER B 427 7.74 20.62 30.61
N LEU B 428 7.47 19.33 30.43
CA LEU B 428 6.44 18.67 31.22
C LEU B 428 6.79 18.71 32.72
N VAL B 429 8.03 18.41 33.07
CA VAL B 429 8.55 18.52 34.45
C VAL B 429 8.34 19.92 35.01
N GLU B 430 8.75 20.92 34.24
CA GLU B 430 8.59 22.31 34.64
C GLU B 430 7.17 22.68 34.93
N GLY B 431 6.27 22.33 34.02
CA GLY B 431 4.86 22.68 34.13
C GLY B 431 4.18 21.98 35.29
N LEU B 432 4.46 20.68 35.44
CA LEU B 432 3.93 19.91 36.56
C LEU B 432 4.50 20.39 37.90
N LYS B 433 5.77 20.80 37.92
CA LYS B 433 6.36 21.38 39.13
C LYS B 433 5.61 22.62 39.59
N GLU B 434 5.40 23.55 38.65
CA GLU B 434 4.58 24.74 38.89
C GLU B 434 3.20 24.38 39.43
N MET B 435 2.52 23.50 38.73
CA MET B 435 1.16 23.11 39.11
C MET B 435 1.04 22.36 40.43
N THR B 436 2.13 21.76 40.92
CA THR B 436 2.11 21.01 42.18
C THR B 436 2.89 21.65 43.33
N ALA B 437 3.44 22.86 43.11
CA ALA B 437 4.27 23.54 44.10
C ALA B 437 3.56 23.60 45.44
N GLY B 438 4.24 23.13 46.47
CA GLY B 438 3.69 22.97 47.81
C GLY B 438 2.78 21.78 48.11
N LYS B 439 2.33 21.06 47.07
CA LYS B 439 1.40 19.91 47.24
C LYS B 439 2.09 18.54 46.98
N ALA B 440 3.10 18.52 46.11
CA ALA B 440 3.77 17.28 45.75
C ALA B 440 5.19 17.52 45.27
N ASN B 441 5.99 16.45 45.31
CA ASN B 441 7.35 16.47 44.79
C ASN B 441 7.40 15.83 43.42
N ILE B 442 7.97 16.55 42.47
CA ILE B 442 8.13 16.07 41.10
C ILE B 442 9.55 15.57 41.01
N LEU B 443 9.71 14.25 40.86
CA LEU B 443 11.02 13.60 40.74
C LEU B 443 11.29 13.28 39.27
N TYR B 444 12.39 13.78 38.74
CA TYR B 444 12.70 13.64 37.31
C TYR B 444 13.80 12.61 37.12
N ALA B 445 13.67 11.82 36.03
CA ALA B 445 14.79 11.03 35.50
C ALA B 445 14.65 10.92 33.99
N LYS B 446 15.73 11.18 33.27
CA LYS B 446 15.67 11.09 31.83
C LYS B 446 15.26 9.69 31.37
N GLY B 447 15.78 8.64 32.00
CA GLY B 447 15.32 7.26 31.76
C GLY B 447 15.94 6.55 30.57
N SER B 448 15.97 7.22 29.42
CA SER B 448 16.57 6.70 28.21
C SER B 448 16.83 7.81 27.22
N ASN B 449 17.58 7.47 26.19
CA ASN B 449 17.66 8.30 25.01
C ASN B 449 16.34 8.23 24.21
N LEU B 450 16.27 8.99 23.12
CA LEU B 450 15.11 8.92 22.23
C LEU B 450 15.03 7.55 21.59
N ILE B 451 16.18 7.08 21.11
CA ILE B 451 16.27 5.81 20.43
C ILE B 451 17.70 5.30 20.57
N SER B 452 17.93 3.99 20.44
CA SER B 452 19.28 3.47 20.62
C SER B 452 20.26 4.10 19.63
N ASP B 453 19.87 4.18 18.38
CA ASP B 453 20.78 4.65 17.34
C ASP B 453 21.04 6.15 17.43
N ALA B 454 22.28 6.51 17.73
CA ALA B 454 22.66 7.91 17.89
C ALA B 454 22.44 8.75 16.64
N SER B 455 22.69 8.18 15.48
CA SER B 455 22.52 8.95 14.24
C SER B 455 21.02 9.27 13.96
N TYR B 456 20.15 8.31 14.29
CA TYR B 456 18.69 8.49 14.17
C TYR B 456 18.24 9.59 15.13
N GLU B 457 18.70 9.53 16.38
CA GLU B 457 18.32 10.58 17.34
C GLU B 457 18.64 11.98 16.79
N GLU B 458 19.79 12.13 16.13
CA GLU B 458 20.18 13.42 15.59
C GLU B 458 19.21 13.92 14.52
N ARG B 459 18.90 13.10 13.53
CA ARG B 459 17.99 13.58 12.47
C ARG B 459 16.56 13.73 13.00
N ALA B 460 16.18 12.90 13.96
CA ALA B 460 14.90 13.02 14.67
C ALA B 460 14.75 14.27 15.55
N THR B 461 15.85 14.90 15.94
CA THR B 461 15.82 16.09 16.79
C THR B 461 16.43 17.33 16.11
N MET B 462 16.43 17.32 14.78
N MET B 462 16.45 17.34 14.78
CA MET B 462 16.80 18.47 13.95
CA MET B 462 16.92 18.52 14.03
C MET B 462 15.91 19.70 14.21
C MET B 462 15.92 19.68 14.16
N PHE B 463 16.33 20.85 13.68
CA PHE B 463 15.58 22.12 13.83
C PHE B 463 15.42 22.51 15.30
N GLY B 464 16.49 22.31 16.08
CA GLY B 464 16.53 22.79 17.47
C GLY B 464 15.80 21.98 18.52
N ARG B 465 15.53 20.70 18.22
CA ARG B 465 14.85 19.81 19.17
C ARG B 465 15.78 18.85 19.91
N SER B 466 17.07 19.16 19.99
CA SER B 466 18.03 18.31 20.71
C SER B 466 17.57 17.95 22.12
N LEU B 467 17.77 16.69 22.47
CA LEU B 467 17.53 16.22 23.85
C LEU B 467 18.79 16.22 24.71
N ASN B 468 19.88 16.80 24.20
CA ASN B 468 21.19 16.83 24.87
C ASN B 468 21.69 15.44 25.18
N ARG B 469 21.71 14.60 24.16
CA ARG B 469 22.33 13.30 24.27
C ARG B 469 23.81 13.45 24.64
N ASP B 470 24.23 12.69 25.64
CA ASP B 470 25.60 12.71 26.15
C ASP B 470 26.10 11.26 26.13
N ASN B 471 27.18 11.00 26.86
CA ASN B 471 27.84 9.69 26.88
C ASN B 471 27.27 8.69 27.86
N ARG B 472 26.31 9.08 28.69
CA ARG B 472 25.66 8.12 29.55
C ARG B 472 24.99 7.07 28.66
N THR B 473 25.19 5.80 28.99
CA THR B 473 24.67 4.70 28.22
C THR B 473 23.22 4.48 28.64
N ASP B 474 22.51 3.70 27.83
CA ASP B 474 21.11 3.36 28.11
C ASP B 474 20.98 2.70 29.52
N GLU B 475 21.97 1.89 29.87
CA GLU B 475 21.98 1.13 31.12
C GLU B 475 22.10 2.07 32.31
N GLN B 476 23.05 3.00 32.23
N GLN B 476 23.01 3.02 32.22
CA GLN B 476 23.19 4.06 33.22
CA GLN B 476 23.18 4.03 33.25
C GLN B 476 21.87 4.83 33.36
C GLN B 476 21.95 4.96 33.37
N LEU B 477 21.36 5.33 32.23
CA LEU B 477 20.09 6.09 32.24
C LEU B 477 18.94 5.32 32.90
N LEU B 478 18.83 4.03 32.58
CA LEU B 478 17.80 3.18 33.16
C LEU B 478 17.97 3.06 34.68
N ASN B 479 19.19 2.88 35.12
CA ASN B 479 19.48 2.63 36.53
C ASN B 479 19.14 3.84 37.41
N GLU B 480 19.56 5.02 36.99
CA GLU B 480 19.09 6.27 37.61
C GLU B 480 17.55 6.35 37.73
N ALA B 481 16.86 6.06 36.63
CA ALA B 481 15.41 6.14 36.60
C ALA B 481 14.73 5.15 37.55
N LEU B 482 15.24 3.92 37.64
CA LEU B 482 14.64 2.96 38.59
C LEU B 482 14.86 3.37 40.04
N THR B 483 16.01 3.96 40.34
CA THR B 483 16.27 4.57 41.67
C THR B 483 15.18 5.59 42.01
N VAL B 484 14.97 6.53 41.09
CA VAL B 484 13.93 7.55 41.25
C VAL B 484 12.53 6.93 41.32
N ALA B 485 12.27 6.00 40.41
CA ALA B 485 10.97 5.34 40.34
C ALA B 485 10.60 4.63 41.65
N ASN B 486 11.58 4.02 42.31
CA ASN B 486 11.30 3.31 43.58
C ASN B 486 11.14 4.23 44.80
N GLN B 487 11.44 5.52 44.64
CA GLN B 487 11.08 6.55 45.62
C GLN B 487 9.69 7.15 45.41
N SER B 488 8.98 6.72 44.37
CA SER B 488 7.75 7.40 43.96
C SER B 488 6.48 6.69 44.38
N ASP B 489 5.40 7.46 44.43
CA ASP B 489 4.06 6.93 44.62
C ASP B 489 3.38 6.67 43.28
N ILE B 490 3.78 7.41 42.24
CA ILE B 490 3.26 7.19 40.89
C ILE B 490 4.32 7.61 39.87
N ILE B 491 4.29 6.96 38.72
CA ILE B 491 5.24 7.18 37.65
C ILE B 491 4.47 7.67 36.44
N ILE B 492 4.89 8.80 35.93
CA ILE B 492 4.40 9.35 34.69
C ILE B 492 5.50 9.07 33.71
N ALA B 493 5.24 8.16 32.78
CA ALA B 493 6.20 7.85 31.76
C ALA B 493 5.94 8.74 30.55
N ALA B 494 6.83 9.70 30.31
CA ALA B 494 6.69 10.66 29.22
C ALA B 494 7.52 10.17 28.03
N LEU B 495 6.86 9.42 27.15
CA LEU B 495 7.52 8.69 26.07
C LEU B 495 6.84 8.89 24.75
N GLY B 496 7.59 8.60 23.68
CA GLY B 496 7.06 8.51 22.35
C GLY B 496 7.99 9.10 21.32
N GLU B 497 7.42 9.88 20.40
CA GLU B 497 8.20 10.52 19.35
C GLU B 497 8.76 11.83 19.86
N SER B 498 9.88 12.22 19.27
CA SER B 498 10.31 13.61 19.23
C SER B 498 9.43 14.29 18.18
N SER B 499 9.30 15.62 18.24
CA SER B 499 8.33 16.29 17.37
C SER B 499 8.73 16.21 15.90
N GLU B 500 10.02 16.15 15.62
CA GLU B 500 10.49 16.01 14.23
C GLU B 500 10.66 14.57 13.72
N MET B 501 10.12 13.58 14.46
CA MET B 501 9.91 12.25 13.89
C MET B 501 8.63 12.27 13.04
N SER B 502 7.88 13.39 13.10
CA SER B 502 6.79 13.67 12.15
C SER B 502 7.00 15.04 11.44
N GLY B 503 6.00 15.47 10.67
CA GLY B 503 6.18 16.62 9.77
C GLY B 503 6.75 16.16 8.44
N GLU B 504 7.36 17.08 7.70
CA GLU B 504 7.85 16.80 6.37
C GLU B 504 9.12 15.97 6.38
N SER B 505 9.22 15.06 5.41
CA SER B 505 10.39 14.18 5.23
C SER B 505 10.75 13.43 6.51
N SER B 506 9.70 12.93 7.15
CA SER B 506 9.78 12.28 8.46
C SER B 506 8.84 11.06 8.42
N SER B 507 9.13 10.18 7.47
CA SER B 507 8.41 8.94 7.25
C SER B 507 9.10 7.81 8.03
N ARG B 508 8.30 6.91 8.61
CA ARG B 508 8.82 5.80 9.42
C ARG B 508 8.31 4.48 8.87
N THR B 509 9.16 3.46 8.88
CA THR B 509 8.80 2.08 8.54
C THR B 509 8.37 1.23 9.74
N ASP B 510 8.85 1.62 10.92
N ASP B 510 8.82 1.56 10.94
CA ASP B 510 8.36 1.09 12.19
CA ASP B 510 8.23 0.94 12.14
C ASP B 510 7.58 2.15 12.92
C ASP B 510 7.67 2.03 13.06
N LEU B 511 6.46 1.78 13.55
CA LEU B 511 5.64 2.76 14.31
C LEU B 511 5.52 2.44 15.81
N ASN B 512 6.53 1.77 16.36
CA ASN B 512 6.60 1.51 17.80
C ASN B 512 7.09 2.74 18.55
N ILE B 513 6.74 2.80 19.83
CA ILE B 513 7.51 3.57 20.76
C ILE B 513 8.95 3.07 20.60
N PRO B 514 9.92 3.99 20.37
CA PRO B 514 11.28 3.54 20.12
C PRO B 514 11.89 2.57 21.14
N ASP B 515 12.77 1.70 20.62
CA ASP B 515 13.31 0.54 21.37
C ASP B 515 13.66 0.83 22.83
N VAL B 516 14.58 1.77 23.07
CA VAL B 516 15.09 2.01 24.44
C VAL B 516 14.02 2.55 25.39
N GLN B 517 13.10 3.36 24.84
CA GLN B 517 11.95 3.82 25.59
C GLN B 517 10.97 2.71 25.96
N GLN B 518 10.71 1.80 25.03
CA GLN B 518 9.83 0.68 25.32
C GLN B 518 10.45 -0.24 26.38
N ASN B 519 11.76 -0.35 26.38
CA ASN B 519 12.45 -1.12 27.39
C ASN B 519 12.41 -0.45 28.75
N LEU B 520 12.62 0.86 28.74
CA LEU B 520 12.42 1.68 29.94
C LEU B 520 11.02 1.48 30.52
N LEU B 521 10.00 1.48 29.65
CA LEU B 521 8.61 1.35 30.09
C LEU B 521 8.38 0.00 30.78
N LYS B 522 8.90 -1.05 30.16
CA LYS B 522 8.85 -2.41 30.71
C LYS B 522 9.43 -2.44 32.12
N GLU B 523 10.63 -1.88 32.24
CA GLU B 523 11.33 -1.84 33.50
C GLU B 523 10.62 -1.01 34.54
N LEU B 524 10.01 0.10 34.12
CA LEU B 524 9.22 0.89 35.06
C LEU B 524 8.01 0.09 35.54
N LEU B 525 7.36 -0.65 34.65
CA LEU B 525 6.22 -1.50 35.05
C LEU B 525 6.65 -2.59 36.06
N LYS B 526 7.88 -3.08 35.89
CA LYS B 526 8.42 -4.11 36.78
C LYS B 526 8.72 -3.65 38.21
N THR B 527 8.78 -2.33 38.46
CA THR B 527 8.95 -1.83 39.83
C THR B 527 7.73 -2.14 40.70
N GLY B 528 6.58 -2.41 40.07
CA GLY B 528 5.33 -2.58 40.78
C GLY B 528 4.58 -1.29 41.08
N LYS B 529 5.22 -0.12 40.86
CA LYS B 529 4.55 1.16 41.07
C LYS B 529 3.57 1.43 39.92
N PRO B 530 2.52 2.21 40.20
CA PRO B 530 1.58 2.57 39.14
C PRO B 530 2.22 3.42 38.05
N VAL B 531 1.92 3.09 36.79
CA VAL B 531 2.52 3.73 35.63
C VAL B 531 1.41 4.26 34.71
N VAL B 532 1.52 5.54 34.37
CA VAL B 532 0.67 6.20 33.38
C VAL B 532 1.58 6.52 32.21
N LEU B 533 1.19 6.04 31.03
CA LEU B 533 1.88 6.40 29.80
C LEU B 533 1.25 7.72 29.29
N VAL B 534 2.07 8.76 29.32
CA VAL B 534 1.74 10.02 28.67
C VAL B 534 2.48 9.96 27.37
N LEU B 535 1.72 9.78 26.29
CA LEU B 535 2.29 9.45 24.97
C LEU B 535 2.33 10.69 24.07
N PHE B 536 3.54 11.05 23.64
CA PHE B 536 3.73 12.12 22.68
C PHE B 536 3.91 11.51 21.31
N THR B 537 3.11 11.91 20.34
CA THR B 537 3.25 11.40 18.98
C THR B 537 2.65 12.34 17.93
N GLY B 538 3.15 12.21 16.70
CA GLY B 538 2.64 12.96 15.55
C GLY B 538 1.80 12.11 14.63
N ARG B 539 1.54 10.87 15.03
CA ARG B 539 0.97 9.89 14.16
C ARG B 539 0.44 8.73 14.97
N PRO B 540 -0.41 7.91 14.36
CA PRO B 540 -0.73 6.66 15.01
C PRO B 540 0.51 5.78 15.21
N LEU B 541 0.58 5.12 16.37
CA LEU B 541 1.64 4.17 16.68
C LEU B 541 1.08 2.77 16.93
N THR B 542 1.94 1.76 16.82
CA THR B 542 1.55 0.37 17.02
C THR B 542 1.77 0.00 18.48
N LEU B 543 0.67 -0.04 19.23
CA LEU B 543 0.66 -0.02 20.69
C LEU B 543 0.08 -1.27 21.34
N THR B 544 0.01 -2.40 20.64
CA THR B 544 -0.62 -3.59 21.25
C THR B 544 0.06 -4.00 22.57
N TRP B 545 1.39 -3.98 22.61
CA TRP B 545 2.09 -4.32 23.84
C TRP B 545 1.68 -3.41 25.01
N GLU B 546 1.61 -2.12 24.72
CA GLU B 546 1.27 -1.13 25.73
C GLU B 546 -0.17 -1.28 26.19
N GLN B 547 -1.08 -1.50 25.24
CA GLN B 547 -2.49 -1.73 25.58
C GLN B 547 -2.67 -2.96 26.49
N GLU B 548 -1.82 -3.97 26.33
CA GLU B 548 -1.83 -5.16 27.18
C GLU B 548 -1.30 -4.88 28.62
N HIS B 549 -0.16 -4.19 28.72
CA HIS B 549 0.59 -4.12 30.00
C HIS B 549 0.53 -2.82 30.81
N VAL B 550 0.15 -1.69 30.22
CA VAL B 550 0.15 -0.39 30.93
C VAL B 550 -1.27 -0.09 31.39
N PRO B 551 -1.48 0.26 32.66
CA PRO B 551 -2.88 0.48 33.07
C PRO B 551 -3.59 1.70 32.43
N ALA B 552 -2.85 2.79 32.25
CA ALA B 552 -3.40 4.05 31.73
C ALA B 552 -2.52 4.63 30.62
N ILE B 553 -3.16 5.07 29.54
CA ILE B 553 -2.48 5.59 28.36
C ILE B 553 -3.27 6.81 27.92
N LEU B 554 -2.60 7.96 27.93
CA LEU B 554 -3.15 9.23 27.49
C LEU B 554 -2.28 9.65 26.30
N ASN B 555 -2.91 9.71 25.13
CA ASN B 555 -2.28 10.23 23.95
C ASN B 555 -2.39 11.75 24.00
N VAL B 556 -1.25 12.41 24.16
CA VAL B 556 -1.21 13.87 24.22
C VAL B 556 -0.73 14.52 22.94
N TRP B 557 -0.54 13.71 21.90
CA TRP B 557 -0.04 14.20 20.61
C TRP B 557 1.17 15.13 20.83
N PHE B 558 1.11 16.35 20.30
CA PHE B 558 1.99 17.46 20.74
C PHE B 558 1.06 18.63 20.95
N GLY B 559 0.84 18.98 22.22
CA GLY B 559 -0.22 19.90 22.63
C GLY B 559 0.02 21.38 22.45
N GLY B 560 1.19 21.78 21.98
CA GLY B 560 1.49 23.19 21.77
C GLY B 560 2.43 23.75 22.81
N SER B 561 2.50 25.09 22.88
CA SER B 561 3.44 25.77 23.75
C SER B 561 3.03 25.58 25.20
N GLU B 562 1.74 25.34 25.45
CA GLU B 562 1.21 25.16 26.79
C GLU B 562 0.87 23.71 27.14
N ALA B 563 1.45 22.77 26.40
CA ALA B 563 1.19 21.32 26.57
C ALA B 563 1.37 20.84 28.00
N ALA B 564 2.49 21.21 28.62
CA ALA B 564 2.79 20.79 29.99
C ALA B 564 1.64 21.09 30.94
N TYR B 565 1.11 22.31 30.87
CA TYR B 565 -0.01 22.74 31.73
C TYR B 565 -1.27 21.93 31.46
N ALA B 566 -1.59 21.77 30.17
CA ALA B 566 -2.76 20.99 29.76
C ALA B 566 -2.66 19.51 30.19
N ILE B 567 -1.46 18.95 30.11
CA ILE B 567 -1.22 17.57 30.57
C ILE B 567 -1.54 17.45 32.06
N GLY B 568 -1.07 18.41 32.86
CA GLY B 568 -1.45 18.54 34.27
C GLY B 568 -2.95 18.62 34.50
N ASP B 569 -3.63 19.42 33.68
CA ASP B 569 -5.09 19.59 33.82
C ASP B 569 -5.79 18.25 33.63
N ALA B 570 -5.34 17.47 32.64
CA ALA B 570 -5.89 16.11 32.40
C ALA B 570 -5.56 15.16 33.54
N LEU B 571 -4.29 15.10 33.92
CA LEU B 571 -3.81 14.17 34.95
C LEU B 571 -4.46 14.39 36.30
N PHE B 572 -4.58 15.66 36.69
CA PHE B 572 -5.14 16.00 37.99
C PHE B 572 -6.66 16.10 38.00
N GLY B 573 -7.31 15.88 36.86
CA GLY B 573 -8.76 15.84 36.77
C GLY B 573 -9.45 17.19 36.59
N TYR B 574 -8.67 18.26 36.36
CA TYR B 574 -9.28 19.57 36.10
C TYR B 574 -10.01 19.56 34.75
N VAL B 575 -9.48 18.81 33.79
CA VAL B 575 -10.19 18.54 32.53
C VAL B 575 -10.44 17.04 32.43
N ASN B 576 -11.69 16.65 32.15
CA ASN B 576 -12.03 15.27 31.84
C ASN B 576 -11.74 15.04 30.35
N PRO B 577 -10.78 14.16 30.01
CA PRO B 577 -10.48 13.99 28.58
C PRO B 577 -11.71 13.63 27.75
N GLY B 578 -11.87 14.27 26.61
CA GLY B 578 -13.01 14.00 25.69
C GLY B 578 -12.60 13.78 24.24
N GLY B 579 -11.30 13.67 23.98
CA GLY B 579 -10.84 13.59 22.61
C GLY B 579 -11.19 12.25 21.99
N LYS B 580 -11.41 12.23 20.68
CA LYS B 580 -11.65 10.98 19.96
C LYS B 580 -10.72 10.95 18.76
N LEU B 581 -10.22 9.75 18.42
CA LEU B 581 -9.24 9.60 17.33
C LEU B 581 -9.85 9.92 15.98
N THR B 582 -9.08 10.63 15.16
CA THR B 582 -9.51 10.89 13.80
C THR B 582 -8.74 10.03 12.79
N MET B 583 -7.90 9.11 13.28
CA MET B 583 -7.12 8.23 12.42
C MET B 583 -6.92 6.87 13.13
N SER B 584 -7.16 5.79 12.38
CA SER B 584 -7.08 4.42 12.88
C SER B 584 -5.68 4.11 13.44
N PHE B 585 -5.61 3.50 14.62
CA PHE B 585 -4.33 2.98 15.17
C PHE B 585 -4.19 1.48 14.87
N PRO B 586 -3.30 1.11 13.94
CA PRO B 586 -3.23 -0.31 13.60
C PRO B 586 -2.44 -1.12 14.60
N LYS B 587 -2.65 -2.43 14.59
CA LYS B 587 -1.89 -3.35 15.44
C LYS B 587 -0.44 -3.50 14.95
N ASN B 588 -0.26 -3.60 13.63
CA ASN B 588 1.10 -3.60 13.06
C ASN B 588 1.15 -2.94 11.68
N VAL B 589 2.35 -2.64 11.24
CA VAL B 589 2.60 -2.02 9.95
C VAL B 589 2.13 -2.88 8.77
N GLY B 590 2.12 -4.20 8.96
CA GLY B 590 1.57 -5.11 7.95
C GLY B 590 0.09 -5.02 7.62
N GLN B 591 -0.69 -4.35 8.46
CA GLN B 591 -2.12 -4.10 8.18
C GLN B 591 -2.41 -2.83 7.35
N ILE B 592 -1.39 -2.00 7.13
CA ILE B 592 -1.55 -0.74 6.37
C ILE B 592 -1.91 -1.01 4.88
N PRO B 593 -2.92 -0.35 4.29
CA PRO B 593 -3.73 0.67 4.93
C PRO B 593 -4.94 0.09 5.60
N LEU B 594 -5.22 0.60 6.79
CA LEU B 594 -6.32 0.19 7.62
C LEU B 594 -7.14 1.44 7.89
N TYR B 595 -8.41 1.43 7.52
CA TYR B 595 -9.32 2.58 7.70
C TYR B 595 -10.75 2.09 7.85
N TYR B 596 -11.58 2.84 8.58
CA TYR B 596 -12.93 2.37 8.96
C TYR B 596 -13.88 2.32 7.75
N ALA B 597 -13.73 3.27 6.83
CA ALA B 597 -14.70 3.43 5.73
C ALA B 597 -14.27 2.59 4.51
N HIS B 598 -14.08 1.30 4.74
CA HIS B 598 -13.56 0.37 3.75
C HIS B 598 -14.71 -0.40 3.09
N LYS B 599 -14.45 -0.95 1.91
CA LYS B 599 -15.44 -1.77 1.21
C LYS B 599 -15.58 -3.13 1.91
N ASN B 600 -16.72 -3.77 1.73
CA ASN B 600 -16.97 -5.05 2.41
C ASN B 600 -16.15 -6.23 1.89
N THR B 601 -15.75 -6.18 0.62
CA THR B 601 -15.19 -7.33 -0.13
C THR B 601 -16.25 -8.41 -0.45
N GLY B 602 -15.88 -9.31 -1.36
CA GLY B 602 -16.68 -10.49 -1.69
C GLY B 602 -16.62 -11.57 -0.61
N ARG B 603 -15.69 -11.45 0.32
CA ARG B 603 -15.51 -12.49 1.34
C ARG B 603 -15.20 -11.91 2.72
N PRO B 604 -16.15 -11.16 3.30
CA PRO B 604 -15.88 -10.50 4.59
C PRO B 604 -15.73 -11.52 5.71
N LEU B 605 -14.73 -11.34 6.55
CA LEU B 605 -14.57 -12.16 7.74
C LEU B 605 -15.60 -11.68 8.74
N ALA B 606 -16.49 -12.55 9.20
CA ALA B 606 -17.48 -12.16 10.19
C ALA B 606 -16.82 -11.85 11.54
N GLN B 607 -17.51 -11.09 12.37
CA GLN B 607 -17.00 -10.68 13.67
C GLN B 607 -16.75 -11.93 14.53
N GLY B 608 -15.57 -11.97 15.16
CA GLY B 608 -15.18 -13.07 16.03
C GLY B 608 -14.73 -14.35 15.35
N LYS B 609 -14.76 -14.39 14.02
CA LYS B 609 -14.39 -15.58 13.27
C LYS B 609 -12.90 -15.70 12.94
N TRP B 610 -12.06 -14.74 13.33
CA TRP B 610 -10.63 -14.87 13.03
C TRP B 610 -10.09 -16.09 13.77
N PHE B 611 -9.34 -16.99 13.15
CA PHE B 611 -8.99 -17.03 11.73
C PHE B 611 -9.96 -17.94 10.97
N GLU B 612 -10.29 -17.61 9.72
CA GLU B 612 -11.09 -18.48 8.87
C GLU B 612 -10.49 -18.57 7.48
N LYS B 613 -10.12 -19.79 7.07
CA LYS B 613 -9.57 -20.02 5.74
C LYS B 613 -10.62 -19.68 4.69
N PHE B 614 -10.17 -19.04 3.62
CA PHE B 614 -11.02 -18.52 2.51
C PHE B 614 -11.95 -17.32 2.77
N ARG B 615 -11.70 -16.61 3.86
CA ARG B 615 -12.24 -15.26 4.07
C ARG B 615 -11.09 -14.25 3.92
N SER B 616 -11.45 -12.97 3.79
CA SER B 616 -10.45 -11.90 3.68
C SER B 616 -9.85 -11.63 5.04
N ASN B 617 -8.69 -12.23 5.29
CA ASN B 617 -8.02 -12.19 6.60
C ASN B 617 -6.59 -12.69 6.50
N TYR B 618 -5.76 -12.31 7.50
CA TYR B 618 -4.36 -12.70 7.56
C TYR B 618 -4.15 -13.93 8.45
N LEU B 619 -3.02 -14.60 8.25
CA LEU B 619 -2.67 -15.75 9.09
C LEU B 619 -2.30 -15.40 10.52
N ASP B 620 -1.76 -14.19 10.72
CA ASP B 620 -1.02 -13.84 11.94
C ASP B 620 -1.62 -12.73 12.79
N VAL B 621 -2.65 -12.04 12.31
CA VAL B 621 -3.36 -11.02 13.10
C VAL B 621 -4.77 -10.87 12.54
N ASP B 622 -5.73 -10.45 13.36
CA ASP B 622 -7.08 -10.19 12.85
C ASP B 622 -7.09 -8.88 12.02
N ASN B 623 -8.26 -8.48 11.52
CA ASN B 623 -8.36 -7.35 10.57
C ASN B 623 -8.49 -6.00 11.23
N GLU B 624 -8.55 -5.97 12.55
CA GLU B 624 -8.98 -4.78 13.27
C GLU B 624 -7.81 -3.90 13.63
N PRO B 625 -8.05 -2.57 13.68
CA PRO B 625 -7.09 -1.69 14.33
C PRO B 625 -7.09 -1.95 15.81
N LEU B 626 -6.02 -1.61 16.50
CA LEU B 626 -6.04 -1.63 17.96
C LEU B 626 -7.11 -0.67 18.51
N TYR B 627 -7.08 0.57 18.04
CA TYR B 627 -8.08 1.58 18.38
C TYR B 627 -8.67 2.09 17.07
N PRO B 628 -10.00 2.01 16.91
CA PRO B 628 -10.64 2.47 15.68
C PRO B 628 -10.86 4.00 15.60
N PHE B 629 -11.10 4.49 14.39
CA PHE B 629 -11.59 5.86 14.19
C PHE B 629 -12.72 6.21 15.15
N GLY B 630 -12.67 7.41 15.70
CA GLY B 630 -13.66 7.86 16.68
C GLY B 630 -13.53 7.38 18.11
N TYR B 631 -12.49 6.61 18.41
CA TYR B 631 -12.30 6.02 19.75
C TYR B 631 -11.71 7.04 20.71
N GLY B 632 -12.21 7.02 21.94
CA GLY B 632 -11.70 7.86 22.99
C GLY B 632 -12.47 7.63 24.26
N LEU B 633 -11.76 7.51 25.36
CA LEU B 633 -12.40 7.25 26.67
C LEU B 633 -12.54 8.57 27.43
N SER B 634 -13.25 8.49 28.55
CA SER B 634 -13.52 9.61 29.43
C SER B 634 -13.32 9.09 30.85
N TYR B 635 -13.22 9.98 31.84
CA TYR B 635 -13.31 9.57 33.25
C TYR B 635 -14.72 9.16 33.70
N THR B 636 -15.71 9.43 32.87
CA THR B 636 -17.06 8.92 33.08
C THR B 636 -17.38 7.90 31.99
N THR B 637 -18.62 7.42 32.03
CA THR B 637 -19.14 6.55 31.00
C THR B 637 -20.43 7.11 30.44
N PHE B 638 -20.68 6.79 29.18
CA PHE B 638 -21.88 7.20 28.46
C PHE B 638 -22.62 5.96 27.99
N SER B 639 -23.96 6.02 28.04
CA SER B 639 -24.81 4.90 27.59
C SER B 639 -25.81 5.42 26.57
N TYR B 640 -26.08 4.62 25.56
CA TYR B 640 -26.91 5.01 24.43
C TYR B 640 -28.18 4.18 24.41
N GLY B 641 -29.32 4.85 24.26
CA GLY B 641 -30.57 4.14 23.98
C GLY B 641 -30.61 3.69 22.54
N ASP B 642 -31.71 3.02 22.16
CA ASP B 642 -31.93 2.63 20.78
C ASP B 642 -32.22 3.85 19.92
N ILE B 643 -31.94 3.74 18.64
CA ILE B 643 -32.15 4.86 17.74
C ILE B 643 -33.60 4.93 17.33
N ASP B 644 -34.15 6.13 17.46
CA ASP B 644 -35.46 6.43 16.95
C ASP B 644 -35.33 7.14 15.62
N LEU B 645 -35.95 6.59 14.58
CA LEU B 645 -36.09 7.27 13.30
C LEU B 645 -37.53 7.75 13.15
N SER B 646 -37.70 9.00 12.75
CA SER B 646 -39.03 9.61 12.65
C SER B 646 -39.81 9.09 11.43
N ARG B 647 -39.08 8.65 10.41
CA ARG B 647 -39.64 8.05 9.23
C ARG B 647 -38.94 6.70 9.01
N SER B 648 -39.65 5.74 8.43
CA SER B 648 -39.07 4.50 7.90
C SER B 648 -38.76 4.60 6.41
N THR B 649 -39.45 5.50 5.71
CA THR B 649 -39.22 5.76 4.30
C THR B 649 -39.22 7.26 4.03
N ILE B 650 -38.38 7.69 3.09
CA ILE B 650 -38.45 9.04 2.52
C ILE B 650 -38.21 8.96 1.03
N ASP B 651 -38.64 9.99 0.32
CA ASP B 651 -38.36 10.09 -1.13
C ASP B 651 -37.28 11.14 -1.34
N MET B 652 -36.89 11.33 -2.61
CA MET B 652 -35.74 12.14 -2.98
C MET B 652 -35.82 13.60 -2.54
N THR B 653 -37.00 14.03 -2.10
CA THR B 653 -37.26 15.39 -1.61
C THR B 653 -37.58 15.49 -0.11
N GLY B 654 -37.57 14.36 0.59
CA GLY B 654 -37.99 14.32 1.99
C GLY B 654 -36.82 14.46 2.93
N GLU B 655 -37.11 14.30 4.21
CA GLU B 655 -36.11 14.27 5.24
C GLU B 655 -36.62 13.47 6.43
N LEU B 656 -35.69 13.11 7.32
CA LEU B 656 -36.06 12.45 8.57
C LEU B 656 -35.07 12.76 9.67
N THR B 657 -35.47 12.42 10.89
CA THR B 657 -34.68 12.68 12.08
C THR B 657 -34.30 11.38 12.79
N ALA B 658 -33.00 11.24 13.06
CA ALA B 658 -32.44 10.10 13.79
C ALA B 658 -32.07 10.57 15.17
N ALA B 659 -32.76 10.06 16.18
CA ALA B 659 -32.62 10.53 17.53
C ALA B 659 -32.13 9.39 18.40
N VAL B 660 -31.22 9.69 19.31
CA VAL B 660 -30.78 8.73 20.33
C VAL B 660 -30.60 9.47 21.65
N MET B 661 -31.01 8.85 22.74
CA MET B 661 -30.73 9.38 24.07
C MET B 661 -29.38 8.92 24.59
N VAL B 662 -28.58 9.88 25.07
CA VAL B 662 -27.26 9.62 25.65
C VAL B 662 -27.23 10.05 27.11
N THR B 663 -26.88 9.12 27.99
CA THR B 663 -26.91 9.31 29.43
C THR B 663 -25.51 9.17 30.03
N ASN B 664 -25.16 10.11 30.90
CA ASN B 664 -23.92 10.03 31.65
C ASN B 664 -24.16 9.08 32.83
N THR B 665 -23.61 7.87 32.69
CA THR B 665 -23.85 6.78 33.63
C THR B 665 -22.76 6.63 34.67
N GLY B 666 -21.71 7.45 34.61
CA GLY B 666 -20.61 7.39 35.57
C GLY B 666 -20.68 8.50 36.60
N THR B 667 -19.56 8.75 37.24
CA THR B 667 -19.50 9.67 38.39
C THR B 667 -18.87 11.03 38.09
N TRP B 668 -18.44 11.26 36.85
CA TRP B 668 -17.76 12.52 36.49
C TRP B 668 -18.57 13.33 35.48
N PRO B 669 -18.52 14.66 35.58
CA PRO B 669 -19.00 15.48 34.46
C PRO B 669 -18.04 15.32 33.27
N GLY B 670 -18.55 15.32 32.05
CA GLY B 670 -17.64 15.24 30.90
C GLY B 670 -18.32 15.31 29.56
N SER B 671 -17.52 15.39 28.52
CA SER B 671 -18.05 15.51 27.17
C SER B 671 -17.96 14.19 26.39
N GLU B 672 -18.90 14.04 25.45
CA GLU B 672 -18.99 12.89 24.56
C GLU B 672 -19.21 13.41 23.15
N VAL B 673 -18.46 12.87 22.21
CA VAL B 673 -18.68 13.11 20.79
C VAL B 673 -19.54 11.95 20.30
N VAL B 674 -20.83 12.26 20.11
CA VAL B 674 -21.82 11.36 19.54
C VAL B 674 -21.65 11.40 18.04
N GLN B 675 -21.38 10.24 17.42
CA GLN B 675 -20.98 10.15 16.02
C GLN B 675 -22.05 9.48 15.13
N LEU B 676 -22.40 10.14 14.04
CA LEU B 676 -23.40 9.62 13.08
C LEU B 676 -22.72 9.02 11.86
N TYR B 677 -22.96 7.72 11.62
CA TYR B 677 -22.49 7.03 10.43
C TYR B 677 -23.64 6.48 9.60
N ILE B 678 -23.39 6.33 8.31
CA ILE B 678 -24.39 5.86 7.35
C ILE B 678 -23.77 4.78 6.44
N ARG B 679 -24.51 3.68 6.30
CA ARG B 679 -24.17 2.66 5.33
C ARG B 679 -25.27 2.63 4.28
N ASP B 680 -24.86 2.88 3.04
CA ASP B 680 -25.65 2.62 1.84
C ASP B 680 -25.52 1.10 1.58
N LEU B 681 -26.59 0.35 1.84
CA LEU B 681 -26.47 -1.13 1.90
C LEU B 681 -26.11 -1.76 0.58
N VAL B 682 -26.76 -1.30 -0.48
CA VAL B 682 -26.56 -1.80 -1.84
C VAL B 682 -26.24 -0.62 -2.73
N GLY B 683 -25.30 -0.77 -3.64
CA GLY B 683 -24.98 0.30 -4.58
C GLY B 683 -24.71 -0.24 -5.96
N SER B 684 -24.75 0.65 -6.95
CA SER B 684 -24.43 0.27 -8.32
C SER B 684 -22.91 0.06 -8.46
N THR B 685 -22.16 0.67 -7.56
CA THR B 685 -20.75 0.32 -7.25
C THR B 685 -20.71 -0.07 -5.78
N THR B 686 -19.66 -0.77 -5.36
CA THR B 686 -19.53 -1.11 -3.94
C THR B 686 -19.36 0.15 -3.09
N ARG B 687 -20.01 0.13 -1.93
CA ARG B 687 -20.10 1.25 -1.02
C ARG B 687 -19.43 0.88 0.31
N PRO B 688 -18.82 1.85 1.01
CA PRO B 688 -18.15 1.51 2.28
C PRO B 688 -19.13 1.00 3.35
N VAL B 689 -18.58 0.28 4.33
CA VAL B 689 -19.37 -0.31 5.43
C VAL B 689 -19.97 0.74 6.34
N LYS B 690 -19.35 1.90 6.38
CA LYS B 690 -19.93 3.08 6.95
C LYS B 690 -19.16 4.32 6.53
N GLU B 691 -19.82 5.46 6.63
CA GLU B 691 -19.22 6.76 6.43
C GLU B 691 -19.74 7.70 7.50
N LEU B 692 -18.83 8.44 8.11
CA LEU B 692 -19.18 9.52 9.02
C LEU B 692 -19.98 10.55 8.24
N LYS B 693 -21.15 10.91 8.74
CA LYS B 693 -21.98 11.92 8.09
C LYS B 693 -22.47 13.01 9.03
N GLY B 694 -22.11 12.94 10.30
CA GLY B 694 -22.42 13.99 11.26
C GLY B 694 -21.86 13.68 12.62
N PHE B 695 -21.88 14.68 13.48
CA PHE B 695 -21.46 14.50 14.86
C PHE B 695 -21.92 15.63 15.74
N GLN B 696 -22.06 15.35 17.02
CA GLN B 696 -22.31 16.39 17.99
C GLN B 696 -21.53 16.11 19.24
N LYS B 697 -20.90 17.16 19.77
CA LYS B 697 -20.18 17.08 21.02
C LYS B 697 -21.06 17.63 22.13
N ILE B 698 -21.44 16.75 23.05
CA ILE B 698 -22.35 17.10 24.15
C ILE B 698 -21.56 17.09 25.46
N PHE B 699 -22.05 17.82 26.45
CA PHE B 699 -21.47 17.82 27.78
C PHE B 699 -22.61 17.48 28.75
N LEU B 700 -22.35 16.54 29.65
CA LEU B 700 -23.35 16.00 30.56
C LEU B 700 -22.79 15.88 31.97
N GLU B 701 -23.64 16.22 32.94
CA GLU B 701 -23.31 16.03 34.36
C GLU B 701 -23.61 14.57 34.66
N PRO B 702 -23.05 14.03 35.77
CA PRO B 702 -23.40 12.66 36.15
C PRO B 702 -24.92 12.47 36.24
N GLY B 703 -25.44 11.37 35.69
CA GLY B 703 -26.86 11.04 35.76
C GLY B 703 -27.76 11.74 34.75
N GLN B 704 -27.27 12.83 34.15
CA GLN B 704 -28.03 13.63 33.19
C GLN B 704 -28.05 12.98 31.80
N SER B 705 -29.16 13.17 31.08
CA SER B 705 -29.36 12.64 29.72
C SER B 705 -29.61 13.77 28.74
N GLU B 706 -29.32 13.51 27.47
CA GLU B 706 -29.67 14.43 26.39
C GLU B 706 -30.06 13.58 25.19
N ILE B 707 -31.12 14.00 24.49
CA ILE B 707 -31.56 13.36 23.26
C ILE B 707 -30.80 14.07 22.16
N VAL B 708 -29.99 13.33 21.41
CA VAL B 708 -29.22 13.87 20.28
C VAL B 708 -29.93 13.55 18.97
N ARG B 709 -30.17 14.59 18.17
CA ARG B 709 -30.95 14.46 16.94
C ARG B 709 -30.14 14.85 15.74
N PHE B 710 -30.15 14.00 14.72
CA PHE B 710 -29.53 14.31 13.43
C PHE B 710 -30.60 14.35 12.33
N LYS B 711 -30.52 15.36 11.47
CA LYS B 711 -31.32 15.43 10.26
C LYS B 711 -30.68 14.56 9.22
N ILE B 712 -31.47 13.79 8.51
CA ILE B 712 -30.95 13.00 7.43
C ILE B 712 -31.76 13.35 6.19
N ALA B 713 -31.06 13.70 5.12
CA ALA B 713 -31.72 14.04 3.87
C ALA B 713 -30.91 13.53 2.70
N PRO B 714 -31.57 13.33 1.55
CA PRO B 714 -30.93 12.80 0.35
C PRO B 714 -29.63 13.46 -0.08
N GLU B 715 -29.48 14.76 0.22
CA GLU B 715 -28.23 15.49 0.00
C GLU B 715 -27.03 14.78 0.64
N MET B 716 -27.22 14.33 1.87
CA MET B 716 -26.17 13.62 2.62
C MET B 716 -25.86 12.20 2.12
N LEU B 717 -26.78 11.61 1.35
CA LEU B 717 -26.72 10.22 0.91
C LEU B 717 -26.10 10.06 -0.46
N ARG B 718 -25.67 11.18 -1.06
CA ARG B 718 -25.07 11.16 -2.38
C ARG B 718 -23.64 10.64 -2.39
N TYR B 719 -23.24 10.07 -3.52
CA TYR B 719 -21.85 9.71 -3.74
C TYR B 719 -21.54 9.70 -5.24
N TYR B 720 -20.25 9.64 -5.59
CA TYR B 720 -19.82 9.64 -6.97
C TYR B 720 -19.89 8.20 -7.51
N ASN B 721 -20.86 7.96 -8.39
CA ASN B 721 -21.04 6.65 -9.00
C ASN B 721 -19.93 6.32 -10.02
N TYR B 722 -20.11 5.20 -10.74
CA TYR B 722 -19.14 4.73 -11.72
C TYR B 722 -18.78 5.77 -12.77
N ASP B 723 -19.76 6.57 -13.18
CA ASP B 723 -19.54 7.62 -14.17
C ASP B 723 -19.21 8.98 -13.56
N LEU B 724 -18.84 8.98 -12.28
CA LEU B 724 -18.53 10.21 -11.53
C LEU B 724 -19.66 11.23 -11.41
N GLN B 725 -20.90 10.75 -11.49
N GLN B 725 -20.91 10.76 -11.52
CA GLN B 725 -22.09 11.54 -11.27
CA GLN B 725 -22.09 11.57 -11.29
C GLN B 725 -22.36 11.55 -9.78
C GLN B 725 -22.36 11.55 -9.79
N LEU B 726 -22.53 12.73 -9.18
CA LEU B 726 -22.77 12.83 -7.72
C LEU B 726 -24.24 12.61 -7.42
N VAL B 727 -24.58 11.39 -6.99
CA VAL B 727 -25.98 10.94 -6.98
C VAL B 727 -26.33 10.10 -5.75
N ALA B 728 -27.56 10.27 -5.27
CA ALA B 728 -28.13 9.40 -4.25
C ALA B 728 -29.04 8.39 -4.94
N GLU B 729 -28.80 7.10 -4.76
CA GLU B 729 -29.61 6.07 -5.41
C GLU B 729 -30.68 5.60 -4.46
N PRO B 730 -31.88 5.27 -4.98
CA PRO B 730 -32.89 4.65 -4.13
C PRO B 730 -32.41 3.33 -3.59
N GLY B 731 -32.89 2.98 -2.39
CA GLY B 731 -32.51 1.74 -1.73
C GLY B 731 -32.46 1.98 -0.26
N GLU B 732 -31.95 0.99 0.46
CA GLU B 732 -31.98 1.01 1.90
C GLU B 732 -30.69 1.54 2.51
N PHE B 733 -30.83 2.24 3.63
CA PHE B 733 -29.70 2.78 4.38
C PHE B 733 -29.73 2.32 5.82
N GLU B 734 -28.55 2.11 6.41
CA GLU B 734 -28.39 1.82 7.83
C GLU B 734 -27.77 3.05 8.50
N VAL B 735 -28.48 3.59 9.48
CA VAL B 735 -28.03 4.73 10.25
C VAL B 735 -27.43 4.18 11.52
N MET B 736 -26.20 4.61 11.83
CA MET B 736 -25.49 4.13 13.01
C MET B 736 -25.04 5.30 13.88
N ILE B 737 -25.33 5.26 15.17
CA ILE B 737 -24.90 6.33 16.08
C ILE B 737 -24.20 5.70 17.25
N GLY B 738 -23.01 6.22 17.58
CA GLY B 738 -22.31 5.78 18.76
C GLY B 738 -21.08 6.55 19.16
N THR B 739 -20.42 6.00 20.17
CA THR B 739 -19.26 6.55 20.83
C THR B 739 -17.93 6.42 20.08
N ASN B 740 -17.91 5.57 19.06
CA ASN B 740 -16.82 5.47 18.10
C ASN B 740 -17.33 4.78 16.82
N SER B 741 -16.46 4.56 15.83
CA SER B 741 -16.87 3.91 14.58
C SER B 741 -17.16 2.40 14.70
N ARG B 742 -16.79 1.78 15.83
CA ARG B 742 -17.00 0.36 16.06
C ARG B 742 -18.26 0.03 16.88
N ASP B 743 -18.49 0.79 17.95
CA ASP B 743 -19.52 0.51 18.95
C ASP B 743 -20.70 1.47 18.75
N VAL B 744 -21.74 0.99 18.07
CA VAL B 744 -22.81 1.85 17.56
C VAL B 744 -24.17 1.20 17.79
N LYS B 745 -25.19 2.03 17.93
CA LYS B 745 -26.58 1.57 17.81
C LYS B 745 -26.99 1.73 16.35
N SER B 746 -27.99 0.98 15.94
CA SER B 746 -28.32 0.85 14.54
C SER B 746 -29.82 0.88 14.23
N ALA B 747 -30.18 1.40 13.05
CA ALA B 747 -31.53 1.31 12.49
C ALA B 747 -31.49 1.58 10.99
N ARG B 748 -32.56 1.22 10.29
CA ARG B 748 -32.59 1.34 8.83
C ARG B 748 -33.78 2.12 8.29
N PHE B 749 -33.59 2.72 7.11
CA PHE B 749 -34.70 3.33 6.40
C PHE B 749 -34.46 3.15 4.92
N THR B 750 -35.50 3.47 4.14
CA THR B 750 -35.52 3.30 2.69
C THR B 750 -35.68 4.67 1.98
N LEU B 751 -34.93 4.87 0.90
CA LEU B 751 -35.04 6.03 0.01
C LEU B 751 -35.78 5.59 -1.27
N LYS B 752 -36.85 6.30 -1.64
CA LYS B 752 -37.70 5.92 -2.80
C LYS B 752 -37.47 6.76 -4.07
C2 BGC C . -11.26 -21.99 -4.11
C3 BGC C . -11.59 -21.00 -2.98
C4 BGC C . -12.79 -21.55 -2.18
C5 BGC C . -12.55 -23.00 -1.76
C6 BGC C . -13.72 -23.54 -0.96
C1 BGC C . -11.15 -23.45 -3.61
O1 BGC C . -11.00 -24.31 -4.73
O2 BGC C . -10.09 -21.63 -4.87
O3 BGC C . -11.82 -19.68 -3.52
O4 BGC C . -12.96 -20.78 -1.00
O5 BGC C . -12.35 -23.80 -2.92
O6 BGC C . -13.44 -24.89 -0.60
C2 BGC C . -9.05 -20.40 -6.65
C3 BGC C . -8.84 -20.46 -8.15
C4 BGC C . -9.15 -21.87 -8.63
C5 BGC C . -10.61 -22.12 -8.34
C6 BGC C . -11.16 -23.43 -8.92
C1 BGC C . -10.36 -21.07 -6.16
O2 BGC C . -9.08 -19.03 -6.32
O3 BGC C . -7.55 -20.01 -8.53
O4 BGC C . -8.95 -21.90 -10.01
O5 BGC C . -10.79 -22.18 -6.94
O6 BGC C . -10.52 -24.55 -8.30
C2 BGC D . 9.69 23.13 2.41
C3 BGC D . 10.46 21.89 1.95
C4 BGC D . 11.83 22.38 1.51
C5 BGC D . 12.48 23.20 2.63
C6 BGC D . 13.81 23.79 2.22
C1 BGC D . 10.42 23.97 3.48
O1 BGC D . 9.70 25.15 3.66
O2 BGC D . 8.35 22.80 2.85
O3 BGC D . 9.72 21.29 0.87
O4 BGC D . 12.64 21.25 1.13
O5 BGC D . 11.72 24.34 3.02
O6 BGC D . 14.50 24.12 3.41
C2 BGC D . 6.07 22.65 2.66
C3 BGC D . 4.79 23.43 2.47
C4 BGC D . 5.03 24.86 2.93
C5 BGC D . 6.06 25.49 1.99
C6 BGC D . 6.36 26.98 2.25
C1 BGC D . 7.29 23.33 2.06
O2 BGC D . 5.94 21.34 2.10
O3 BGC D . 3.76 22.79 3.22
O4 BGC D . 3.81 25.58 2.94
O5 BGC D . 7.29 24.77 2.13
O6 BGC D . 7.00 27.22 3.51
MG MG E . 11.08 10.22 -23.66
C1 GLC F . 5.53 -39.14 7.30
C2 GLC F . 5.06 -37.77 6.76
C3 GLC F . 6.23 -36.95 6.18
C4 GLC F . 7.45 -36.93 7.12
C5 GLC F . 7.77 -38.32 7.67
C6 GLC F . 8.95 -38.35 8.67
O1 GLC F . 5.90 -40.09 6.29
O2 GLC F . 4.02 -37.93 5.77
O3 GLC F . 5.81 -35.62 5.78
O4 GLC F . 8.62 -36.52 6.38
O5 GLC F . 6.60 -38.91 8.26
O6 GLC F . 8.62 -37.64 9.88
C1 PEG G . -1.60 -46.56 -27.65
O1 PEG G . -2.54 -45.49 -27.80
C2 PEG G . -0.23 -46.11 -28.15
O2 PEG G . 0.18 -44.94 -27.46
C3 PEG G . 1.11 -44.15 -28.21
C4 PEG G . 1.40 -42.86 -27.45
O4 PEG G . 2.32 -43.08 -26.37
O1 PG4 H . -28.79 -36.74 -35.24
C1 PG4 H . -29.33 -35.43 -35.47
C2 PG4 H . -28.47 -34.62 -36.45
O2 PG4 H . -27.86 -33.54 -35.75
C3 PG4 H . -27.50 -32.38 -36.53
C4 PG4 H . -26.25 -31.72 -35.92
O3 PG4 H . -26.54 -31.05 -34.68
C5 PG4 H . -25.71 -31.39 -33.54
C6 PG4 H . -26.65 -31.94 -32.50
O4 PG4 H . -26.08 -32.85 -31.56
C7 PG4 H . -27.01 -33.34 -30.59
C8 PG4 H . -27.84 -34.51 -31.11
O5 PG4 H . -29.26 -34.33 -30.91
MG MG I . -28.14 2.04 -2.19
#